data_1CYX
# 
_entry.id   1CYX 
# 
_audit_conform.dict_name       mmcif_pdbx.dic 
_audit_conform.dict_version    5.385 
_audit_conform.dict_location   http://mmcif.pdb.org/dictionaries/ascii/mmcif_pdbx.dic 
# 
loop_
_database_2.database_id 
_database_2.database_code 
_database_2.pdbx_database_accession 
_database_2.pdbx_DOI 
PDB   1CYX         pdb_00001cyx 10.2210/pdb1cyx/pdb 
WWPDB D_1000172611 ?            ?                   
# 
loop_
_pdbx_audit_revision_history.ordinal 
_pdbx_audit_revision_history.data_content_type 
_pdbx_audit_revision_history.major_revision 
_pdbx_audit_revision_history.minor_revision 
_pdbx_audit_revision_history.revision_date 
1 'Structure model' 1 0 1996-03-08 
2 'Structure model' 1 1 2008-03-24 
3 'Structure model' 1 2 2011-07-13 
4 'Structure model' 1 3 2021-11-03 
5 'Structure model' 1 4 2024-02-07 
# 
_pdbx_audit_revision_details.ordinal             1 
_pdbx_audit_revision_details.revision_ordinal    1 
_pdbx_audit_revision_details.data_content_type   'Structure model' 
_pdbx_audit_revision_details.provider            repository 
_pdbx_audit_revision_details.type                'Initial release' 
_pdbx_audit_revision_details.description         ? 
_pdbx_audit_revision_details.details             ? 
# 
loop_
_pdbx_audit_revision_group.ordinal 
_pdbx_audit_revision_group.revision_ordinal 
_pdbx_audit_revision_group.data_content_type 
_pdbx_audit_revision_group.group 
1 2 'Structure model' 'Version format compliance' 
2 3 'Structure model' 'Version format compliance' 
3 4 'Structure model' 'Database references'       
4 4 'Structure model' 'Derived calculations'      
5 4 'Structure model' Other                       
6 5 'Structure model' 'Data collection'           
# 
loop_
_pdbx_audit_revision_category.ordinal 
_pdbx_audit_revision_category.revision_ordinal 
_pdbx_audit_revision_category.data_content_type 
_pdbx_audit_revision_category.category 
1 4 'Structure model' database_2             
2 4 'Structure model' pdbx_database_status   
3 4 'Structure model' pdbx_struct_conn_angle 
4 4 'Structure model' struct_conn            
5 4 'Structure model' struct_ref_seq_dif     
6 4 'Structure model' struct_site            
7 5 'Structure model' chem_comp_atom         
8 5 'Structure model' chem_comp_bond         
# 
loop_
_pdbx_audit_revision_item.ordinal 
_pdbx_audit_revision_item.revision_ordinal 
_pdbx_audit_revision_item.data_content_type 
_pdbx_audit_revision_item.item 
1  4 'Structure model' '_database_2.pdbx_DOI'                        
2  4 'Structure model' '_database_2.pdbx_database_accession'         
3  4 'Structure model' '_pdbx_database_status.process_site'          
4  4 'Structure model' '_pdbx_struct_conn_angle.ptnr1_auth_comp_id'  
5  4 'Structure model' '_pdbx_struct_conn_angle.ptnr1_auth_seq_id'   
6  4 'Structure model' '_pdbx_struct_conn_angle.ptnr1_label_asym_id' 
7  4 'Structure model' '_pdbx_struct_conn_angle.ptnr1_label_atom_id' 
8  4 'Structure model' '_pdbx_struct_conn_angle.ptnr1_label_comp_id' 
9  4 'Structure model' '_pdbx_struct_conn_angle.ptnr1_label_seq_id'  
10 4 'Structure model' '_pdbx_struct_conn_angle.ptnr2_label_atom_id' 
11 4 'Structure model' '_pdbx_struct_conn_angle.ptnr3_auth_comp_id'  
12 4 'Structure model' '_pdbx_struct_conn_angle.ptnr3_auth_seq_id'   
13 4 'Structure model' '_pdbx_struct_conn_angle.ptnr3_label_asym_id' 
14 4 'Structure model' '_pdbx_struct_conn_angle.ptnr3_label_atom_id' 
15 4 'Structure model' '_pdbx_struct_conn_angle.ptnr3_label_comp_id' 
16 4 'Structure model' '_pdbx_struct_conn_angle.ptnr3_label_seq_id'  
17 4 'Structure model' '_pdbx_struct_conn_angle.value'               
18 4 'Structure model' '_struct_conn.pdbx_dist_value'                
19 4 'Structure model' '_struct_conn.ptnr1_auth_comp_id'             
20 4 'Structure model' '_struct_conn.ptnr1_auth_seq_id'              
21 4 'Structure model' '_struct_conn.ptnr1_label_asym_id'            
22 4 'Structure model' '_struct_conn.ptnr1_label_atom_id'            
23 4 'Structure model' '_struct_conn.ptnr1_label_comp_id'            
24 4 'Structure model' '_struct_conn.ptnr1_label_seq_id'             
25 4 'Structure model' '_struct_conn.ptnr2_auth_comp_id'             
26 4 'Structure model' '_struct_conn.ptnr2_auth_seq_id'              
27 4 'Structure model' '_struct_conn.ptnr2_label_asym_id'            
28 4 'Structure model' '_struct_conn.ptnr2_label_atom_id'            
29 4 'Structure model' '_struct_conn.ptnr2_label_comp_id'            
30 4 'Structure model' '_struct_conn.ptnr2_label_seq_id'             
31 4 'Structure model' '_struct_ref_seq_dif.details'                 
32 4 'Structure model' '_struct_site.pdbx_auth_asym_id'              
33 4 'Structure model' '_struct_site.pdbx_auth_comp_id'              
34 4 'Structure model' '_struct_site.pdbx_auth_seq_id'               
# 
_pdbx_database_status.status_code                     REL 
_pdbx_database_status.entry_id                        1CYX 
_pdbx_database_status.recvd_initial_deposition_date   1995-08-22 
_pdbx_database_status.deposit_site                    ? 
_pdbx_database_status.process_site                    BNL 
_pdbx_database_status.SG_entry                        . 
_pdbx_database_status.pdb_format_compatible           Y 
_pdbx_database_status.status_code_mr                  ? 
_pdbx_database_status.status_code_sf                  ? 
_pdbx_database_status.status_code_cs                  ? 
_pdbx_database_status.status_code_nmr_data            ? 
_pdbx_database_status.methods_development_category    ? 
# 
loop_
_audit_author.name 
_audit_author.pdbx_ordinal 
'Wilmanns, M.'       1 
'Lappalainen, P.'    2 
'Kelly, M.'          3 
'Sauer-Eriksson, E.' 4 
'Saraste, M.'        5 
# 
loop_
_citation.id 
_citation.title 
_citation.journal_abbrev 
_citation.journal_volume 
_citation.page_first 
_citation.page_last 
_citation.year 
_citation.journal_id_ASTM 
_citation.country 
_citation.journal_id_ISSN 
_citation.journal_id_CSD 
_citation.book_publisher 
_citation.pdbx_database_id_PubMed 
_citation.pdbx_database_id_DOI 
primary 
;Crystal structure of the membrane-exposed domain from a respiratory quinol oxidase complex with an engineered dinuclear copper center.
;
Proc.Natl.Acad.Sci.USA 92  11955 11959 1995 PNASA6 US 0027-8424 0040 ? 8618822 10.1073/pnas.92.26.11955 
1       
;Crystallization and Preliminary X-Ray Analysis of the Periplasmic Fragment of Cyoa-A Subunit of the Escherichia Coli Cytochrome O Complex
;
J.Mol.Biol.            229 794   ?     1993 JMOBAK UK 0022-2836 0070 ? ?       ?                        
2       'Two Cysteines, Two Histidines and One Methionine are Ligands of a Binuclear Purple Copper Center' J.Biol.Chem.           
268 16781 ?     1993 JBCHA3 US 0021-9258 0071 ? ?       ?                        
3       
;Restoration of a Lost Metal-Binding Site: Construction of Two Different Copper Sites Into a Subunit of the E. Coli Cytochrome O Quinol Oxidase Complex
;
'Embo J.'              11  3209  ?     1992 EMJODG UK 0261-4189 0897 ? ?       ?                        
# 
loop_
_citation_author.citation_id 
_citation_author.name 
_citation_author.ordinal 
_citation_author.identifier_ORCID 
primary 'Wilmanns, M.'       1  ? 
primary 'Lappalainen, P.'    2  ? 
primary 'Kelly, M.'          3  ? 
primary 'Sauer-Eriksson, E.' 4  ? 
primary 'Saraste, M.'        5  ? 
1       'Van Der Oost, J.'   6  ? 
1       'Musacchio, A.'      7  ? 
1       'Pauptit, R.A.'      8  ? 
1       'Ceska, T.A.'        9  ? 
1       'Wierenga, R.K.'     10 ? 
1       'Saraste, M.'        11 ? 
2       'Kelly, M.'          12 ? 
2       'Lappalainen, P.'    13 ? 
2       'Talbo, G.'          14 ? 
2       'Haltia, T.'         15 ? 
2       'Van Der Oost, J.'   16 ? 
2       'Saraste, M.'        17 ? 
3       'Van Der Oost, J.'   18 ? 
3       'Lappalainen, P.'    19 ? 
3       'Musacchio, A.'      20 ? 
3       'Warne, A.'          21 ? 
3       'Lemieux, L.'        22 ? 
3       'Rumbley, J.'        23 ? 
3       'Gennis, R.B.'       24 ? 
3       'Aasa, R.'           25 ? 
3       'Pascher, T.'        26 ? 
3       'Malmstrom, B.M.'    27 ? 
3       'Saraste, M.'        28 ? 
# 
loop_
_entity.id 
_entity.type 
_entity.src_method 
_entity.pdbx_description 
_entity.formula_weight 
_entity.pdbx_number_of_molecules 
_entity.pdbx_ec 
_entity.pdbx_mutation 
_entity.pdbx_fragment 
_entity.details 
1 polymer     man CYOA                   22742.748 1   1.10.3.- 'N172H, S207C, S209E, Y210I, S211C, F215H' 
'PERIPLASMIC FRAGMENT (RESIDUES 111 - 315)' ? 
2 non-polymer syn 'DINUCLEAR COPPER ION' 127.092   1   ?        ?                                          ? ? 
3 water       nat water                  18.015    168 ?        ?                                          ? ? 
# 
_entity_poly.entity_id                      1 
_entity_poly.type                           'polypeptide(L)' 
_entity_poly.nstd_linkage                   no 
_entity_poly.nstd_monomer                   no 
_entity_poly.pdbx_seq_one_letter_code       
;THALEPSKPLAHDEKPITIEVVSMDWKWFFIYPEQGIATVNEIAFPANTPVYFKVTSNSVMHSFFIPRLGSQIYAMAGMQ
TRLHLIANEPGTYDGICAEICGPGHSGMKFKAIATPDRAAFDQWVAKAKQSPNTMSDMAAFEKLAAPSEYNQVEYFSNVK
PDLFADVINKFMAHGKSMDMTQPEGEHSAHEGMEGMDMSHAESAH
;
_entity_poly.pdbx_seq_one_letter_code_can   
;THALEPSKPLAHDEKPITIEVVSMDWKWFFIYPEQGIATVNEIAFPANTPVYFKVTSNSVMHSFFIPRLGSQIYAMAGMQ
TRLHLIANEPGTYDGICAEICGPGHSGMKFKAIATPDRAAFDQWVAKAKQSPNTMSDMAAFEKLAAPSEYNQVEYFSNVK
PDLFADVINKFMAHGKSMDMTQPEGEHSAHEGMEGMDMSHAESAH
;
_entity_poly.pdbx_strand_id                 A 
_entity_poly.pdbx_target_identifier         ? 
# 
loop_
_pdbx_entity_nonpoly.entity_id 
_pdbx_entity_nonpoly.name 
_pdbx_entity_nonpoly.comp_id 
2 'DINUCLEAR COPPER ION' CUA 
3 water                  HOH 
# 
loop_
_entity_poly_seq.entity_id 
_entity_poly_seq.num 
_entity_poly_seq.mon_id 
_entity_poly_seq.hetero 
1 1   THR n 
1 2   HIS n 
1 3   ALA n 
1 4   LEU n 
1 5   GLU n 
1 6   PRO n 
1 7   SER n 
1 8   LYS n 
1 9   PRO n 
1 10  LEU n 
1 11  ALA n 
1 12  HIS n 
1 13  ASP n 
1 14  GLU n 
1 15  LYS n 
1 16  PRO n 
1 17  ILE n 
1 18  THR n 
1 19  ILE n 
1 20  GLU n 
1 21  VAL n 
1 22  VAL n 
1 23  SER n 
1 24  MET n 
1 25  ASP n 
1 26  TRP n 
1 27  LYS n 
1 28  TRP n 
1 29  PHE n 
1 30  PHE n 
1 31  ILE n 
1 32  TYR n 
1 33  PRO n 
1 34  GLU n 
1 35  GLN n 
1 36  GLY n 
1 37  ILE n 
1 38  ALA n 
1 39  THR n 
1 40  VAL n 
1 41  ASN n 
1 42  GLU n 
1 43  ILE n 
1 44  ALA n 
1 45  PHE n 
1 46  PRO n 
1 47  ALA n 
1 48  ASN n 
1 49  THR n 
1 50  PRO n 
1 51  VAL n 
1 52  TYR n 
1 53  PHE n 
1 54  LYS n 
1 55  VAL n 
1 56  THR n 
1 57  SER n 
1 58  ASN n 
1 59  SER n 
1 60  VAL n 
1 61  MET n 
1 62  HIS n 
1 63  SER n 
1 64  PHE n 
1 65  PHE n 
1 66  ILE n 
1 67  PRO n 
1 68  ARG n 
1 69  LEU n 
1 70  GLY n 
1 71  SER n 
1 72  GLN n 
1 73  ILE n 
1 74  TYR n 
1 75  ALA n 
1 76  MET n 
1 77  ALA n 
1 78  GLY n 
1 79  MET n 
1 80  GLN n 
1 81  THR n 
1 82  ARG n 
1 83  LEU n 
1 84  HIS n 
1 85  LEU n 
1 86  ILE n 
1 87  ALA n 
1 88  ASN n 
1 89  GLU n 
1 90  PRO n 
1 91  GLY n 
1 92  THR n 
1 93  TYR n 
1 94  ASP n 
1 95  GLY n 
1 96  ILE n 
1 97  CYS n 
1 98  ALA n 
1 99  GLU n 
1 100 ILE n 
1 101 CYS n 
1 102 GLY n 
1 103 PRO n 
1 104 GLY n 
1 105 HIS n 
1 106 SER n 
1 107 GLY n 
1 108 MET n 
1 109 LYS n 
1 110 PHE n 
1 111 LYS n 
1 112 ALA n 
1 113 ILE n 
1 114 ALA n 
1 115 THR n 
1 116 PRO n 
1 117 ASP n 
1 118 ARG n 
1 119 ALA n 
1 120 ALA n 
1 121 PHE n 
1 122 ASP n 
1 123 GLN n 
1 124 TRP n 
1 125 VAL n 
1 126 ALA n 
1 127 LYS n 
1 128 ALA n 
1 129 LYS n 
1 130 GLN n 
1 131 SER n 
1 132 PRO n 
1 133 ASN n 
1 134 THR n 
1 135 MET n 
1 136 SER n 
1 137 ASP n 
1 138 MET n 
1 139 ALA n 
1 140 ALA n 
1 141 PHE n 
1 142 GLU n 
1 143 LYS n 
1 144 LEU n 
1 145 ALA n 
1 146 ALA n 
1 147 PRO n 
1 148 SER n 
1 149 GLU n 
1 150 TYR n 
1 151 ASN n 
1 152 GLN n 
1 153 VAL n 
1 154 GLU n 
1 155 TYR n 
1 156 PHE n 
1 157 SER n 
1 158 ASN n 
1 159 VAL n 
1 160 LYS n 
1 161 PRO n 
1 162 ASP n 
1 163 LEU n 
1 164 PHE n 
1 165 ALA n 
1 166 ASP n 
1 167 VAL n 
1 168 ILE n 
1 169 ASN n 
1 170 LYS n 
1 171 PHE n 
1 172 MET n 
1 173 ALA n 
1 174 HIS n 
1 175 GLY n 
1 176 LYS n 
1 177 SER n 
1 178 MET n 
1 179 ASP n 
1 180 MET n 
1 181 THR n 
1 182 GLN n 
1 183 PRO n 
1 184 GLU n 
1 185 GLY n 
1 186 GLU n 
1 187 HIS n 
1 188 SER n 
1 189 ALA n 
1 190 HIS n 
1 191 GLU n 
1 192 GLY n 
1 193 MET n 
1 194 GLU n 
1 195 GLY n 
1 196 MET n 
1 197 ASP n 
1 198 MET n 
1 199 SER n 
1 200 HIS n 
1 201 ALA n 
1 202 GLU n 
1 203 SER n 
1 204 ALA n 
1 205 HIS n 
# 
_entity_src_gen.entity_id                          1 
_entity_src_gen.pdbx_src_id                        1 
_entity_src_gen.pdbx_alt_source_flag               sample 
_entity_src_gen.pdbx_seq_type                      ? 
_entity_src_gen.pdbx_beg_seq_num                   ? 
_entity_src_gen.pdbx_end_seq_num                   ? 
_entity_src_gen.gene_src_common_name               ? 
_entity_src_gen.gene_src_genus                     Escherichia 
_entity_src_gen.pdbx_gene_src_gene                 ? 
_entity_src_gen.gene_src_species                   ? 
_entity_src_gen.gene_src_strain                    ? 
_entity_src_gen.gene_src_tissue                    ? 
_entity_src_gen.gene_src_tissue_fraction           ? 
_entity_src_gen.gene_src_details                   ? 
_entity_src_gen.pdbx_gene_src_fragment             ? 
_entity_src_gen.pdbx_gene_src_scientific_name      'Escherichia coli' 
_entity_src_gen.pdbx_gene_src_ncbi_taxonomy_id     562 
_entity_src_gen.pdbx_gene_src_variant              ? 
_entity_src_gen.pdbx_gene_src_cell_line            ? 
_entity_src_gen.pdbx_gene_src_atcc                 ? 
_entity_src_gen.pdbx_gene_src_organ                ? 
_entity_src_gen.pdbx_gene_src_organelle            ? 
_entity_src_gen.pdbx_gene_src_cell                 ? 
_entity_src_gen.pdbx_gene_src_cellular_location    ? 
_entity_src_gen.host_org_common_name               ? 
_entity_src_gen.pdbx_host_org_scientific_name      'Escherichia coli' 
_entity_src_gen.pdbx_host_org_ncbi_taxonomy_id     562 
_entity_src_gen.host_org_genus                     Escherichia 
_entity_src_gen.pdbx_host_org_gene                 ? 
_entity_src_gen.pdbx_host_org_organ                ? 
_entity_src_gen.host_org_species                   ? 
_entity_src_gen.pdbx_host_org_tissue               ? 
_entity_src_gen.pdbx_host_org_tissue_fraction      ? 
_entity_src_gen.pdbx_host_org_strain               ? 
_entity_src_gen.pdbx_host_org_variant              ? 
_entity_src_gen.pdbx_host_org_cell_line            ? 
_entity_src_gen.pdbx_host_org_atcc                 ? 
_entity_src_gen.pdbx_host_org_culture_collection   ? 
_entity_src_gen.pdbx_host_org_cell                 ? 
_entity_src_gen.pdbx_host_org_organelle            ? 
_entity_src_gen.pdbx_host_org_cellular_location    ? 
_entity_src_gen.pdbx_host_org_vector_type          ? 
_entity_src_gen.pdbx_host_org_vector               ? 
_entity_src_gen.host_org_details                   ? 
_entity_src_gen.expression_system_id               ? 
_entity_src_gen.plasmid_name                       PET.E6 
_entity_src_gen.plasmid_details                    ? 
_entity_src_gen.pdbx_description                   ? 
# 
loop_
_chem_comp.id 
_chem_comp.type 
_chem_comp.mon_nstd_flag 
_chem_comp.name 
_chem_comp.pdbx_synonyms 
_chem_comp.formula 
_chem_comp.formula_weight 
ALA 'L-peptide linking' y ALANINE                ? 'C3 H7 N O2'     89.093  
ARG 'L-peptide linking' y ARGININE               ? 'C6 H15 N4 O2 1' 175.209 
ASN 'L-peptide linking' y ASPARAGINE             ? 'C4 H8 N2 O3'    132.118 
ASP 'L-peptide linking' y 'ASPARTIC ACID'        ? 'C4 H7 N O4'     133.103 
CUA non-polymer         . 'DINUCLEAR COPPER ION' ? Cu2              127.092 
CYS 'L-peptide linking' y CYSTEINE               ? 'C3 H7 N O2 S'   121.158 
GLN 'L-peptide linking' y GLUTAMINE              ? 'C5 H10 N2 O3'   146.144 
GLU 'L-peptide linking' y 'GLUTAMIC ACID'        ? 'C5 H9 N O4'     147.129 
GLY 'peptide linking'   y GLYCINE                ? 'C2 H5 N O2'     75.067  
HIS 'L-peptide linking' y HISTIDINE              ? 'C6 H10 N3 O2 1' 156.162 
HOH non-polymer         . WATER                  ? 'H2 O'           18.015  
ILE 'L-peptide linking' y ISOLEUCINE             ? 'C6 H13 N O2'    131.173 
LEU 'L-peptide linking' y LEUCINE                ? 'C6 H13 N O2'    131.173 
LYS 'L-peptide linking' y LYSINE                 ? 'C6 H15 N2 O2 1' 147.195 
MET 'L-peptide linking' y METHIONINE             ? 'C5 H11 N O2 S'  149.211 
PHE 'L-peptide linking' y PHENYLALANINE          ? 'C9 H11 N O2'    165.189 
PRO 'L-peptide linking' y PROLINE                ? 'C5 H9 N O2'     115.130 
SER 'L-peptide linking' y SERINE                 ? 'C3 H7 N O3'     105.093 
THR 'L-peptide linking' y THREONINE              ? 'C4 H9 N O3'     119.119 
TRP 'L-peptide linking' y TRYPTOPHAN             ? 'C11 H12 N2 O2'  204.225 
TYR 'L-peptide linking' y TYROSINE               ? 'C9 H11 N O3'    181.189 
VAL 'L-peptide linking' y VALINE                 ? 'C5 H11 N O2'    117.146 
# 
loop_
_pdbx_poly_seq_scheme.asym_id 
_pdbx_poly_seq_scheme.entity_id 
_pdbx_poly_seq_scheme.seq_id 
_pdbx_poly_seq_scheme.mon_id 
_pdbx_poly_seq_scheme.ndb_seq_num 
_pdbx_poly_seq_scheme.pdb_seq_num 
_pdbx_poly_seq_scheme.auth_seq_num 
_pdbx_poly_seq_scheme.pdb_mon_id 
_pdbx_poly_seq_scheme.auth_mon_id 
_pdbx_poly_seq_scheme.pdb_strand_id 
_pdbx_poly_seq_scheme.pdb_ins_code 
_pdbx_poly_seq_scheme.hetero 
A 1 1   THR 1   111 ?   ?   ?   A . n 
A 1 2   HIS 2   112 ?   ?   ?   A . n 
A 1 3   ALA 3   113 ?   ?   ?   A . n 
A 1 4   LEU 4   114 ?   ?   ?   A . n 
A 1 5   GLU 5   115 ?   ?   ?   A . n 
A 1 6   PRO 6   116 ?   ?   ?   A . n 
A 1 7   SER 7   117 ?   ?   ?   A . n 
A 1 8   LYS 8   118 ?   ?   ?   A . n 
A 1 9   PRO 9   119 ?   ?   ?   A . n 
A 1 10  LEU 10  120 ?   ?   ?   A . n 
A 1 11  ALA 11  121 ?   ?   ?   A . n 
A 1 12  HIS 12  122 ?   ?   ?   A . n 
A 1 13  ASP 13  123 ?   ?   ?   A . n 
A 1 14  GLU 14  124 ?   ?   ?   A . n 
A 1 15  LYS 15  125 125 LYS LYS A . n 
A 1 16  PRO 16  126 126 PRO PRO A . n 
A 1 17  ILE 17  127 127 ILE ILE A . n 
A 1 18  THR 18  128 128 THR THR A . n 
A 1 19  ILE 19  129 129 ILE ILE A . n 
A 1 20  GLU 20  130 130 GLU GLU A . n 
A 1 21  VAL 21  131 131 VAL VAL A . n 
A 1 22  VAL 22  132 132 VAL VAL A . n 
A 1 23  SER 23  133 133 SER SER A . n 
A 1 24  MET 24  134 134 MET MET A . n 
A 1 25  ASP 25  135 135 ASP ASP A . n 
A 1 26  TRP 26  136 136 TRP TRP A . n 
A 1 27  LYS 27  137 137 LYS LYS A . n 
A 1 28  TRP 28  138 138 TRP TRP A . n 
A 1 29  PHE 29  139 139 PHE PHE A . n 
A 1 30  PHE 30  140 140 PHE PHE A . n 
A 1 31  ILE 31  141 141 ILE ILE A . n 
A 1 32  TYR 32  142 142 TYR TYR A . n 
A 1 33  PRO 33  143 143 PRO PRO A . n 
A 1 34  GLU 34  144 144 GLU GLU A . n 
A 1 35  GLN 35  145 145 GLN GLN A . n 
A 1 36  GLY 36  146 146 GLY GLY A . n 
A 1 37  ILE 37  147 147 ILE ILE A . n 
A 1 38  ALA 38  148 148 ALA ALA A . n 
A 1 39  THR 39  149 149 THR THR A . n 
A 1 40  VAL 40  150 150 VAL VAL A . n 
A 1 41  ASN 41  151 151 ASN ASN A . n 
A 1 42  GLU 42  152 152 GLU GLU A . n 
A 1 43  ILE 43  153 153 ILE ILE A . n 
A 1 44  ALA 44  154 154 ALA ALA A . n 
A 1 45  PHE 45  155 155 PHE PHE A . n 
A 1 46  PRO 46  156 156 PRO PRO A . n 
A 1 47  ALA 47  157 157 ALA ALA A . n 
A 1 48  ASN 48  158 158 ASN ASN A . n 
A 1 49  THR 49  159 159 THR THR A . n 
A 1 50  PRO 50  160 160 PRO PRO A . n 
A 1 51  VAL 51  161 161 VAL VAL A . n 
A 1 52  TYR 52  162 162 TYR TYR A . n 
A 1 53  PHE 53  163 163 PHE PHE A . n 
A 1 54  LYS 54  164 164 LYS LYS A . n 
A 1 55  VAL 55  165 165 VAL VAL A . n 
A 1 56  THR 56  166 166 THR THR A . n 
A 1 57  SER 57  167 167 SER SER A . n 
A 1 58  ASN 58  168 168 ASN ASN A . n 
A 1 59  SER 59  169 169 SER SER A . n 
A 1 60  VAL 60  170 170 VAL VAL A . n 
A 1 61  MET 61  171 171 MET MET A . n 
A 1 62  HIS 62  172 172 HIS HIS A . n 
A 1 63  SER 63  173 173 SER SER A . n 
A 1 64  PHE 64  174 174 PHE PHE A . n 
A 1 65  PHE 65  175 175 PHE PHE A . n 
A 1 66  ILE 66  176 176 ILE ILE A . n 
A 1 67  PRO 67  177 177 PRO PRO A . n 
A 1 68  ARG 68  178 178 ARG ARG A . n 
A 1 69  LEU 69  179 179 LEU LEU A . n 
A 1 70  GLY 70  180 180 GLY GLY A . n 
A 1 71  SER 71  181 181 SER SER A . n 
A 1 72  GLN 72  182 182 GLN GLN A . n 
A 1 73  ILE 73  183 183 ILE ILE A . n 
A 1 74  TYR 74  184 184 TYR TYR A . n 
A 1 75  ALA 75  185 185 ALA ALA A . n 
A 1 76  MET 76  186 186 MET MET A . n 
A 1 77  ALA 77  187 187 ALA ALA A . n 
A 1 78  GLY 78  188 188 GLY GLY A . n 
A 1 79  MET 79  189 189 MET MET A . n 
A 1 80  GLN 80  190 190 GLN GLN A . n 
A 1 81  THR 81  191 191 THR THR A . n 
A 1 82  ARG 82  192 192 ARG ARG A . n 
A 1 83  LEU 83  193 193 LEU LEU A . n 
A 1 84  HIS 84  194 194 HIS HIS A . n 
A 1 85  LEU 85  195 195 LEU LEU A . n 
A 1 86  ILE 86  196 196 ILE ILE A . n 
A 1 87  ALA 87  197 197 ALA ALA A . n 
A 1 88  ASN 88  198 198 ASN ASN A . n 
A 1 89  GLU 89  199 199 GLU GLU A . n 
A 1 90  PRO 90  200 200 PRO PRO A . n 
A 1 91  GLY 91  201 201 GLY GLY A . n 
A 1 92  THR 92  202 202 THR THR A . n 
A 1 93  TYR 93  203 203 TYR TYR A . n 
A 1 94  ASP 94  204 204 ASP ASP A . n 
A 1 95  GLY 95  205 205 GLY GLY A . n 
A 1 96  ILE 96  206 206 ILE ILE A . n 
A 1 97  CYS 97  207 207 CYS CYS A . n 
A 1 98  ALA 98  208 208 ALA ALA A . n 
A 1 99  GLU 99  209 209 GLU GLU A . n 
A 1 100 ILE 100 210 210 ILE ILE A . n 
A 1 101 CYS 101 211 211 CYS CYS A . n 
A 1 102 GLY 102 212 212 GLY GLY A . n 
A 1 103 PRO 103 213 213 PRO PRO A . n 
A 1 104 GLY 104 214 214 GLY GLY A . n 
A 1 105 HIS 105 215 215 HIS HIS A . n 
A 1 106 SER 106 216 216 SER SER A . n 
A 1 107 GLY 107 217 217 GLY GLY A . n 
A 1 108 MET 108 218 218 MET MET A . n 
A 1 109 LYS 109 219 219 LYS LYS A . n 
A 1 110 PHE 110 220 220 PHE PHE A . n 
A 1 111 LYS 111 221 221 LYS LYS A . n 
A 1 112 ALA 112 222 222 ALA ALA A . n 
A 1 113 ILE 113 223 223 ILE ILE A . n 
A 1 114 ALA 114 224 224 ALA ALA A . n 
A 1 115 THR 115 225 225 THR THR A . n 
A 1 116 PRO 116 226 226 PRO PRO A . n 
A 1 117 ASP 117 227 227 ASP ASP A . n 
A 1 118 ARG 118 228 228 ARG ARG A . n 
A 1 119 ALA 119 229 229 ALA ALA A . n 
A 1 120 ALA 120 230 230 ALA ALA A . n 
A 1 121 PHE 121 231 231 PHE PHE A . n 
A 1 122 ASP 122 232 232 ASP ASP A . n 
A 1 123 GLN 123 233 233 GLN GLN A . n 
A 1 124 TRP 124 234 234 TRP TRP A . n 
A 1 125 VAL 125 235 235 VAL VAL A . n 
A 1 126 ALA 126 236 236 ALA ALA A . n 
A 1 127 LYS 127 237 237 LYS LYS A . n 
A 1 128 ALA 128 238 238 ALA ALA A . n 
A 1 129 LYS 129 239 239 LYS LYS A . n 
A 1 130 GLN 130 240 240 GLN GLN A . n 
A 1 131 SER 131 241 241 SER SER A . n 
A 1 132 PRO 132 242 242 PRO PRO A . n 
A 1 133 ASN 133 243 243 ASN ASN A . n 
A 1 134 THR 134 244 244 THR THR A . n 
A 1 135 MET 135 245 245 MET MET A . n 
A 1 136 SER 136 246 246 SER SER A . n 
A 1 137 ASP 137 247 247 ASP ASP A . n 
A 1 138 MET 138 248 248 MET MET A . n 
A 1 139 ALA 139 249 249 ALA ALA A . n 
A 1 140 ALA 140 250 250 ALA ALA A . n 
A 1 141 PHE 141 251 251 PHE PHE A . n 
A 1 142 GLU 142 252 252 GLU GLU A . n 
A 1 143 LYS 143 253 253 LYS LYS A . n 
A 1 144 LEU 144 254 254 LEU LEU A . n 
A 1 145 ALA 145 255 255 ALA ALA A . n 
A 1 146 ALA 146 256 256 ALA ALA A . n 
A 1 147 PRO 147 257 257 PRO PRO A . n 
A 1 148 SER 148 258 258 SER SER A . n 
A 1 149 GLU 149 259 259 GLU GLU A . n 
A 1 150 TYR 150 260 260 TYR TYR A . n 
A 1 151 ASN 151 261 261 ASN ASN A . n 
A 1 152 GLN 152 262 262 GLN GLN A . n 
A 1 153 VAL 153 263 263 VAL VAL A . n 
A 1 154 GLU 154 264 264 GLU GLU A . n 
A 1 155 TYR 155 265 265 TYR TYR A . n 
A 1 156 PHE 156 266 266 PHE PHE A . n 
A 1 157 SER 157 267 267 SER SER A . n 
A 1 158 ASN 158 268 268 ASN ASN A . n 
A 1 159 VAL 159 269 269 VAL VAL A . n 
A 1 160 LYS 160 270 270 LYS LYS A . n 
A 1 161 PRO 161 271 271 PRO PRO A . n 
A 1 162 ASP 162 272 272 ASP ASP A . n 
A 1 163 LEU 163 273 273 LEU LEU A . n 
A 1 164 PHE 164 274 274 PHE PHE A . n 
A 1 165 ALA 165 275 275 ALA ALA A . n 
A 1 166 ASP 166 276 276 ASP ASP A . n 
A 1 167 VAL 167 277 277 VAL VAL A . n 
A 1 168 ILE 168 278 278 ILE ILE A . n 
A 1 169 ASN 169 279 279 ASN ASN A . n 
A 1 170 LYS 170 280 280 LYS LYS A . n 
A 1 171 PHE 171 281 281 PHE PHE A . n 
A 1 172 MET 172 282 282 MET MET A . n 
A 1 173 ALA 173 283 ?   ?   ?   A . n 
A 1 174 HIS 174 284 ?   ?   ?   A . n 
A 1 175 GLY 175 285 ?   ?   ?   A . n 
A 1 176 LYS 176 286 ?   ?   ?   A . n 
A 1 177 SER 177 287 ?   ?   ?   A . n 
A 1 178 MET 178 288 ?   ?   ?   A . n 
A 1 179 ASP 179 289 ?   ?   ?   A . n 
A 1 180 MET 180 290 ?   ?   ?   A . n 
A 1 181 THR 181 291 ?   ?   ?   A . n 
A 1 182 GLN 182 292 ?   ?   ?   A . n 
A 1 183 PRO 183 293 ?   ?   ?   A . n 
A 1 184 GLU 184 294 ?   ?   ?   A . n 
A 1 185 GLY 185 295 ?   ?   ?   A . n 
A 1 186 GLU 186 296 ?   ?   ?   A . n 
A 1 187 HIS 187 297 ?   ?   ?   A . n 
A 1 188 SER 188 298 ?   ?   ?   A . n 
A 1 189 ALA 189 299 ?   ?   ?   A . n 
A 1 190 HIS 190 300 ?   ?   ?   A . n 
A 1 191 GLU 191 301 ?   ?   ?   A . n 
A 1 192 GLY 192 302 ?   ?   ?   A . n 
A 1 193 MET 193 303 ?   ?   ?   A . n 
A 1 194 GLU 194 304 ?   ?   ?   A . n 
A 1 195 GLY 195 305 ?   ?   ?   A . n 
A 1 196 MET 196 306 ?   ?   ?   A . n 
A 1 197 ASP 197 307 ?   ?   ?   A . n 
A 1 198 MET 198 308 ?   ?   ?   A . n 
A 1 199 SER 199 309 ?   ?   ?   A . n 
A 1 200 HIS 200 310 ?   ?   ?   A . n 
A 1 201 ALA 201 311 ?   ?   ?   A . n 
A 1 202 GLU 202 312 ?   ?   ?   A . n 
A 1 203 SER 203 313 ?   ?   ?   A . n 
A 1 204 ALA 204 314 ?   ?   ?   A . n 
A 1 205 HIS 205 315 ?   ?   ?   A . n 
# 
loop_
_pdbx_nonpoly_scheme.asym_id 
_pdbx_nonpoly_scheme.entity_id 
_pdbx_nonpoly_scheme.mon_id 
_pdbx_nonpoly_scheme.ndb_seq_num 
_pdbx_nonpoly_scheme.pdb_seq_num 
_pdbx_nonpoly_scheme.auth_seq_num 
_pdbx_nonpoly_scheme.pdb_mon_id 
_pdbx_nonpoly_scheme.auth_mon_id 
_pdbx_nonpoly_scheme.pdb_strand_id 
_pdbx_nonpoly_scheme.pdb_ins_code 
B 2 CUA 1   316 201 CUA CUA A . 
C 3 HOH 1   317 1   HOH HOH A . 
C 3 HOH 2   318 2   HOH HOH A . 
C 3 HOH 3   319 3   HOH HOH A . 
C 3 HOH 4   320 4   HOH HOH A . 
C 3 HOH 5   321 5   HOH HOH A . 
C 3 HOH 6   322 6   HOH HOH A . 
C 3 HOH 7   323 7   HOH HOH A . 
C 3 HOH 8   324 8   HOH HOH A . 
C 3 HOH 9   325 9   HOH HOH A . 
C 3 HOH 10  326 10  HOH HOH A . 
C 3 HOH 11  327 11  HOH HOH A . 
C 3 HOH 12  328 12  HOH HOH A . 
C 3 HOH 13  329 13  HOH HOH A . 
C 3 HOH 14  330 14  HOH HOH A . 
C 3 HOH 15  331 15  HOH HOH A . 
C 3 HOH 16  332 16  HOH HOH A . 
C 3 HOH 17  333 17  HOH HOH A . 
C 3 HOH 18  334 18  HOH HOH A . 
C 3 HOH 19  335 19  HOH HOH A . 
C 3 HOH 20  336 20  HOH HOH A . 
C 3 HOH 21  337 21  HOH HOH A . 
C 3 HOH 22  338 22  HOH HOH A . 
C 3 HOH 23  339 23  HOH HOH A . 
C 3 HOH 24  340 24  HOH HOH A . 
C 3 HOH 25  341 25  HOH HOH A . 
C 3 HOH 26  342 26  HOH HOH A . 
C 3 HOH 27  343 27  HOH HOH A . 
C 3 HOH 28  344 28  HOH HOH A . 
C 3 HOH 29  345 29  HOH HOH A . 
C 3 HOH 30  346 30  HOH HOH A . 
C 3 HOH 31  347 31  HOH HOH A . 
C 3 HOH 32  348 32  HOH HOH A . 
C 3 HOH 33  349 33  HOH HOH A . 
C 3 HOH 34  350 34  HOH HOH A . 
C 3 HOH 35  351 35  HOH HOH A . 
C 3 HOH 36  352 36  HOH HOH A . 
C 3 HOH 37  353 37  HOH HOH A . 
C 3 HOH 38  354 38  HOH HOH A . 
C 3 HOH 39  355 39  HOH HOH A . 
C 3 HOH 40  356 40  HOH HOH A . 
C 3 HOH 41  357 41  HOH HOH A . 
C 3 HOH 42  358 42  HOH HOH A . 
C 3 HOH 43  359 43  HOH HOH A . 
C 3 HOH 44  360 44  HOH HOH A . 
C 3 HOH 45  361 45  HOH HOH A . 
C 3 HOH 46  362 46  HOH HOH A . 
C 3 HOH 47  363 47  HOH HOH A . 
C 3 HOH 48  364 48  HOH HOH A . 
C 3 HOH 49  365 49  HOH HOH A . 
C 3 HOH 50  366 50  HOH HOH A . 
C 3 HOH 51  367 51  HOH HOH A . 
C 3 HOH 52  368 52  HOH HOH A . 
C 3 HOH 53  369 53  HOH HOH A . 
C 3 HOH 54  370 54  HOH HOH A . 
C 3 HOH 55  371 55  HOH HOH A . 
C 3 HOH 56  372 56  HOH HOH A . 
C 3 HOH 57  373 57  HOH HOH A . 
C 3 HOH 58  374 58  HOH HOH A . 
C 3 HOH 59  375 59  HOH HOH A . 
C 3 HOH 60  376 60  HOH HOH A . 
C 3 HOH 61  377 61  HOH HOH A . 
C 3 HOH 62  378 62  HOH HOH A . 
C 3 HOH 63  379 63  HOH HOH A . 
C 3 HOH 64  380 64  HOH HOH A . 
C 3 HOH 65  381 65  HOH HOH A . 
C 3 HOH 66  382 66  HOH HOH A . 
C 3 HOH 67  383 67  HOH HOH A . 
C 3 HOH 68  384 68  HOH HOH A . 
C 3 HOH 69  385 69  HOH HOH A . 
C 3 HOH 70  386 70  HOH HOH A . 
C 3 HOH 71  387 71  HOH HOH A . 
C 3 HOH 72  388 72  HOH HOH A . 
C 3 HOH 73  389 73  HOH HOH A . 
C 3 HOH 74  390 74  HOH HOH A . 
C 3 HOH 75  391 75  HOH HOH A . 
C 3 HOH 76  392 76  HOH HOH A . 
C 3 HOH 77  393 77  HOH HOH A . 
C 3 HOH 78  394 78  HOH HOH A . 
C 3 HOH 79  395 79  HOH HOH A . 
C 3 HOH 80  396 80  HOH HOH A . 
C 3 HOH 81  397 81  HOH HOH A . 
C 3 HOH 82  398 82  HOH HOH A . 
C 3 HOH 83  399 83  HOH HOH A . 
C 3 HOH 84  400 84  HOH HOH A . 
C 3 HOH 85  401 85  HOH HOH A . 
C 3 HOH 86  402 86  HOH HOH A . 
C 3 HOH 87  403 87  HOH HOH A . 
C 3 HOH 88  404 88  HOH HOH A . 
C 3 HOH 89  405 89  HOH HOH A . 
C 3 HOH 90  406 90  HOH HOH A . 
C 3 HOH 91  407 91  HOH HOH A . 
C 3 HOH 92  408 92  HOH HOH A . 
C 3 HOH 93  409 93  HOH HOH A . 
C 3 HOH 94  410 94  HOH HOH A . 
C 3 HOH 95  411 95  HOH HOH A . 
C 3 HOH 96  412 96  HOH HOH A . 
C 3 HOH 97  413 97  HOH HOH A . 
C 3 HOH 98  414 98  HOH HOH A . 
C 3 HOH 99  415 99  HOH HOH A . 
C 3 HOH 100 416 100 HOH HOH A . 
C 3 HOH 101 417 101 HOH HOH A . 
C 3 HOH 102 418 102 HOH HOH A . 
C 3 HOH 103 419 103 HOH HOH A . 
C 3 HOH 104 420 104 HOH HOH A . 
C 3 HOH 105 421 105 HOH HOH A . 
C 3 HOH 106 422 106 HOH HOH A . 
C 3 HOH 107 423 107 HOH HOH A . 
C 3 HOH 108 424 108 HOH HOH A . 
C 3 HOH 109 425 109 HOH HOH A . 
C 3 HOH 110 426 110 HOH HOH A . 
C 3 HOH 111 427 111 HOH HOH A . 
C 3 HOH 112 428 112 HOH HOH A . 
C 3 HOH 113 429 113 HOH HOH A . 
C 3 HOH 114 430 114 HOH HOH A . 
C 3 HOH 115 431 115 HOH HOH A . 
C 3 HOH 116 432 116 HOH HOH A . 
C 3 HOH 117 433 117 HOH HOH A . 
C 3 HOH 118 434 118 HOH HOH A . 
C 3 HOH 119 435 119 HOH HOH A . 
C 3 HOH 120 436 120 HOH HOH A . 
C 3 HOH 121 437 121 HOH HOH A . 
C 3 HOH 122 438 122 HOH HOH A . 
C 3 HOH 123 439 123 HOH HOH A . 
C 3 HOH 124 440 124 HOH HOH A . 
C 3 HOH 125 441 125 HOH HOH A . 
C 3 HOH 126 442 126 HOH HOH A . 
C 3 HOH 127 443 127 HOH HOH A . 
C 3 HOH 128 444 128 HOH HOH A . 
C 3 HOH 129 445 129 HOH HOH A . 
C 3 HOH 130 446 130 HOH HOH A . 
C 3 HOH 131 447 131 HOH HOH A . 
C 3 HOH 132 448 132 HOH HOH A . 
C 3 HOH 133 449 133 HOH HOH A . 
C 3 HOH 134 450 134 HOH HOH A . 
C 3 HOH 135 451 135 HOH HOH A . 
C 3 HOH 136 452 136 HOH HOH A . 
C 3 HOH 137 453 137 HOH HOH A . 
C 3 HOH 138 454 138 HOH HOH A . 
C 3 HOH 139 455 139 HOH HOH A . 
C 3 HOH 140 456 140 HOH HOH A . 
C 3 HOH 141 457 141 HOH HOH A . 
C 3 HOH 142 458 142 HOH HOH A . 
C 3 HOH 143 459 143 HOH HOH A . 
C 3 HOH 144 460 144 HOH HOH A . 
C 3 HOH 145 461 145 HOH HOH A . 
C 3 HOH 146 462 146 HOH HOH A . 
C 3 HOH 147 463 147 HOH HOH A . 
C 3 HOH 148 464 148 HOH HOH A . 
C 3 HOH 149 465 149 HOH HOH A . 
C 3 HOH 150 466 150 HOH HOH A . 
C 3 HOH 151 467 151 HOH HOH A . 
C 3 HOH 152 468 152 HOH HOH A . 
C 3 HOH 153 469 153 HOH HOH A . 
C 3 HOH 154 470 154 HOH HOH A . 
C 3 HOH 155 471 155 HOH HOH A . 
C 3 HOH 156 472 156 HOH HOH A . 
C 3 HOH 157 473 157 HOH HOH A . 
C 3 HOH 158 474 158 HOH HOH A . 
C 3 HOH 159 475 159 HOH HOH A . 
C 3 HOH 160 476 160 HOH HOH A . 
C 3 HOH 161 477 161 HOH HOH A . 
C 3 HOH 162 478 162 HOH HOH A . 
C 3 HOH 163 479 163 HOH HOH A . 
C 3 HOH 164 480 164 HOH HOH A . 
C 3 HOH 165 481 165 HOH HOH A . 
C 3 HOH 166 482 166 HOH HOH A . 
C 3 HOH 167 483 167 HOH HOH A . 
C 3 HOH 168 484 168 HOH HOH A . 
# 
loop_
_pdbx_unobs_or_zero_occ_atoms.id 
_pdbx_unobs_or_zero_occ_atoms.PDB_model_num 
_pdbx_unobs_or_zero_occ_atoms.polymer_flag 
_pdbx_unobs_or_zero_occ_atoms.occupancy_flag 
_pdbx_unobs_or_zero_occ_atoms.auth_asym_id 
_pdbx_unobs_or_zero_occ_atoms.auth_comp_id 
_pdbx_unobs_or_zero_occ_atoms.auth_seq_id 
_pdbx_unobs_or_zero_occ_atoms.PDB_ins_code 
_pdbx_unobs_or_zero_occ_atoms.auth_atom_id 
_pdbx_unobs_or_zero_occ_atoms.label_alt_id 
_pdbx_unobs_or_zero_occ_atoms.label_asym_id 
_pdbx_unobs_or_zero_occ_atoms.label_comp_id 
_pdbx_unobs_or_zero_occ_atoms.label_seq_id 
_pdbx_unobs_or_zero_occ_atoms.label_atom_id 
1 1 Y 1 A LYS 125 ? CG ? A LYS 15  CG 
2 1 Y 1 A LYS 125 ? CD ? A LYS 15  CD 
3 1 Y 1 A LYS 125 ? CE ? A LYS 15  CE 
4 1 Y 1 A LYS 125 ? NZ ? A LYS 15  NZ 
5 1 Y 1 A MET 248 ? CG ? A MET 138 CG 
6 1 Y 1 A MET 248 ? SD ? A MET 138 SD 
7 1 Y 1 A MET 248 ? CE ? A MET 138 CE 
# 
loop_
_software.name 
_software.classification 
_software.version 
_software.citation_id 
_software.pdbx_ordinal 
X-PLOR 'model building' 3.1 ? 1 
X-PLOR refinement       3.1 ? 2 
XDS    'data reduction' .   ? 3 
X-PLOR phasing          3.1 ? 4 
# 
_cell.entry_id           1CYX 
_cell.length_a           46.000 
_cell.length_b           98.200 
_cell.length_c           39.900 
_cell.angle_alpha        90.00 
_cell.angle_beta         90.00 
_cell.angle_gamma        90.00 
_cell.Z_PDB              4 
_cell.pdbx_unique_axis   ? 
# 
_symmetry.entry_id                         1CYX 
_symmetry.space_group_name_H-M             'P 21 21 21' 
_symmetry.pdbx_full_space_group_name_H-M   ? 
_symmetry.cell_setting                     ? 
_symmetry.Int_Tables_number                19 
# 
_exptl.entry_id          1CYX 
_exptl.method            'X-RAY DIFFRACTION' 
_exptl.crystals_number   ? 
# 
_exptl_crystal.id                    1 
_exptl_crystal.density_meas          ? 
_exptl_crystal.density_Matthews      1.98 
_exptl_crystal.density_percent_sol   37.88 
_exptl_crystal.description           ? 
# 
_exptl_crystal_grow.crystal_id      1 
_exptl_crystal_grow.method          ? 
_exptl_crystal_grow.temp            ? 
_exptl_crystal_grow.temp_details    ? 
_exptl_crystal_grow.pH              4.5 
_exptl_crystal_grow.pdbx_pH_range   ? 
_exptl_crystal_grow.pdbx_details    'pH 4.5' 
# 
_diffrn.id                     1 
_diffrn.ambient_temp           120 
_diffrn.ambient_temp_details   ? 
_diffrn.crystal_id             1 
# 
_diffrn_detector.diffrn_id              1 
_diffrn_detector.detector               'IMAGE PLATE' 
_diffrn_detector.type                   MARRESEARCH 
_diffrn_detector.pdbx_collection_date   1992 
_diffrn_detector.details                ? 
# 
_diffrn_radiation.diffrn_id                        1 
_diffrn_radiation.wavelength_id                    1 
_diffrn_radiation.pdbx_monochromatic_or_laue_m_l   M 
_diffrn_radiation.monochromator                    ? 
_diffrn_radiation.pdbx_diffrn_protocol             ? 
_diffrn_radiation.pdbx_scattering_type             x-ray 
# 
_diffrn_radiation_wavelength.id           1 
_diffrn_radiation_wavelength.wavelength   1.5418 
_diffrn_radiation_wavelength.wt           1.0 
# 
_diffrn_source.diffrn_id                   1 
_diffrn_source.source                      ? 
_diffrn_source.type                        ? 
_diffrn_source.pdbx_synchrotron_site       ? 
_diffrn_source.pdbx_synchrotron_beamline   ? 
_diffrn_source.pdbx_wavelength             1.5418 
_diffrn_source.pdbx_wavelength_list        ? 
# 
_reflns.entry_id                     1CYX 
_reflns.observed_criterion_sigma_I   0.0 
_reflns.observed_criterion_sigma_F   ? 
_reflns.d_resolution_low             1000.0 
_reflns.d_resolution_high            2.3 
_reflns.number_obs                   8265 
_reflns.number_all                   ? 
_reflns.percent_possible_obs         87.3 
_reflns.pdbx_Rmerge_I_obs            0.096 
_reflns.pdbx_Rsym_value              ? 
_reflns.pdbx_netI_over_sigmaI        ? 
_reflns.B_iso_Wilson_estimate        ? 
_reflns.pdbx_redundancy              3.19 
_reflns.pdbx_diffrn_id               1 
_reflns.pdbx_ordinal                 1 
# 
_refine.entry_id                                 1CYX 
_refine.ls_number_reflns_obs                     7426 
_refine.ls_number_reflns_all                     ? 
_refine.pdbx_ls_sigma_I                          ? 
_refine.pdbx_ls_sigma_F                          1.0 
_refine.pdbx_data_cutoff_high_absF               ? 
_refine.pdbx_data_cutoff_low_absF                ? 
_refine.pdbx_data_cutoff_high_rms_absF           ? 
_refine.ls_d_res_low                             6.0 
_refine.ls_d_res_high                            2.3 
_refine.ls_percent_reflns_obs                    ? 
_refine.ls_R_factor_obs                          0.196 
_refine.ls_R_factor_all                          ? 
_refine.ls_R_factor_R_work                       0.196 
_refine.ls_R_factor_R_free                       0.316 
_refine.ls_R_factor_R_free_error                 ? 
_refine.ls_R_factor_R_free_error_details         ? 
_refine.ls_percent_reflns_R_free                 ? 
_refine.ls_number_reflns_R_free                  ? 
_refine.ls_number_parameters                     ? 
_refine.ls_number_restraints                     ? 
_refine.occupancy_min                            ? 
_refine.occupancy_max                            ? 
_refine.B_iso_mean                               16.6 
_refine.aniso_B[1][1]                            ? 
_refine.aniso_B[2][2]                            ? 
_refine.aniso_B[3][3]                            ? 
_refine.aniso_B[1][2]                            ? 
_refine.aniso_B[1][3]                            ? 
_refine.aniso_B[2][3]                            ? 
_refine.solvent_model_details                    ? 
_refine.solvent_model_param_ksol                 ? 
_refine.solvent_model_param_bsol                 ? 
_refine.pdbx_ls_cross_valid_method               ? 
_refine.details                                  ? 
_refine.pdbx_starting_model                      ? 
_refine.pdbx_method_to_determine_struct          ? 
_refine.pdbx_isotropic_thermal_model             ? 
_refine.pdbx_stereochemistry_target_values       ? 
_refine.pdbx_stereochem_target_val_spec_case     ? 
_refine.pdbx_R_Free_selection_details            ? 
_refine.pdbx_overall_ESU_R                       ? 
_refine.pdbx_overall_ESU_R_Free                  ? 
_refine.overall_SU_ML                            ? 
_refine.overall_SU_B                             ? 
_refine.pdbx_refine_id                           'X-RAY DIFFRACTION' 
_refine.pdbx_diffrn_id                           1 
_refine.pdbx_TLS_residual_ADP_flag               ? 
_refine.correlation_coeff_Fo_to_Fc               ? 
_refine.correlation_coeff_Fo_to_Fc_free          ? 
_refine.pdbx_solvent_vdw_probe_radii             ? 
_refine.pdbx_solvent_ion_probe_radii             ? 
_refine.pdbx_solvent_shrinkage_radii             ? 
_refine.pdbx_overall_phase_error                 ? 
_refine.overall_SU_R_Cruickshank_DPI             ? 
_refine.pdbx_overall_SU_R_free_Cruickshank_DPI   ? 
_refine.pdbx_overall_SU_R_Blow_DPI               ? 
_refine.pdbx_overall_SU_R_free_Blow_DPI          ? 
# 
_refine_analyze.entry_id                        1CYX 
_refine_analyze.Luzzati_coordinate_error_obs    0.30 
_refine_analyze.Luzzati_sigma_a_obs             ? 
_refine_analyze.Luzzati_d_res_low_obs           ? 
_refine_analyze.Luzzati_coordinate_error_free   ? 
_refine_analyze.Luzzati_sigma_a_free            ? 
_refine_analyze.Luzzati_d_res_low_free          ? 
_refine_analyze.number_disordered_residues      ? 
_refine_analyze.occupancy_sum_hydrogen          ? 
_refine_analyze.occupancy_sum_non_hydrogen      ? 
_refine_analyze.pdbx_refine_id                  'X-RAY DIFFRACTION' 
# 
_refine_hist.pdbx_refine_id                   'X-RAY DIFFRACTION' 
_refine_hist.cycle_id                         LAST 
_refine_hist.pdbx_number_atoms_protein        1235 
_refine_hist.pdbx_number_atoms_nucleic_acid   0 
_refine_hist.pdbx_number_atoms_ligand         2 
_refine_hist.number_atoms_solvent             168 
_refine_hist.number_atoms_total               1405 
_refine_hist.d_res_high                       2.3 
_refine_hist.d_res_low                        6.0 
# 
loop_
_refine_ls_restr.type 
_refine_ls_restr.dev_ideal 
_refine_ls_restr.dev_ideal_target 
_refine_ls_restr.weight 
_refine_ls_restr.number 
_refine_ls_restr.pdbx_refine_id 
_refine_ls_restr.pdbx_restraint_function 
x_bond_d                0.010 ? ? ? 'X-RAY DIFFRACTION' ? 
x_bond_d_na             ?     ? ? ? 'X-RAY DIFFRACTION' ? 
x_bond_d_prot           ?     ? ? ? 'X-RAY DIFFRACTION' ? 
x_angle_d               ?     ? ? ? 'X-RAY DIFFRACTION' ? 
x_angle_d_na            ?     ? ? ? 'X-RAY DIFFRACTION' ? 
x_angle_d_prot          ?     ? ? ? 'X-RAY DIFFRACTION' ? 
x_angle_deg             1.584 ? ? ? 'X-RAY DIFFRACTION' ? 
x_angle_deg_na          ?     ? ? ? 'X-RAY DIFFRACTION' ? 
x_angle_deg_prot        ?     ? ? ? 'X-RAY DIFFRACTION' ? 
x_dihedral_angle_d      26.27 ? ? ? 'X-RAY DIFFRACTION' ? 
x_dihedral_angle_d_na   ?     ? ? ? 'X-RAY DIFFRACTION' ? 
x_dihedral_angle_d_prot ?     ? ? ? 'X-RAY DIFFRACTION' ? 
x_improper_angle_d      1.390 ? ? ? 'X-RAY DIFFRACTION' ? 
x_improper_angle_d_na   ?     ? ? ? 'X-RAY DIFFRACTION' ? 
x_improper_angle_d_prot ?     ? ? ? 'X-RAY DIFFRACTION' ? 
x_mcbond_it             ?     ? ? ? 'X-RAY DIFFRACTION' ? 
x_mcangle_it            ?     ? ? ? 'X-RAY DIFFRACTION' ? 
x_scbond_it             ?     ? ? ? 'X-RAY DIFFRACTION' ? 
x_scangle_it            ?     ? ? ? 'X-RAY DIFFRACTION' ? 
# 
_struct.entry_id                  1CYX 
_struct.title                     'QUINOL OXIDASE (PERIPLASMIC FRAGMENT OF SUBUNIT II WITH ENGINEERED CU-A BINDING SITE)(CYOA)' 
_struct.pdbx_model_details        ? 
_struct.pdbx_CASP_flag            ? 
_struct.pdbx_model_type_details   ? 
# 
_struct_keywords.entry_id        1CYX 
_struct_keywords.pdbx_keywords   'ELECTRON TRANSPORT' 
_struct_keywords.text            'ELECTRON TRANSPORT' 
# 
loop_
_struct_asym.id 
_struct_asym.pdbx_blank_PDB_chainid_flag 
_struct_asym.pdbx_modified 
_struct_asym.entity_id 
_struct_asym.details 
A N N 1 ? 
B N N 2 ? 
C N N 3 ? 
# 
_struct_ref.id                         1 
_struct_ref.db_name                    UNP 
_struct_ref.db_code                    CYOA_ECOLI 
_struct_ref.entity_id                  1 
_struct_ref.pdbx_db_accession          P0ABJ1 
_struct_ref.pdbx_align_begin           1 
_struct_ref.pdbx_seq_one_letter_code   
;MRLRKYNKSLGWLSLFAGTVLLSGCNSALLDPKGQIGLEQRSLILTAFGLMLIVVIPAILMAVGFAWKYRASNKDAKYSP
NWSHSNKVEAVVWTVPILIIIFLAVLTWKTTHALEPSKPLAHDEKPITIEVVSMDWKWFFIYPEQGIATVNEIAFPANTP
VYFKVTSNSVMNSFFIPRLGSQIYAMAGMQTRLHLIANEPGTYDGISASYSGPGFSGMKFKAIATPDRAAFDQWVAKAKQ
SPNTMSDMAAFEKLAAPSEYNQVEYFSNVKPDLFADVINKFMAHGKSMDMTQPEGEHSAHEGMEGMDMSHAESAH
;
_struct_ref.pdbx_db_isoform            ? 
# 
_struct_ref_seq.align_id                      1 
_struct_ref_seq.ref_id                        1 
_struct_ref_seq.pdbx_PDB_id_code              1CYX 
_struct_ref_seq.pdbx_strand_id                A 
_struct_ref_seq.seq_align_beg                 1 
_struct_ref_seq.pdbx_seq_align_beg_ins_code   ? 
_struct_ref_seq.seq_align_end                 205 
_struct_ref_seq.pdbx_seq_align_end_ins_code   ? 
_struct_ref_seq.pdbx_db_accession             P0ABJ1 
_struct_ref_seq.db_align_beg                  111 
_struct_ref_seq.pdbx_db_align_beg_ins_code    ? 
_struct_ref_seq.db_align_end                  315 
_struct_ref_seq.pdbx_db_align_end_ins_code    ? 
_struct_ref_seq.pdbx_auth_seq_align_beg       111 
_struct_ref_seq.pdbx_auth_seq_align_end       315 
# 
loop_
_struct_ref_seq_dif.align_id 
_struct_ref_seq_dif.pdbx_pdb_id_code 
_struct_ref_seq_dif.mon_id 
_struct_ref_seq_dif.pdbx_pdb_strand_id 
_struct_ref_seq_dif.seq_num 
_struct_ref_seq_dif.pdbx_pdb_ins_code 
_struct_ref_seq_dif.pdbx_seq_db_name 
_struct_ref_seq_dif.pdbx_seq_db_accession_code 
_struct_ref_seq_dif.db_mon_id 
_struct_ref_seq_dif.pdbx_seq_db_seq_num 
_struct_ref_seq_dif.details 
_struct_ref_seq_dif.pdbx_auth_seq_num 
_struct_ref_seq_dif.pdbx_ordinal 
1 1CYX HIS A 62  ? UNP P0ABJ1 ASN 172 'engineered mutation' 172 1 
1 1CYX CYS A 97  ? UNP P0ABJ1 SER 207 'engineered mutation' 207 2 
1 1CYX GLU A 99  ? UNP P0ABJ1 SER 209 'engineered mutation' 209 3 
1 1CYX ILE A 100 ? UNP P0ABJ1 TYR 210 'engineered mutation' 210 4 
1 1CYX CYS A 101 ? UNP P0ABJ1 SER 211 'engineered mutation' 211 5 
1 1CYX HIS A 105 ? UNP P0ABJ1 PHE 215 'engineered mutation' 215 6 
# 
_pdbx_struct_assembly.id                   1 
_pdbx_struct_assembly.details              author_defined_assembly 
_pdbx_struct_assembly.method_details       ? 
_pdbx_struct_assembly.oligomeric_details   monomeric 
_pdbx_struct_assembly.oligomeric_count     1 
# 
_pdbx_struct_assembly_gen.assembly_id       1 
_pdbx_struct_assembly_gen.oper_expression   1 
_pdbx_struct_assembly_gen.asym_id_list      A,B,C 
# 
_pdbx_struct_oper_list.id                   1 
_pdbx_struct_oper_list.type                 'identity operation' 
_pdbx_struct_oper_list.name                 1_555 
_pdbx_struct_oper_list.symmetry_operation   x,y,z 
_pdbx_struct_oper_list.matrix[1][1]         1.0000000000 
_pdbx_struct_oper_list.matrix[1][2]         0.0000000000 
_pdbx_struct_oper_list.matrix[1][3]         0.0000000000 
_pdbx_struct_oper_list.vector[1]            0.0000000000 
_pdbx_struct_oper_list.matrix[2][1]         0.0000000000 
_pdbx_struct_oper_list.matrix[2][2]         1.0000000000 
_pdbx_struct_oper_list.matrix[2][3]         0.0000000000 
_pdbx_struct_oper_list.vector[2]            0.0000000000 
_pdbx_struct_oper_list.matrix[3][1]         0.0000000000 
_pdbx_struct_oper_list.matrix[3][2]         0.0000000000 
_pdbx_struct_oper_list.matrix[3][3]         1.0000000000 
_pdbx_struct_oper_list.vector[3]            0.0000000000 
# 
_struct_biol.id   1 
# 
loop_
_struct_conf.conf_type_id 
_struct_conf.id 
_struct_conf.pdbx_PDB_helix_id 
_struct_conf.beg_label_comp_id 
_struct_conf.beg_label_asym_id 
_struct_conf.beg_label_seq_id 
_struct_conf.pdbx_beg_PDB_ins_code 
_struct_conf.end_label_comp_id 
_struct_conf.end_label_asym_id 
_struct_conf.end_label_seq_id 
_struct_conf.pdbx_end_PDB_ins_code 
_struct_conf.beg_auth_comp_id 
_struct_conf.beg_auth_asym_id 
_struct_conf.beg_auth_seq_id 
_struct_conf.end_auth_comp_id 
_struct_conf.end_auth_asym_id 
_struct_conf.end_auth_seq_id 
_struct_conf.pdbx_PDB_helix_class 
_struct_conf.details 
_struct_conf.pdbx_PDB_helix_length 
HELX_P HELX_P1 1 PRO A 67  ? LEU A 69  ? PRO A 177 LEU A 179 5 ? 3  
HELX_P HELX_P2 2 PRO A 103 ? HIS A 105 ? PRO A 213 HIS A 215 5 ? 3  
HELX_P HELX_P3 3 ARG A 118 ? GLN A 130 ? ARG A 228 GLN A 240 1 ? 13 
HELX_P HELX_P4 4 MET A 138 ? ALA A 145 ? MET A 248 ALA A 255 1 ? 8  
HELX_P HELX_P5 5 LEU A 163 ? LYS A 170 ? LEU A 273 LYS A 280 1 ? 8  
# 
_struct_conf_type.id          HELX_P 
_struct_conf_type.criteria    ? 
_struct_conf_type.reference   ? 
# 
loop_
_struct_conn.id 
_struct_conn.conn_type_id 
_struct_conn.pdbx_leaving_atom_flag 
_struct_conn.pdbx_PDB_id 
_struct_conn.ptnr1_label_asym_id 
_struct_conn.ptnr1_label_comp_id 
_struct_conn.ptnr1_label_seq_id 
_struct_conn.ptnr1_label_atom_id 
_struct_conn.pdbx_ptnr1_label_alt_id 
_struct_conn.pdbx_ptnr1_PDB_ins_code 
_struct_conn.pdbx_ptnr1_standard_comp_id 
_struct_conn.ptnr1_symmetry 
_struct_conn.ptnr2_label_asym_id 
_struct_conn.ptnr2_label_comp_id 
_struct_conn.ptnr2_label_seq_id 
_struct_conn.ptnr2_label_atom_id 
_struct_conn.pdbx_ptnr2_label_alt_id 
_struct_conn.pdbx_ptnr2_PDB_ins_code 
_struct_conn.ptnr1_auth_asym_id 
_struct_conn.ptnr1_auth_comp_id 
_struct_conn.ptnr1_auth_seq_id 
_struct_conn.ptnr2_auth_asym_id 
_struct_conn.ptnr2_auth_comp_id 
_struct_conn.ptnr2_auth_seq_id 
_struct_conn.ptnr2_symmetry 
_struct_conn.pdbx_ptnr3_label_atom_id 
_struct_conn.pdbx_ptnr3_label_seq_id 
_struct_conn.pdbx_ptnr3_label_comp_id 
_struct_conn.pdbx_ptnr3_label_asym_id 
_struct_conn.pdbx_ptnr3_label_alt_id 
_struct_conn.pdbx_ptnr3_PDB_ins_code 
_struct_conn.details 
_struct_conn.pdbx_dist_value 
_struct_conn.pdbx_value_order 
_struct_conn.pdbx_role 
metalc1 metalc ? ? A HIS 62  ND1 ? ? ? 1_555 B CUA . CU2 ? ? A HIS 172 A CUA 316 1_555 ? ? ? ? ? ? ? 1.833 ? ? 
metalc2 metalc ? ? A CYS 97  SG  ? ? ? 1_555 B CUA . CU1 ? ? A CYS 207 A CUA 316 1_555 ? ? ? ? ? ? ? 2.187 ? ? 
metalc3 metalc ? ? A CYS 97  SG  ? ? ? 1_555 B CUA . CU2 ? ? A CYS 207 A CUA 316 1_555 ? ? ? ? ? ? ? 2.121 ? ? 
metalc4 metalc ? ? A GLU 99  O   ? ? ? 1_555 B CUA . CU1 ? ? A GLU 209 A CUA 316 1_555 ? ? ? ? ? ? ? 2.279 ? ? 
metalc5 metalc ? ? A CYS 101 SG  ? ? ? 1_555 B CUA . CU1 ? ? A CYS 211 A CUA 316 1_555 ? ? ? ? ? ? ? 2.197 ? ? 
metalc6 metalc ? ? A CYS 101 SG  ? ? ? 1_555 B CUA . CU2 ? ? A CYS 211 A CUA 316 1_555 ? ? ? ? ? ? ? 2.273 ? ? 
metalc7 metalc ? ? A HIS 105 ND1 ? ? ? 1_555 B CUA . CU1 ? ? A HIS 215 A CUA 316 1_555 ? ? ? ? ? ? ? 1.734 ? ? 
# 
_struct_conn_type.id          metalc 
_struct_conn_type.criteria    ? 
_struct_conn_type.reference   ? 
# 
loop_
_pdbx_struct_conn_angle.id 
_pdbx_struct_conn_angle.ptnr1_label_atom_id 
_pdbx_struct_conn_angle.ptnr1_label_alt_id 
_pdbx_struct_conn_angle.ptnr1_label_asym_id 
_pdbx_struct_conn_angle.ptnr1_label_comp_id 
_pdbx_struct_conn_angle.ptnr1_label_seq_id 
_pdbx_struct_conn_angle.ptnr1_auth_atom_id 
_pdbx_struct_conn_angle.ptnr1_auth_asym_id 
_pdbx_struct_conn_angle.ptnr1_auth_comp_id 
_pdbx_struct_conn_angle.ptnr1_auth_seq_id 
_pdbx_struct_conn_angle.ptnr1_PDB_ins_code 
_pdbx_struct_conn_angle.ptnr1_symmetry 
_pdbx_struct_conn_angle.ptnr2_label_atom_id 
_pdbx_struct_conn_angle.ptnr2_label_alt_id 
_pdbx_struct_conn_angle.ptnr2_label_asym_id 
_pdbx_struct_conn_angle.ptnr2_label_comp_id 
_pdbx_struct_conn_angle.ptnr2_label_seq_id 
_pdbx_struct_conn_angle.ptnr2_auth_atom_id 
_pdbx_struct_conn_angle.ptnr2_auth_asym_id 
_pdbx_struct_conn_angle.ptnr2_auth_comp_id 
_pdbx_struct_conn_angle.ptnr2_auth_seq_id 
_pdbx_struct_conn_angle.ptnr2_PDB_ins_code 
_pdbx_struct_conn_angle.ptnr2_symmetry 
_pdbx_struct_conn_angle.ptnr3_label_atom_id 
_pdbx_struct_conn_angle.ptnr3_label_alt_id 
_pdbx_struct_conn_angle.ptnr3_label_asym_id 
_pdbx_struct_conn_angle.ptnr3_label_comp_id 
_pdbx_struct_conn_angle.ptnr3_label_seq_id 
_pdbx_struct_conn_angle.ptnr3_auth_atom_id 
_pdbx_struct_conn_angle.ptnr3_auth_asym_id 
_pdbx_struct_conn_angle.ptnr3_auth_comp_id 
_pdbx_struct_conn_angle.ptnr3_auth_seq_id 
_pdbx_struct_conn_angle.ptnr3_PDB_ins_code 
_pdbx_struct_conn_angle.ptnr3_symmetry 
_pdbx_struct_conn_angle.value 
_pdbx_struct_conn_angle.value_esd 
1  ND1 ? A HIS 62  ? A HIS 172 ? 1_555 CU2 ? B CUA . ? A CUA 316 ? 1_555 CU1 ? B CUA .   ? A CUA 316 ? 1_555 155.3 ? 
2  ND1 ? A HIS 62  ? A HIS 172 ? 1_555 CU2 ? B CUA . ? A CUA 316 ? 1_555 SG  ? A CYS 97  ? A CYS 207 ? 1_555 133.6 ? 
3  CU1 ? B CUA .   ? A CUA 316 ? 1_555 CU2 ? B CUA . ? A CUA 316 ? 1_555 SG  ? A CYS 97  ? A CYS 207 ? 1_555 56.1  ? 
4  ND1 ? A HIS 62  ? A HIS 172 ? 1_555 CU2 ? B CUA . ? A CUA 316 ? 1_555 SG  ? A CYS 101 ? A CYS 211 ? 1_555 110.6 ? 
5  CU1 ? B CUA .   ? A CUA 316 ? 1_555 CU2 ? B CUA . ? A CUA 316 ? 1_555 SG  ? A CYS 101 ? A CYS 211 ? 1_555 54.9  ? 
6  SG  ? A CYS 97  ? A CYS 207 ? 1_555 CU2 ? B CUA . ? A CUA 316 ? 1_555 SG  ? A CYS 101 ? A CYS 211 ? 1_555 111.0 ? 
7  SG  ? A CYS 97  ? A CYS 207 ? 1_555 CU1 ? B CUA . ? A CUA 316 ? 1_555 CU2 ? B CUA .   ? A CUA 316 ? 1_555 53.6  ? 
8  SG  ? A CYS 97  ? A CYS 207 ? 1_555 CU1 ? B CUA . ? A CUA 316 ? 1_555 O   ? A GLU 99  ? A GLU 209 ? 1_555 94.4  ? 
9  CU2 ? B CUA .   ? A CUA 316 ? 1_555 CU1 ? B CUA . ? A CUA 316 ? 1_555 O   ? A GLU 99  ? A GLU 209 ? 1_555 102.5 ? 
10 SG  ? A CYS 97  ? A CYS 207 ? 1_555 CU1 ? B CUA . ? A CUA 316 ? 1_555 SG  ? A CYS 101 ? A CYS 211 ? 1_555 111.4 ? 
11 CU2 ? B CUA .   ? A CUA 316 ? 1_555 CU1 ? B CUA . ? A CUA 316 ? 1_555 SG  ? A CYS 101 ? A CYS 211 ? 1_555 57.8  ? 
12 O   ? A GLU 99  ? A GLU 209 ? 1_555 CU1 ? B CUA . ? A CUA 316 ? 1_555 SG  ? A CYS 101 ? A CYS 211 ? 1_555 101.2 ? 
13 SG  ? A CYS 97  ? A CYS 207 ? 1_555 CU1 ? B CUA . ? A CUA 316 ? 1_555 ND1 ? A HIS 105 ? A HIS 215 ? 1_555 127.4 ? 
14 CU2 ? B CUA .   ? A CUA 316 ? 1_555 CU1 ? B CUA . ? A CUA 316 ? 1_555 ND1 ? A HIS 105 ? A HIS 215 ? 1_555 159.9 ? 
15 O   ? A GLU 99  ? A GLU 209 ? 1_555 CU1 ? B CUA . ? A CUA 316 ? 1_555 ND1 ? A HIS 105 ? A HIS 215 ? 1_555 97.5  ? 
16 SG  ? A CYS 101 ? A CYS 211 ? 1_555 CU1 ? B CUA . ? A CUA 316 ? 1_555 ND1 ? A HIS 105 ? A HIS 215 ? 1_555 116.0 ? 
# 
loop_
_struct_sheet.id 
_struct_sheet.type 
_struct_sheet.number_strands 
_struct_sheet.details 
A ? 6 ? 
B ? 3 ? 
C ? 2 ? 
# 
loop_
_struct_sheet_order.sheet_id 
_struct_sheet_order.range_id_1 
_struct_sheet_order.range_id_2 
_struct_sheet_order.offset 
_struct_sheet_order.sense 
A 1 2 ? anti-parallel 
A 2 3 ? anti-parallel 
A 3 4 ? anti-parallel 
A 4 5 ? parallel      
A 5 6 ? anti-parallel 
B 1 2 ? parallel      
B 2 3 ? anti-parallel 
C 1 2 ? anti-parallel 
# 
loop_
_struct_sheet_range.sheet_id 
_struct_sheet_range.id 
_struct_sheet_range.beg_label_comp_id 
_struct_sheet_range.beg_label_asym_id 
_struct_sheet_range.beg_label_seq_id 
_struct_sheet_range.pdbx_beg_PDB_ins_code 
_struct_sheet_range.end_label_comp_id 
_struct_sheet_range.end_label_asym_id 
_struct_sheet_range.end_label_seq_id 
_struct_sheet_range.pdbx_end_PDB_ins_code 
_struct_sheet_range.beg_auth_comp_id 
_struct_sheet_range.beg_auth_asym_id 
_struct_sheet_range.beg_auth_seq_id 
_struct_sheet_range.end_auth_comp_id 
_struct_sheet_range.end_auth_asym_id 
_struct_sheet_range.end_auth_seq_id 
A 1 GLU A 154 ? PHE A 156 ? GLU A 264 PHE A 266 
A 2 ILE A 37  ? VAL A 40  ? ILE A 147 VAL A 150 
A 3 LYS A 27  ? TYR A 32  ? LYS A 137 TYR A 142 
A 4 ILE A 17  ? MET A 24  ? ILE A 127 MET A 134 
A 5 PRO A 50  ? SER A 57  ? PRO A 160 SER A 167 
A 6 THR A 81  ? ILE A 86  ? THR A 191 ILE A 196 
B 1 GLU A 42  ? PRO A 46  ? GLU A 152 PRO A 156 
B 2 PHE A 110 ? THR A 115 ? PHE A 220 THR A 225 
B 3 GLY A 91  ? GLY A 95  ? GLY A 201 GLY A 205 
C 1 HIS A 62  ? ILE A 66  ? HIS A 172 ILE A 176 
C 2 SER A 71  ? ALA A 75  ? SER A 181 ALA A 185 
# 
loop_
_pdbx_struct_sheet_hbond.sheet_id 
_pdbx_struct_sheet_hbond.range_id_1 
_pdbx_struct_sheet_hbond.range_id_2 
_pdbx_struct_sheet_hbond.range_1_label_atom_id 
_pdbx_struct_sheet_hbond.range_1_label_comp_id 
_pdbx_struct_sheet_hbond.range_1_label_asym_id 
_pdbx_struct_sheet_hbond.range_1_label_seq_id 
_pdbx_struct_sheet_hbond.range_1_PDB_ins_code 
_pdbx_struct_sheet_hbond.range_1_auth_atom_id 
_pdbx_struct_sheet_hbond.range_1_auth_comp_id 
_pdbx_struct_sheet_hbond.range_1_auth_asym_id 
_pdbx_struct_sheet_hbond.range_1_auth_seq_id 
_pdbx_struct_sheet_hbond.range_2_label_atom_id 
_pdbx_struct_sheet_hbond.range_2_label_comp_id 
_pdbx_struct_sheet_hbond.range_2_label_asym_id 
_pdbx_struct_sheet_hbond.range_2_label_seq_id 
_pdbx_struct_sheet_hbond.range_2_PDB_ins_code 
_pdbx_struct_sheet_hbond.range_2_auth_atom_id 
_pdbx_struct_sheet_hbond.range_2_auth_comp_id 
_pdbx_struct_sheet_hbond.range_2_auth_asym_id 
_pdbx_struct_sheet_hbond.range_2_auth_seq_id 
A 1 2 O GLU A 154 ? O GLU A 264 N VAL A 40  ? N VAL A 150 
A 2 3 O ILE A 37  ? O ILE A 147 N TYR A 32  ? N TYR A 142 
A 3 4 O LYS A 27  ? O LYS A 137 N MET A 24  ? N MET A 134 
A 4 5 O ILE A 17  ? O ILE A 127 N TYR A 52  ? N TYR A 162 
A 5 6 O VAL A 51  ? O VAL A 161 N LEU A 85  ? N LEU A 195 
B 1 2 O ILE A 43  ? O ILE A 153 N LYS A 111 ? N LYS A 221 
B 2 3 O PHE A 110 ? O PHE A 220 N GLY A 95  ? N GLY A 205 
C 1 2 O HIS A 62  ? O HIS A 172 N ALA A 75  ? N ALA A 185 
# 
_struct_site.id                   AC1 
_struct_site.pdbx_evidence_code   Software 
_struct_site.pdbx_auth_asym_id    A 
_struct_site.pdbx_auth_comp_id    CUA 
_struct_site.pdbx_auth_seq_id     316 
_struct_site.pdbx_auth_ins_code   ? 
_struct_site.pdbx_num_residues    6 
_struct_site.details              'BINDING SITE FOR RESIDUE CUA A 316' 
# 
loop_
_struct_site_gen.id 
_struct_site_gen.site_id 
_struct_site_gen.pdbx_num_res 
_struct_site_gen.label_comp_id 
_struct_site_gen.label_asym_id 
_struct_site_gen.label_seq_id 
_struct_site_gen.pdbx_auth_ins_code 
_struct_site_gen.auth_comp_id 
_struct_site_gen.auth_asym_id 
_struct_site_gen.auth_seq_id 
_struct_site_gen.label_atom_id 
_struct_site_gen.label_alt_id 
_struct_site_gen.symmetry 
_struct_site_gen.details 
1 AC1 6 HIS A 62  ? HIS A 172 . ? 1_555 ? 
2 AC1 6 CYS A 97  ? CYS A 207 . ? 1_555 ? 
3 AC1 6 GLU A 99  ? GLU A 209 . ? 1_555 ? 
4 AC1 6 CYS A 101 ? CYS A 211 . ? 1_555 ? 
5 AC1 6 HIS A 105 ? HIS A 215 . ? 1_555 ? 
6 AC1 6 MET A 108 ? MET A 218 . ? 1_555 ? 
# 
_pdbx_validate_rmsd_angle.id                         1 
_pdbx_validate_rmsd_angle.PDB_model_num              1 
_pdbx_validate_rmsd_angle.auth_atom_id_1             C 
_pdbx_validate_rmsd_angle.auth_asym_id_1             A 
_pdbx_validate_rmsd_angle.auth_comp_id_1             GLY 
_pdbx_validate_rmsd_angle.auth_seq_id_1              212 
_pdbx_validate_rmsd_angle.PDB_ins_code_1             ? 
_pdbx_validate_rmsd_angle.label_alt_id_1             ? 
_pdbx_validate_rmsd_angle.auth_atom_id_2             N 
_pdbx_validate_rmsd_angle.auth_asym_id_2             A 
_pdbx_validate_rmsd_angle.auth_comp_id_2             PRO 
_pdbx_validate_rmsd_angle.auth_seq_id_2              213 
_pdbx_validate_rmsd_angle.PDB_ins_code_2             ? 
_pdbx_validate_rmsd_angle.label_alt_id_2             ? 
_pdbx_validate_rmsd_angle.auth_atom_id_3             CA 
_pdbx_validate_rmsd_angle.auth_asym_id_3             A 
_pdbx_validate_rmsd_angle.auth_comp_id_3             PRO 
_pdbx_validate_rmsd_angle.auth_seq_id_3              213 
_pdbx_validate_rmsd_angle.PDB_ins_code_3             ? 
_pdbx_validate_rmsd_angle.label_alt_id_3             ? 
_pdbx_validate_rmsd_angle.angle_value                129.74 
_pdbx_validate_rmsd_angle.angle_target_value         119.30 
_pdbx_validate_rmsd_angle.angle_deviation            10.44 
_pdbx_validate_rmsd_angle.angle_standard_deviation   1.50 
_pdbx_validate_rmsd_angle.linker_flag                Y 
# 
loop_
_pdbx_validate_torsion.id 
_pdbx_validate_torsion.PDB_model_num 
_pdbx_validate_torsion.auth_comp_id 
_pdbx_validate_torsion.auth_asym_id 
_pdbx_validate_torsion.auth_seq_id 
_pdbx_validate_torsion.PDB_ins_code 
_pdbx_validate_torsion.label_alt_id 
_pdbx_validate_torsion.phi 
_pdbx_validate_torsion.psi 
1 1 ASP A 135 ? ? -67.35  90.72   
2 1 TRP A 136 ? ? 83.13   32.02   
3 1 PHE A 155 ? ? -177.58 149.32  
4 1 SER A 169 ? ? -147.02 -131.91 
5 1 VAL A 170 ? ? -66.53  -175.81 
6 1 VAL A 263 ? ? -48.98  158.48  
7 1 GLU A 264 ? ? -172.55 135.39  
# 
loop_
_pdbx_unobs_or_zero_occ_residues.id 
_pdbx_unobs_or_zero_occ_residues.PDB_model_num 
_pdbx_unobs_or_zero_occ_residues.polymer_flag 
_pdbx_unobs_or_zero_occ_residues.occupancy_flag 
_pdbx_unobs_or_zero_occ_residues.auth_asym_id 
_pdbx_unobs_or_zero_occ_residues.auth_comp_id 
_pdbx_unobs_or_zero_occ_residues.auth_seq_id 
_pdbx_unobs_or_zero_occ_residues.PDB_ins_code 
_pdbx_unobs_or_zero_occ_residues.label_asym_id 
_pdbx_unobs_or_zero_occ_residues.label_comp_id 
_pdbx_unobs_or_zero_occ_residues.label_seq_id 
1  1 Y 1 A THR 111 ? A THR 1   
2  1 Y 1 A HIS 112 ? A HIS 2   
3  1 Y 1 A ALA 113 ? A ALA 3   
4  1 Y 1 A LEU 114 ? A LEU 4   
5  1 Y 1 A GLU 115 ? A GLU 5   
6  1 Y 1 A PRO 116 ? A PRO 6   
7  1 Y 1 A SER 117 ? A SER 7   
8  1 Y 1 A LYS 118 ? A LYS 8   
9  1 Y 1 A PRO 119 ? A PRO 9   
10 1 Y 1 A LEU 120 ? A LEU 10  
11 1 Y 1 A ALA 121 ? A ALA 11  
12 1 Y 1 A HIS 122 ? A HIS 12  
13 1 Y 1 A ASP 123 ? A ASP 13  
14 1 Y 1 A GLU 124 ? A GLU 14  
15 1 Y 1 A ALA 283 ? A ALA 173 
16 1 Y 1 A HIS 284 ? A HIS 174 
17 1 Y 1 A GLY 285 ? A GLY 175 
18 1 Y 1 A LYS 286 ? A LYS 176 
19 1 Y 1 A SER 287 ? A SER 177 
20 1 Y 1 A MET 288 ? A MET 178 
21 1 Y 1 A ASP 289 ? A ASP 179 
22 1 Y 1 A MET 290 ? A MET 180 
23 1 Y 1 A THR 291 ? A THR 181 
24 1 Y 1 A GLN 292 ? A GLN 182 
25 1 Y 1 A PRO 293 ? A PRO 183 
26 1 Y 1 A GLU 294 ? A GLU 184 
27 1 Y 1 A GLY 295 ? A GLY 185 
28 1 Y 1 A GLU 296 ? A GLU 186 
29 1 Y 1 A HIS 297 ? A HIS 187 
30 1 Y 1 A SER 298 ? A SER 188 
31 1 Y 1 A ALA 299 ? A ALA 189 
32 1 Y 1 A HIS 300 ? A HIS 190 
33 1 Y 1 A GLU 301 ? A GLU 191 
34 1 Y 1 A GLY 302 ? A GLY 192 
35 1 Y 1 A MET 303 ? A MET 193 
36 1 Y 1 A GLU 304 ? A GLU 194 
37 1 Y 1 A GLY 305 ? A GLY 195 
38 1 Y 1 A MET 306 ? A MET 196 
39 1 Y 1 A ASP 307 ? A ASP 197 
40 1 Y 1 A MET 308 ? A MET 198 
41 1 Y 1 A SER 309 ? A SER 199 
42 1 Y 1 A HIS 310 ? A HIS 200 
43 1 Y 1 A ALA 311 ? A ALA 201 
44 1 Y 1 A GLU 312 ? A GLU 202 
45 1 Y 1 A SER 313 ? A SER 203 
46 1 Y 1 A ALA 314 ? A ALA 204 
47 1 Y 1 A HIS 315 ? A HIS 205 
# 
loop_
_chem_comp_atom.comp_id 
_chem_comp_atom.atom_id 
_chem_comp_atom.type_symbol 
_chem_comp_atom.pdbx_aromatic_flag 
_chem_comp_atom.pdbx_stereo_config 
_chem_comp_atom.pdbx_ordinal 
ALA N    N  N N 1   
ALA CA   C  N S 2   
ALA C    C  N N 3   
ALA O    O  N N 4   
ALA CB   C  N N 5   
ALA OXT  O  N N 6   
ALA H    H  N N 7   
ALA H2   H  N N 8   
ALA HA   H  N N 9   
ALA HB1  H  N N 10  
ALA HB2  H  N N 11  
ALA HB3  H  N N 12  
ALA HXT  H  N N 13  
ARG N    N  N N 14  
ARG CA   C  N S 15  
ARG C    C  N N 16  
ARG O    O  N N 17  
ARG CB   C  N N 18  
ARG CG   C  N N 19  
ARG CD   C  N N 20  
ARG NE   N  N N 21  
ARG CZ   C  N N 22  
ARG NH1  N  N N 23  
ARG NH2  N  N N 24  
ARG OXT  O  N N 25  
ARG H    H  N N 26  
ARG H2   H  N N 27  
ARG HA   H  N N 28  
ARG HB2  H  N N 29  
ARG HB3  H  N N 30  
ARG HG2  H  N N 31  
ARG HG3  H  N N 32  
ARG HD2  H  N N 33  
ARG HD3  H  N N 34  
ARG HE   H  N N 35  
ARG HH11 H  N N 36  
ARG HH12 H  N N 37  
ARG HH21 H  N N 38  
ARG HH22 H  N N 39  
ARG HXT  H  N N 40  
ASN N    N  N N 41  
ASN CA   C  N S 42  
ASN C    C  N N 43  
ASN O    O  N N 44  
ASN CB   C  N N 45  
ASN CG   C  N N 46  
ASN OD1  O  N N 47  
ASN ND2  N  N N 48  
ASN OXT  O  N N 49  
ASN H    H  N N 50  
ASN H2   H  N N 51  
ASN HA   H  N N 52  
ASN HB2  H  N N 53  
ASN HB3  H  N N 54  
ASN HD21 H  N N 55  
ASN HD22 H  N N 56  
ASN HXT  H  N N 57  
ASP N    N  N N 58  
ASP CA   C  N S 59  
ASP C    C  N N 60  
ASP O    O  N N 61  
ASP CB   C  N N 62  
ASP CG   C  N N 63  
ASP OD1  O  N N 64  
ASP OD2  O  N N 65  
ASP OXT  O  N N 66  
ASP H    H  N N 67  
ASP H2   H  N N 68  
ASP HA   H  N N 69  
ASP HB2  H  N N 70  
ASP HB3  H  N N 71  
ASP HD2  H  N N 72  
ASP HXT  H  N N 73  
CUA CU1  CU N N 74  
CUA CU2  CU N N 75  
CYS N    N  N N 76  
CYS CA   C  N R 77  
CYS C    C  N N 78  
CYS O    O  N N 79  
CYS CB   C  N N 80  
CYS SG   S  N N 81  
CYS OXT  O  N N 82  
CYS H    H  N N 83  
CYS H2   H  N N 84  
CYS HA   H  N N 85  
CYS HB2  H  N N 86  
CYS HB3  H  N N 87  
CYS HG   H  N N 88  
CYS HXT  H  N N 89  
GLN N    N  N N 90  
GLN CA   C  N S 91  
GLN C    C  N N 92  
GLN O    O  N N 93  
GLN CB   C  N N 94  
GLN CG   C  N N 95  
GLN CD   C  N N 96  
GLN OE1  O  N N 97  
GLN NE2  N  N N 98  
GLN OXT  O  N N 99  
GLN H    H  N N 100 
GLN H2   H  N N 101 
GLN HA   H  N N 102 
GLN HB2  H  N N 103 
GLN HB3  H  N N 104 
GLN HG2  H  N N 105 
GLN HG3  H  N N 106 
GLN HE21 H  N N 107 
GLN HE22 H  N N 108 
GLN HXT  H  N N 109 
GLU N    N  N N 110 
GLU CA   C  N S 111 
GLU C    C  N N 112 
GLU O    O  N N 113 
GLU CB   C  N N 114 
GLU CG   C  N N 115 
GLU CD   C  N N 116 
GLU OE1  O  N N 117 
GLU OE2  O  N N 118 
GLU OXT  O  N N 119 
GLU H    H  N N 120 
GLU H2   H  N N 121 
GLU HA   H  N N 122 
GLU HB2  H  N N 123 
GLU HB3  H  N N 124 
GLU HG2  H  N N 125 
GLU HG3  H  N N 126 
GLU HE2  H  N N 127 
GLU HXT  H  N N 128 
GLY N    N  N N 129 
GLY CA   C  N N 130 
GLY C    C  N N 131 
GLY O    O  N N 132 
GLY OXT  O  N N 133 
GLY H    H  N N 134 
GLY H2   H  N N 135 
GLY HA2  H  N N 136 
GLY HA3  H  N N 137 
GLY HXT  H  N N 138 
HIS N    N  N N 139 
HIS CA   C  N S 140 
HIS C    C  N N 141 
HIS O    O  N N 142 
HIS CB   C  N N 143 
HIS CG   C  Y N 144 
HIS ND1  N  Y N 145 
HIS CD2  C  Y N 146 
HIS CE1  C  Y N 147 
HIS NE2  N  Y N 148 
HIS OXT  O  N N 149 
HIS H    H  N N 150 
HIS H2   H  N N 151 
HIS HA   H  N N 152 
HIS HB2  H  N N 153 
HIS HB3  H  N N 154 
HIS HD1  H  N N 155 
HIS HD2  H  N N 156 
HIS HE1  H  N N 157 
HIS HE2  H  N N 158 
HIS HXT  H  N N 159 
HOH O    O  N N 160 
HOH H1   H  N N 161 
HOH H2   H  N N 162 
ILE N    N  N N 163 
ILE CA   C  N S 164 
ILE C    C  N N 165 
ILE O    O  N N 166 
ILE CB   C  N S 167 
ILE CG1  C  N N 168 
ILE CG2  C  N N 169 
ILE CD1  C  N N 170 
ILE OXT  O  N N 171 
ILE H    H  N N 172 
ILE H2   H  N N 173 
ILE HA   H  N N 174 
ILE HB   H  N N 175 
ILE HG12 H  N N 176 
ILE HG13 H  N N 177 
ILE HG21 H  N N 178 
ILE HG22 H  N N 179 
ILE HG23 H  N N 180 
ILE HD11 H  N N 181 
ILE HD12 H  N N 182 
ILE HD13 H  N N 183 
ILE HXT  H  N N 184 
LEU N    N  N N 185 
LEU CA   C  N S 186 
LEU C    C  N N 187 
LEU O    O  N N 188 
LEU CB   C  N N 189 
LEU CG   C  N N 190 
LEU CD1  C  N N 191 
LEU CD2  C  N N 192 
LEU OXT  O  N N 193 
LEU H    H  N N 194 
LEU H2   H  N N 195 
LEU HA   H  N N 196 
LEU HB2  H  N N 197 
LEU HB3  H  N N 198 
LEU HG   H  N N 199 
LEU HD11 H  N N 200 
LEU HD12 H  N N 201 
LEU HD13 H  N N 202 
LEU HD21 H  N N 203 
LEU HD22 H  N N 204 
LEU HD23 H  N N 205 
LEU HXT  H  N N 206 
LYS N    N  N N 207 
LYS CA   C  N S 208 
LYS C    C  N N 209 
LYS O    O  N N 210 
LYS CB   C  N N 211 
LYS CG   C  N N 212 
LYS CD   C  N N 213 
LYS CE   C  N N 214 
LYS NZ   N  N N 215 
LYS OXT  O  N N 216 
LYS H    H  N N 217 
LYS H2   H  N N 218 
LYS HA   H  N N 219 
LYS HB2  H  N N 220 
LYS HB3  H  N N 221 
LYS HG2  H  N N 222 
LYS HG3  H  N N 223 
LYS HD2  H  N N 224 
LYS HD3  H  N N 225 
LYS HE2  H  N N 226 
LYS HE3  H  N N 227 
LYS HZ1  H  N N 228 
LYS HZ2  H  N N 229 
LYS HZ3  H  N N 230 
LYS HXT  H  N N 231 
MET N    N  N N 232 
MET CA   C  N S 233 
MET C    C  N N 234 
MET O    O  N N 235 
MET CB   C  N N 236 
MET CG   C  N N 237 
MET SD   S  N N 238 
MET CE   C  N N 239 
MET OXT  O  N N 240 
MET H    H  N N 241 
MET H2   H  N N 242 
MET HA   H  N N 243 
MET HB2  H  N N 244 
MET HB3  H  N N 245 
MET HG2  H  N N 246 
MET HG3  H  N N 247 
MET HE1  H  N N 248 
MET HE2  H  N N 249 
MET HE3  H  N N 250 
MET HXT  H  N N 251 
PHE N    N  N N 252 
PHE CA   C  N S 253 
PHE C    C  N N 254 
PHE O    O  N N 255 
PHE CB   C  N N 256 
PHE CG   C  Y N 257 
PHE CD1  C  Y N 258 
PHE CD2  C  Y N 259 
PHE CE1  C  Y N 260 
PHE CE2  C  Y N 261 
PHE CZ   C  Y N 262 
PHE OXT  O  N N 263 
PHE H    H  N N 264 
PHE H2   H  N N 265 
PHE HA   H  N N 266 
PHE HB2  H  N N 267 
PHE HB3  H  N N 268 
PHE HD1  H  N N 269 
PHE HD2  H  N N 270 
PHE HE1  H  N N 271 
PHE HE2  H  N N 272 
PHE HZ   H  N N 273 
PHE HXT  H  N N 274 
PRO N    N  N N 275 
PRO CA   C  N S 276 
PRO C    C  N N 277 
PRO O    O  N N 278 
PRO CB   C  N N 279 
PRO CG   C  N N 280 
PRO CD   C  N N 281 
PRO OXT  O  N N 282 
PRO H    H  N N 283 
PRO HA   H  N N 284 
PRO HB2  H  N N 285 
PRO HB3  H  N N 286 
PRO HG2  H  N N 287 
PRO HG3  H  N N 288 
PRO HD2  H  N N 289 
PRO HD3  H  N N 290 
PRO HXT  H  N N 291 
SER N    N  N N 292 
SER CA   C  N S 293 
SER C    C  N N 294 
SER O    O  N N 295 
SER CB   C  N N 296 
SER OG   O  N N 297 
SER OXT  O  N N 298 
SER H    H  N N 299 
SER H2   H  N N 300 
SER HA   H  N N 301 
SER HB2  H  N N 302 
SER HB3  H  N N 303 
SER HG   H  N N 304 
SER HXT  H  N N 305 
THR N    N  N N 306 
THR CA   C  N S 307 
THR C    C  N N 308 
THR O    O  N N 309 
THR CB   C  N R 310 
THR OG1  O  N N 311 
THR CG2  C  N N 312 
THR OXT  O  N N 313 
THR H    H  N N 314 
THR H2   H  N N 315 
THR HA   H  N N 316 
THR HB   H  N N 317 
THR HG1  H  N N 318 
THR HG21 H  N N 319 
THR HG22 H  N N 320 
THR HG23 H  N N 321 
THR HXT  H  N N 322 
TRP N    N  N N 323 
TRP CA   C  N S 324 
TRP C    C  N N 325 
TRP O    O  N N 326 
TRP CB   C  N N 327 
TRP CG   C  Y N 328 
TRP CD1  C  Y N 329 
TRP CD2  C  Y N 330 
TRP NE1  N  Y N 331 
TRP CE2  C  Y N 332 
TRP CE3  C  Y N 333 
TRP CZ2  C  Y N 334 
TRP CZ3  C  Y N 335 
TRP CH2  C  Y N 336 
TRP OXT  O  N N 337 
TRP H    H  N N 338 
TRP H2   H  N N 339 
TRP HA   H  N N 340 
TRP HB2  H  N N 341 
TRP HB3  H  N N 342 
TRP HD1  H  N N 343 
TRP HE1  H  N N 344 
TRP HE3  H  N N 345 
TRP HZ2  H  N N 346 
TRP HZ3  H  N N 347 
TRP HH2  H  N N 348 
TRP HXT  H  N N 349 
TYR N    N  N N 350 
TYR CA   C  N S 351 
TYR C    C  N N 352 
TYR O    O  N N 353 
TYR CB   C  N N 354 
TYR CG   C  Y N 355 
TYR CD1  C  Y N 356 
TYR CD2  C  Y N 357 
TYR CE1  C  Y N 358 
TYR CE2  C  Y N 359 
TYR CZ   C  Y N 360 
TYR OH   O  N N 361 
TYR OXT  O  N N 362 
TYR H    H  N N 363 
TYR H2   H  N N 364 
TYR HA   H  N N 365 
TYR HB2  H  N N 366 
TYR HB3  H  N N 367 
TYR HD1  H  N N 368 
TYR HD2  H  N N 369 
TYR HE1  H  N N 370 
TYR HE2  H  N N 371 
TYR HH   H  N N 372 
TYR HXT  H  N N 373 
VAL N    N  N N 374 
VAL CA   C  N S 375 
VAL C    C  N N 376 
VAL O    O  N N 377 
VAL CB   C  N N 378 
VAL CG1  C  N N 379 
VAL CG2  C  N N 380 
VAL OXT  O  N N 381 
VAL H    H  N N 382 
VAL H2   H  N N 383 
VAL HA   H  N N 384 
VAL HB   H  N N 385 
VAL HG11 H  N N 386 
VAL HG12 H  N N 387 
VAL HG13 H  N N 388 
VAL HG21 H  N N 389 
VAL HG22 H  N N 390 
VAL HG23 H  N N 391 
VAL HXT  H  N N 392 
# 
loop_
_chem_comp_bond.comp_id 
_chem_comp_bond.atom_id_1 
_chem_comp_bond.atom_id_2 
_chem_comp_bond.value_order 
_chem_comp_bond.pdbx_aromatic_flag 
_chem_comp_bond.pdbx_stereo_config 
_chem_comp_bond.pdbx_ordinal 
ALA N   CA   sing N N 1   
ALA N   H    sing N N 2   
ALA N   H2   sing N N 3   
ALA CA  C    sing N N 4   
ALA CA  CB   sing N N 5   
ALA CA  HA   sing N N 6   
ALA C   O    doub N N 7   
ALA C   OXT  sing N N 8   
ALA CB  HB1  sing N N 9   
ALA CB  HB2  sing N N 10  
ALA CB  HB3  sing N N 11  
ALA OXT HXT  sing N N 12  
ARG N   CA   sing N N 13  
ARG N   H    sing N N 14  
ARG N   H2   sing N N 15  
ARG CA  C    sing N N 16  
ARG CA  CB   sing N N 17  
ARG CA  HA   sing N N 18  
ARG C   O    doub N N 19  
ARG C   OXT  sing N N 20  
ARG CB  CG   sing N N 21  
ARG CB  HB2  sing N N 22  
ARG CB  HB3  sing N N 23  
ARG CG  CD   sing N N 24  
ARG CG  HG2  sing N N 25  
ARG CG  HG3  sing N N 26  
ARG CD  NE   sing N N 27  
ARG CD  HD2  sing N N 28  
ARG CD  HD3  sing N N 29  
ARG NE  CZ   sing N N 30  
ARG NE  HE   sing N N 31  
ARG CZ  NH1  sing N N 32  
ARG CZ  NH2  doub N N 33  
ARG NH1 HH11 sing N N 34  
ARG NH1 HH12 sing N N 35  
ARG NH2 HH21 sing N N 36  
ARG NH2 HH22 sing N N 37  
ARG OXT HXT  sing N N 38  
ASN N   CA   sing N N 39  
ASN N   H    sing N N 40  
ASN N   H2   sing N N 41  
ASN CA  C    sing N N 42  
ASN CA  CB   sing N N 43  
ASN CA  HA   sing N N 44  
ASN C   O    doub N N 45  
ASN C   OXT  sing N N 46  
ASN CB  CG   sing N N 47  
ASN CB  HB2  sing N N 48  
ASN CB  HB3  sing N N 49  
ASN CG  OD1  doub N N 50  
ASN CG  ND2  sing N N 51  
ASN ND2 HD21 sing N N 52  
ASN ND2 HD22 sing N N 53  
ASN OXT HXT  sing N N 54  
ASP N   CA   sing N N 55  
ASP N   H    sing N N 56  
ASP N   H2   sing N N 57  
ASP CA  C    sing N N 58  
ASP CA  CB   sing N N 59  
ASP CA  HA   sing N N 60  
ASP C   O    doub N N 61  
ASP C   OXT  sing N N 62  
ASP CB  CG   sing N N 63  
ASP CB  HB2  sing N N 64  
ASP CB  HB3  sing N N 65  
ASP CG  OD1  doub N N 66  
ASP CG  OD2  sing N N 67  
ASP OD2 HD2  sing N N 68  
ASP OXT HXT  sing N N 69  
CUA CU1 CU2  sing N N 70  
CYS N   CA   sing N N 71  
CYS N   H    sing N N 72  
CYS N   H2   sing N N 73  
CYS CA  C    sing N N 74  
CYS CA  CB   sing N N 75  
CYS CA  HA   sing N N 76  
CYS C   O    doub N N 77  
CYS C   OXT  sing N N 78  
CYS CB  SG   sing N N 79  
CYS CB  HB2  sing N N 80  
CYS CB  HB3  sing N N 81  
CYS SG  HG   sing N N 82  
CYS OXT HXT  sing N N 83  
GLN N   CA   sing N N 84  
GLN N   H    sing N N 85  
GLN N   H2   sing N N 86  
GLN CA  C    sing N N 87  
GLN CA  CB   sing N N 88  
GLN CA  HA   sing N N 89  
GLN C   O    doub N N 90  
GLN C   OXT  sing N N 91  
GLN CB  CG   sing N N 92  
GLN CB  HB2  sing N N 93  
GLN CB  HB3  sing N N 94  
GLN CG  CD   sing N N 95  
GLN CG  HG2  sing N N 96  
GLN CG  HG3  sing N N 97  
GLN CD  OE1  doub N N 98  
GLN CD  NE2  sing N N 99  
GLN NE2 HE21 sing N N 100 
GLN NE2 HE22 sing N N 101 
GLN OXT HXT  sing N N 102 
GLU N   CA   sing N N 103 
GLU N   H    sing N N 104 
GLU N   H2   sing N N 105 
GLU CA  C    sing N N 106 
GLU CA  CB   sing N N 107 
GLU CA  HA   sing N N 108 
GLU C   O    doub N N 109 
GLU C   OXT  sing N N 110 
GLU CB  CG   sing N N 111 
GLU CB  HB2  sing N N 112 
GLU CB  HB3  sing N N 113 
GLU CG  CD   sing N N 114 
GLU CG  HG2  sing N N 115 
GLU CG  HG3  sing N N 116 
GLU CD  OE1  doub N N 117 
GLU CD  OE2  sing N N 118 
GLU OE2 HE2  sing N N 119 
GLU OXT HXT  sing N N 120 
GLY N   CA   sing N N 121 
GLY N   H    sing N N 122 
GLY N   H2   sing N N 123 
GLY CA  C    sing N N 124 
GLY CA  HA2  sing N N 125 
GLY CA  HA3  sing N N 126 
GLY C   O    doub N N 127 
GLY C   OXT  sing N N 128 
GLY OXT HXT  sing N N 129 
HIS N   CA   sing N N 130 
HIS N   H    sing N N 131 
HIS N   H2   sing N N 132 
HIS CA  C    sing N N 133 
HIS CA  CB   sing N N 134 
HIS CA  HA   sing N N 135 
HIS C   O    doub N N 136 
HIS C   OXT  sing N N 137 
HIS CB  CG   sing N N 138 
HIS CB  HB2  sing N N 139 
HIS CB  HB3  sing N N 140 
HIS CG  ND1  sing Y N 141 
HIS CG  CD2  doub Y N 142 
HIS ND1 CE1  doub Y N 143 
HIS ND1 HD1  sing N N 144 
HIS CD2 NE2  sing Y N 145 
HIS CD2 HD2  sing N N 146 
HIS CE1 NE2  sing Y N 147 
HIS CE1 HE1  sing N N 148 
HIS NE2 HE2  sing N N 149 
HIS OXT HXT  sing N N 150 
HOH O   H1   sing N N 151 
HOH O   H2   sing N N 152 
ILE N   CA   sing N N 153 
ILE N   H    sing N N 154 
ILE N   H2   sing N N 155 
ILE CA  C    sing N N 156 
ILE CA  CB   sing N N 157 
ILE CA  HA   sing N N 158 
ILE C   O    doub N N 159 
ILE C   OXT  sing N N 160 
ILE CB  CG1  sing N N 161 
ILE CB  CG2  sing N N 162 
ILE CB  HB   sing N N 163 
ILE CG1 CD1  sing N N 164 
ILE CG1 HG12 sing N N 165 
ILE CG1 HG13 sing N N 166 
ILE CG2 HG21 sing N N 167 
ILE CG2 HG22 sing N N 168 
ILE CG2 HG23 sing N N 169 
ILE CD1 HD11 sing N N 170 
ILE CD1 HD12 sing N N 171 
ILE CD1 HD13 sing N N 172 
ILE OXT HXT  sing N N 173 
LEU N   CA   sing N N 174 
LEU N   H    sing N N 175 
LEU N   H2   sing N N 176 
LEU CA  C    sing N N 177 
LEU CA  CB   sing N N 178 
LEU CA  HA   sing N N 179 
LEU C   O    doub N N 180 
LEU C   OXT  sing N N 181 
LEU CB  CG   sing N N 182 
LEU CB  HB2  sing N N 183 
LEU CB  HB3  sing N N 184 
LEU CG  CD1  sing N N 185 
LEU CG  CD2  sing N N 186 
LEU CG  HG   sing N N 187 
LEU CD1 HD11 sing N N 188 
LEU CD1 HD12 sing N N 189 
LEU CD1 HD13 sing N N 190 
LEU CD2 HD21 sing N N 191 
LEU CD2 HD22 sing N N 192 
LEU CD2 HD23 sing N N 193 
LEU OXT HXT  sing N N 194 
LYS N   CA   sing N N 195 
LYS N   H    sing N N 196 
LYS N   H2   sing N N 197 
LYS CA  C    sing N N 198 
LYS CA  CB   sing N N 199 
LYS CA  HA   sing N N 200 
LYS C   O    doub N N 201 
LYS C   OXT  sing N N 202 
LYS CB  CG   sing N N 203 
LYS CB  HB2  sing N N 204 
LYS CB  HB3  sing N N 205 
LYS CG  CD   sing N N 206 
LYS CG  HG2  sing N N 207 
LYS CG  HG3  sing N N 208 
LYS CD  CE   sing N N 209 
LYS CD  HD2  sing N N 210 
LYS CD  HD3  sing N N 211 
LYS CE  NZ   sing N N 212 
LYS CE  HE2  sing N N 213 
LYS CE  HE3  sing N N 214 
LYS NZ  HZ1  sing N N 215 
LYS NZ  HZ2  sing N N 216 
LYS NZ  HZ3  sing N N 217 
LYS OXT HXT  sing N N 218 
MET N   CA   sing N N 219 
MET N   H    sing N N 220 
MET N   H2   sing N N 221 
MET CA  C    sing N N 222 
MET CA  CB   sing N N 223 
MET CA  HA   sing N N 224 
MET C   O    doub N N 225 
MET C   OXT  sing N N 226 
MET CB  CG   sing N N 227 
MET CB  HB2  sing N N 228 
MET CB  HB3  sing N N 229 
MET CG  SD   sing N N 230 
MET CG  HG2  sing N N 231 
MET CG  HG3  sing N N 232 
MET SD  CE   sing N N 233 
MET CE  HE1  sing N N 234 
MET CE  HE2  sing N N 235 
MET CE  HE3  sing N N 236 
MET OXT HXT  sing N N 237 
PHE N   CA   sing N N 238 
PHE N   H    sing N N 239 
PHE N   H2   sing N N 240 
PHE CA  C    sing N N 241 
PHE CA  CB   sing N N 242 
PHE CA  HA   sing N N 243 
PHE C   O    doub N N 244 
PHE C   OXT  sing N N 245 
PHE CB  CG   sing N N 246 
PHE CB  HB2  sing N N 247 
PHE CB  HB3  sing N N 248 
PHE CG  CD1  doub Y N 249 
PHE CG  CD2  sing Y N 250 
PHE CD1 CE1  sing Y N 251 
PHE CD1 HD1  sing N N 252 
PHE CD2 CE2  doub Y N 253 
PHE CD2 HD2  sing N N 254 
PHE CE1 CZ   doub Y N 255 
PHE CE1 HE1  sing N N 256 
PHE CE2 CZ   sing Y N 257 
PHE CE2 HE2  sing N N 258 
PHE CZ  HZ   sing N N 259 
PHE OXT HXT  sing N N 260 
PRO N   CA   sing N N 261 
PRO N   CD   sing N N 262 
PRO N   H    sing N N 263 
PRO CA  C    sing N N 264 
PRO CA  CB   sing N N 265 
PRO CA  HA   sing N N 266 
PRO C   O    doub N N 267 
PRO C   OXT  sing N N 268 
PRO CB  CG   sing N N 269 
PRO CB  HB2  sing N N 270 
PRO CB  HB3  sing N N 271 
PRO CG  CD   sing N N 272 
PRO CG  HG2  sing N N 273 
PRO CG  HG3  sing N N 274 
PRO CD  HD2  sing N N 275 
PRO CD  HD3  sing N N 276 
PRO OXT HXT  sing N N 277 
SER N   CA   sing N N 278 
SER N   H    sing N N 279 
SER N   H2   sing N N 280 
SER CA  C    sing N N 281 
SER CA  CB   sing N N 282 
SER CA  HA   sing N N 283 
SER C   O    doub N N 284 
SER C   OXT  sing N N 285 
SER CB  OG   sing N N 286 
SER CB  HB2  sing N N 287 
SER CB  HB3  sing N N 288 
SER OG  HG   sing N N 289 
SER OXT HXT  sing N N 290 
THR N   CA   sing N N 291 
THR N   H    sing N N 292 
THR N   H2   sing N N 293 
THR CA  C    sing N N 294 
THR CA  CB   sing N N 295 
THR CA  HA   sing N N 296 
THR C   O    doub N N 297 
THR C   OXT  sing N N 298 
THR CB  OG1  sing N N 299 
THR CB  CG2  sing N N 300 
THR CB  HB   sing N N 301 
THR OG1 HG1  sing N N 302 
THR CG2 HG21 sing N N 303 
THR CG2 HG22 sing N N 304 
THR CG2 HG23 sing N N 305 
THR OXT HXT  sing N N 306 
TRP N   CA   sing N N 307 
TRP N   H    sing N N 308 
TRP N   H2   sing N N 309 
TRP CA  C    sing N N 310 
TRP CA  CB   sing N N 311 
TRP CA  HA   sing N N 312 
TRP C   O    doub N N 313 
TRP C   OXT  sing N N 314 
TRP CB  CG   sing N N 315 
TRP CB  HB2  sing N N 316 
TRP CB  HB3  sing N N 317 
TRP CG  CD1  doub Y N 318 
TRP CG  CD2  sing Y N 319 
TRP CD1 NE1  sing Y N 320 
TRP CD1 HD1  sing N N 321 
TRP CD2 CE2  doub Y N 322 
TRP CD2 CE3  sing Y N 323 
TRP NE1 CE2  sing Y N 324 
TRP NE1 HE1  sing N N 325 
TRP CE2 CZ2  sing Y N 326 
TRP CE3 CZ3  doub Y N 327 
TRP CE3 HE3  sing N N 328 
TRP CZ2 CH2  doub Y N 329 
TRP CZ2 HZ2  sing N N 330 
TRP CZ3 CH2  sing Y N 331 
TRP CZ3 HZ3  sing N N 332 
TRP CH2 HH2  sing N N 333 
TRP OXT HXT  sing N N 334 
TYR N   CA   sing N N 335 
TYR N   H    sing N N 336 
TYR N   H2   sing N N 337 
TYR CA  C    sing N N 338 
TYR CA  CB   sing N N 339 
TYR CA  HA   sing N N 340 
TYR C   O    doub N N 341 
TYR C   OXT  sing N N 342 
TYR CB  CG   sing N N 343 
TYR CB  HB2  sing N N 344 
TYR CB  HB3  sing N N 345 
TYR CG  CD1  doub Y N 346 
TYR CG  CD2  sing Y N 347 
TYR CD1 CE1  sing Y N 348 
TYR CD1 HD1  sing N N 349 
TYR CD2 CE2  doub Y N 350 
TYR CD2 HD2  sing N N 351 
TYR CE1 CZ   doub Y N 352 
TYR CE1 HE1  sing N N 353 
TYR CE2 CZ   sing Y N 354 
TYR CE2 HE2  sing N N 355 
TYR CZ  OH   sing N N 356 
TYR OH  HH   sing N N 357 
TYR OXT HXT  sing N N 358 
VAL N   CA   sing N N 359 
VAL N   H    sing N N 360 
VAL N   H2   sing N N 361 
VAL CA  C    sing N N 362 
VAL CA  CB   sing N N 363 
VAL CA  HA   sing N N 364 
VAL C   O    doub N N 365 
VAL C   OXT  sing N N 366 
VAL CB  CG1  sing N N 367 
VAL CB  CG2  sing N N 368 
VAL CB  HB   sing N N 369 
VAL CG1 HG11 sing N N 370 
VAL CG1 HG12 sing N N 371 
VAL CG1 HG13 sing N N 372 
VAL CG2 HG21 sing N N 373 
VAL CG2 HG22 sing N N 374 
VAL CG2 HG23 sing N N 375 
VAL OXT HXT  sing N N 376 
# 
_atom_sites.entry_id                    1CYX 
_atom_sites.fract_transf_matrix[1][1]   -0.01639103 
_atom_sites.fract_transf_matrix[1][2]   0.00939558 
_atom_sites.fract_transf_matrix[1][3]   -0.01075366 
_atom_sites.fract_transf_matrix[2][1]   -0.00662100 
_atom_sites.fract_transf_matrix[2][2]   -0.00609133 
_atom_sites.fract_transf_matrix[2][3]   0.00476986 
_atom_sites.fract_transf_matrix[3][1]   -0.00234231 
_atom_sites.fract_transf_matrix[3][2]   0.01691293 
_atom_sites.fract_transf_matrix[3][3]   0.01834722 
_atom_sites.fract_transf_vector[1]      0.033748 
_atom_sites.fract_transf_vector[2]      0.330803 
_atom_sites.fract_transf_vector[3]      0.226593 
# 
loop_
_atom_type.symbol 
C  
CU 
N  
O  
S  
# 
loop_
_atom_site.group_PDB 
_atom_site.id 
_atom_site.type_symbol 
_atom_site.label_atom_id 
_atom_site.label_alt_id 
_atom_site.label_comp_id 
_atom_site.label_asym_id 
_atom_site.label_entity_id 
_atom_site.label_seq_id 
_atom_site.pdbx_PDB_ins_code 
_atom_site.Cartn_x 
_atom_site.Cartn_y 
_atom_site.Cartn_z 
_atom_site.occupancy 
_atom_site.B_iso_or_equiv 
_atom_site.pdbx_formal_charge 
_atom_site.auth_seq_id 
_atom_site.auth_comp_id 
_atom_site.auth_asym_id 
_atom_site.auth_atom_id 
_atom_site.pdbx_PDB_model_num 
ATOM   1    N  N   . LYS A 1 15  ? -19.307 5.338   0.473   1.00 32.72 ? 125 LYS A N   1 
ATOM   2    C  CA  . LYS A 1 15  ? -18.442 4.731   1.529   1.00 32.15 ? 125 LYS A CA  1 
ATOM   3    C  C   . LYS A 1 15  ? -16.967 4.934   1.199   1.00 31.47 ? 125 LYS A C   1 
ATOM   4    O  O   . LYS A 1 15  ? -16.515 4.591   0.106   1.00 32.12 ? 125 LYS A O   1 
ATOM   5    C  CB  . LYS A 1 15  ? -18.751 3.235   1.677   1.00 32.09 ? 125 LYS A CB  1 
ATOM   6    N  N   . PRO A 1 16  ? -16.232 5.592   2.105   1.00 30.43 ? 126 PRO A N   1 
ATOM   7    C  CA  . PRO A 1 16  ? -14.798 5.865   1.954   1.00 29.06 ? 126 PRO A CA  1 
ATOM   8    C  C   . PRO A 1 16  ? -14.034 4.550   2.108   1.00 28.62 ? 126 PRO A C   1 
ATOM   9    O  O   . PRO A 1 16  ? -14.481 3.633   2.815   1.00 28.71 ? 126 PRO A O   1 
ATOM   10   C  CB  . PRO A 1 16  ? -14.512 6.811   3.117   1.00 29.04 ? 126 PRO A CB  1 
ATOM   11   C  CG  . PRO A 1 16  ? -15.447 6.336   4.170   1.00 29.34 ? 126 PRO A CG  1 
ATOM   12   C  CD  . PRO A 1 16  ? -16.726 6.105   3.391   1.00 31.35 ? 126 PRO A CD  1 
ATOM   13   N  N   . ILE A 1 17  ? -12.895 4.433   1.436   1.00 26.51 ? 127 ILE A N   1 
ATOM   14   C  CA  . ILE A 1 17  ? -12.124 3.196   1.518   1.00 24.95 ? 127 ILE A CA  1 
ATOM   15   C  C   . ILE A 1 17  ? -10.906 3.438   2.376   1.00 22.56 ? 127 ILE A C   1 
ATOM   16   O  O   . ILE A 1 17  ? -10.251 4.477   2.270   1.00 19.15 ? 127 ILE A O   1 
ATOM   17   C  CB  . ILE A 1 17  ? -11.676 2.656   0.113   1.00 25.71 ? 127 ILE A CB  1 
ATOM   18   C  CG1 . ILE A 1 17  ? -12.897 2.303   -0.752  1.00 24.61 ? 127 ILE A CG1 1 
ATOM   19   C  CG2 . ILE A 1 17  ? -10.830 1.378   0.276   1.00 25.24 ? 127 ILE A CG2 1 
ATOM   20   C  CD1 . ILE A 1 17  ? -13.587 3.465   -1.359  1.00 25.16 ? 127 ILE A CD1 1 
ATOM   21   N  N   . THR A 1 18  ? -10.638 2.471   3.244   1.00 21.34 ? 128 THR A N   1 
ATOM   22   C  CA  . THR A 1 18  ? -9.508  2.490   4.165   1.00 19.73 ? 128 THR A CA  1 
ATOM   23   C  C   . THR A 1 18  ? -8.408  1.573   3.619   1.00 18.02 ? 128 THR A C   1 
ATOM   24   O  O   . THR A 1 18  ? -8.636  0.385   3.384   1.00 17.45 ? 128 THR A O   1 
ATOM   25   C  CB  . THR A 1 18  ? -9.950  2.002   5.556   1.00 17.53 ? 128 THR A CB  1 
ATOM   26   O  OG1 . THR A 1 18  ? -11.004 2.851   6.027   1.00 19.30 ? 128 THR A OG1 1 
ATOM   27   C  CG2 . THR A 1 18  ? -8.787  2.003   6.539   1.00 16.27 ? 128 THR A CG2 1 
ATOM   28   N  N   . ILE A 1 19  ? -7.216  2.138   3.457   1.00 15.88 ? 129 ILE A N   1 
ATOM   29   C  CA  . ILE A 1 19  ? -6.064  1.421   2.933   1.00 14.48 ? 129 ILE A CA  1 
ATOM   30   C  C   . ILE A 1 19  ? -4.876  1.517   3.891   1.00 12.15 ? 129 ILE A C   1 
ATOM   31   O  O   . ILE A 1 19  ? -4.450  2.621   4.240   1.00 13.67 ? 129 ILE A O   1 
ATOM   32   C  CB  . ILE A 1 19  ? -5.632  2.038   1.578   1.00 12.04 ? 129 ILE A CB  1 
ATOM   33   C  CG1 . ILE A 1 19  ? -6.714  1.824   0.540   1.00 11.27 ? 129 ILE A CG1 1 
ATOM   34   C  CG2 . ILE A 1 19  ? -4.310  1.456   1.110   1.00 13.46 ? 129 ILE A CG2 1 
ATOM   35   C  CD1 . ILE A 1 19  ? -6.524  2.658   -0.687  1.00 11.43 ? 129 ILE A CD1 1 
ATOM   36   N  N   . GLU A 1 20  ? -4.344  0.372   4.299   1.00 10.82 ? 130 GLU A N   1 
ATOM   37   C  CA  . GLU A 1 20  ? -3.177  0.325   5.168   1.00 12.16 ? 130 GLU A CA  1 
ATOM   38   C  C   . GLU A 1 20  ? -1.906  0.292   4.295   1.00 14.46 ? 130 GLU A C   1 
ATOM   39   O  O   . GLU A 1 20  ? -1.909  -0.268  3.192   1.00 16.66 ? 130 GLU A O   1 
ATOM   40   C  CB  . GLU A 1 20  ? -3.284  -0.879  6.112   1.00 13.42 ? 130 GLU A CB  1 
ATOM   41   C  CG  . GLU A 1 20  ? -4.627  -0.857  6.901   1.00 15.43 ? 130 GLU A CG  1 
ATOM   42   C  CD  . GLU A 1 20  ? -4.784  -1.976  7.929   1.00 14.91 ? 130 GLU A CD  1 
ATOM   43   O  OE1 . GLU A 1 20  ? -4.289  -3.093  7.699   1.00 16.23 ? 130 GLU A OE1 1 
ATOM   44   O  OE2 . GLU A 1 20  ? -5.457  -1.754  8.971   1.00 12.48 ? 130 GLU A OE2 1 
ATOM   45   N  N   . VAL A 1 21  ? -0.845  0.955   4.744   1.00 15.00 ? 131 VAL A N   1 
ATOM   46   C  CA  . VAL A 1 21  ? 0.397   1.017   3.976   1.00 10.18 ? 131 VAL A CA  1 
ATOM   47   C  C   . VAL A 1 21  ? 1.620   0.719   4.860   1.00 13.29 ? 131 VAL A C   1 
ATOM   48   O  O   . VAL A 1 21  ? 1.780   1.306   5.934   1.00 13.47 ? 131 VAL A O   1 
ATOM   49   C  CB  . VAL A 1 21  ? 0.590   2.431   3.338   1.00 12.14 ? 131 VAL A CB  1 
ATOM   50   C  CG1 . VAL A 1 21  ? 1.835   2.470   2.448   1.00 10.81 ? 131 VAL A CG1 1 
ATOM   51   C  CG2 . VAL A 1 21  ? -0.648  2.853   2.550   1.00 5.78  ? 131 VAL A CG2 1 
ATOM   52   N  N   . VAL A 1 22  ? 2.447   -0.230  4.442   1.00 10.13 ? 132 VAL A N   1 
ATOM   53   C  CA  . VAL A 1 22  ? 3.666   -0.540  5.177   1.00 11.68 ? 132 VAL A CA  1 
ATOM   54   C  C   . VAL A 1 22  ? 4.860   -0.308  4.223   1.00 14.12 ? 132 VAL A C   1 
ATOM   55   O  O   . VAL A 1 22  ? 5.002   -1.022  3.227   1.00 17.17 ? 132 VAL A O   1 
ATOM   56   C  CB  . VAL A 1 22  ? 3.710   -2.009  5.650   1.00 10.01 ? 132 VAL A CB  1 
ATOM   57   C  CG1 . VAL A 1 22  ? 4.917   -2.242  6.540   1.00 6.01  ? 132 VAL A CG1 1 
ATOM   58   C  CG2 . VAL A 1 22  ? 2.420   -2.384  6.369   1.00 9.17  ? 132 VAL A CG2 1 
ATOM   59   N  N   . SER A 1 23  ? 5.700   0.688   4.484   1.00 13.63 ? 133 SER A N   1 
ATOM   60   C  CA  . SER A 1 23  ? 6.848   0.904   3.605   1.00 14.32 ? 133 SER A CA  1 
ATOM   61   C  C   . SER A 1 23  ? 7.984   -0.070  3.943   1.00 16.00 ? 133 SER A C   1 
ATOM   62   O  O   . SER A 1 23  ? 8.483   -0.111  5.080   1.00 15.21 ? 133 SER A O   1 
ATOM   63   C  CB  . SER A 1 23  ? 7.345   2.351   3.670   1.00 14.81 ? 133 SER A CB  1 
ATOM   64   O  OG  . SER A 1 23  ? 7.788   2.709   4.969   1.00 13.45 ? 133 SER A OG  1 
ATOM   65   N  N   . MET A 1 24  ? 8.371   -0.870  2.953   1.00 15.52 ? 134 MET A N   1 
ATOM   66   C  CA  . MET A 1 24  ? 9.425   -1.856  3.134   1.00 13.68 ? 134 MET A CA  1 
ATOM   67   C  C   . MET A 1 24  ? 10.690  -1.413  2.447   1.00 12.54 ? 134 MET A C   1 
ATOM   68   O  O   . MET A 1 24  ? 10.711  -0.427  1.720   1.00 8.59  ? 134 MET A O   1 
ATOM   69   C  CB  . MET A 1 24  ? 8.992   -3.206  2.581   1.00 13.93 ? 134 MET A CB  1 
ATOM   70   C  CG  . MET A 1 24  ? 7.698   -3.682  3.180   1.00 12.77 ? 134 MET A CG  1 
ATOM   71   S  SD  . MET A 1 24  ? 7.360   -5.298  2.580   1.00 14.97 ? 134 MET A SD  1 
ATOM   72   C  CE  . MET A 1 24  ? 6.449   -6.033  3.983   1.00 17.17 ? 134 MET A CE  1 
ATOM   73   N  N   . ASP A 1 25  ? 11.771  -2.119  2.698   1.00 15.12 ? 135 ASP A N   1 
ATOM   74   C  CA  . ASP A 1 25  ? 12.988  -1.710  2.060   1.00 19.09 ? 135 ASP A CA  1 
ATOM   75   C  C   . ASP A 1 25  ? 12.953  -1.906  0.560   1.00 21.54 ? 135 ASP A C   1 
ATOM   76   O  O   . ASP A 1 25  ? 13.086  -3.014  0.023   1.00 17.62 ? 135 ASP A O   1 
ATOM   77   C  CB  . ASP A 1 25  ? 14.246  -2.261  2.736   1.00 19.83 ? 135 ASP A CB  1 
ATOM   78   C  CG  . ASP A 1 25  ? 14.987  -1.179  3.529   1.00 21.91 ? 135 ASP A CG  1 
ATOM   79   O  OD1 . ASP A 1 25  ? 14.531  -0.009  3.499   1.00 19.24 ? 135 ASP A OD1 1 
ATOM   80   O  OD2 . ASP A 1 25  ? 16.033  -1.480  4.156   1.00 25.79 ? 135 ASP A OD2 1 
ATOM   81   N  N   . TRP A 1 26  ? 12.497  -0.803  -0.027  1.00 22.49 ? 136 TRP A N   1 
ATOM   82   C  CA  . TRP A 1 26  ? 12.374  -0.533  -1.439  1.00 18.18 ? 136 TRP A CA  1 
ATOM   83   C  C   . TRP A 1 26  ? 11.189  -0.994  -2.271  1.00 17.98 ? 136 TRP A C   1 
ATOM   84   O  O   . TRP A 1 26  ? 11.284  -1.142  -3.498  1.00 17.10 ? 136 TRP A O   1 
ATOM   85   C  CB  . TRP A 1 26  ? 13.738  -0.705  -2.077  1.00 22.89 ? 136 TRP A CB  1 
ATOM   86   C  CG  . TRP A 1 26  ? 14.819  -0.254  -1.091  1.00 20.15 ? 136 TRP A CG  1 
ATOM   87   C  CD1 . TRP A 1 26  ? 14.912  0.970   -0.459  1.00 19.38 ? 136 TRP A CD1 1 
ATOM   88   C  CD2 . TRP A 1 26  ? 15.892  -1.054  -0.571  1.00 20.15 ? 136 TRP A CD2 1 
ATOM   89   N  NE1 . TRP A 1 26  ? 15.981  0.964   0.423   1.00 16.45 ? 136 TRP A NE1 1 
ATOM   90   C  CE2 . TRP A 1 26  ? 16.601  -0.257  0.366   1.00 18.86 ? 136 TRP A CE2 1 
ATOM   91   C  CE3 . TRP A 1 26  ? 16.330  -2.365  -0.813  1.00 16.21 ? 136 TRP A CE3 1 
ATOM   92   C  CZ2 . TRP A 1 26  ? 17.714  -0.736  1.065   1.00 18.25 ? 136 TRP A CZ2 1 
ATOM   93   C  CZ3 . TRP A 1 26  ? 17.433  -2.838  -0.120  1.00 17.09 ? 136 TRP A CZ3 1 
ATOM   94   C  CH2 . TRP A 1 26  ? 18.118  -2.023  0.802   1.00 18.90 ? 136 TRP A CH2 1 
ATOM   95   N  N   . LYS A 1 27  ? 10.038  -1.042  -1.600  1.00 15.28 ? 137 LYS A N   1 
ATOM   96   C  CA  . LYS A 1 27  ? 8.735   -1.359  -2.183  1.00 13.49 ? 137 LYS A CA  1 
ATOM   97   C  C   . LYS A 1 27  ? 7.632   -1.064  -1.151  1.00 13.63 ? 137 LYS A C   1 
ATOM   98   O  O   . LYS A 1 27  ? 7.893   -1.075  0.047   1.00 13.10 ? 137 LYS A O   1 
ATOM   99   C  CB  . LYS A 1 27  ? 8.640   -2.814  -2.705  1.00 13.60 ? 137 LYS A CB  1 
ATOM   100  C  CG  . LYS A 1 27  ? 8.487   -3.939  -1.678  1.00 4.68  ? 137 LYS A CG  1 
ATOM   101  C  CD  . LYS A 1 27  ? 9.835   -4.388  -1.179  1.00 2.23  ? 137 LYS A CD  1 
ATOM   102  C  CE  . LYS A 1 27  ? 9.716   -5.650  -0.419  1.00 2.00  ? 137 LYS A CE  1 
ATOM   103  N  NZ  . LYS A 1 27  ? 11.025  -6.330  -0.269  1.00 5.88  ? 137 LYS A NZ  1 
ATOM   104  N  N   . TRP A 1 28  ? 6.410   -0.835  -1.623  1.00 13.53 ? 138 TRP A N   1 
ATOM   105  C  CA  . TRP A 1 28  ? 5.260   -0.530  -0.776  1.00 14.27 ? 138 TRP A CA  1 
ATOM   106  C  C   . TRP A 1 28  ? 4.294   -1.715  -0.621  1.00 17.12 ? 138 TRP A C   1 
ATOM   107  O  O   . TRP A 1 28  ? 3.804   -2.252  -1.626  1.00 15.63 ? 138 TRP A O   1 
ATOM   108  C  CB  . TRP A 1 28  ? 4.464   0.651   -1.387  1.00 11.55 ? 138 TRP A CB  1 
ATOM   109  C  CG  . TRP A 1 28  ? 5.304   1.872   -1.666  1.00 15.13 ? 138 TRP A CG  1 
ATOM   110  C  CD1 . TRP A 1 28  ? 5.930   2.187   -2.835  1.00 12.86 ? 138 TRP A CD1 1 
ATOM   111  C  CD2 . TRP A 1 28  ? 5.656   2.911   -0.730  1.00 17.23 ? 138 TRP A CD2 1 
ATOM   112  N  NE1 . TRP A 1 28  ? 6.662   3.352   -2.686  1.00 14.22 ? 138 TRP A NE1 1 
ATOM   113  C  CE2 . TRP A 1 28  ? 6.510   3.816   -1.406  1.00 17.02 ? 138 TRP A CE2 1 
ATOM   114  C  CE3 . TRP A 1 28  ? 5.342   3.154   0.620   1.00 19.30 ? 138 TRP A CE3 1 
ATOM   115  C  CZ2 . TRP A 1 28  ? 7.054   4.947   -0.779  1.00 17.12 ? 138 TRP A CZ2 1 
ATOM   116  C  CZ3 . TRP A 1 28  ? 5.893   4.280   1.241   1.00 20.62 ? 138 TRP A CZ3 1 
ATOM   117  C  CH2 . TRP A 1 28  ? 6.739   5.161   0.537   1.00 17.34 ? 138 TRP A CH2 1 
ATOM   118  N  N   . PHE A 1 29  ? 3.991   -2.100  0.620   1.00 15.68 ? 139 PHE A N   1 
ATOM   119  C  CA  . PHE A 1 29  ? 3.052   -3.192  0.872   1.00 14.34 ? 139 PHE A CA  1 
ATOM   120  C  C   . PHE A 1 29  ? 1.728   -2.523  1.231   1.00 13.75 ? 139 PHE A C   1 
ATOM   121  O  O   . PHE A 1 29  ? 1.701   -1.647  2.076   1.00 18.26 ? 139 PHE A O   1 
ATOM   122  C  CB  . PHE A 1 29  ? 3.515   -4.065  2.026   1.00 15.55 ? 139 PHE A CB  1 
ATOM   123  C  CG  . PHE A 1 29  ? 2.539   -5.170  2.388   1.00 18.27 ? 139 PHE A CG  1 
ATOM   124  C  CD1 . PHE A 1 29  ? 1.873   -5.898  1.395   1.00 17.95 ? 139 PHE A CD1 1 
ATOM   125  C  CD2 . PHE A 1 29  ? 2.276   -5.476  3.737   1.00 15.47 ? 139 PHE A CD2 1 
ATOM   126  C  CE1 . PHE A 1 29  ? 0.965   -6.909  1.737   1.00 15.65 ? 139 PHE A CE1 1 
ATOM   127  C  CE2 . PHE A 1 29  ? 1.377   -6.478  4.083   1.00 14.06 ? 139 PHE A CE2 1 
ATOM   128  C  CZ  . PHE A 1 29  ? 0.715   -7.201  3.082   1.00 14.74 ? 139 PHE A CZ  1 
ATOM   129  N  N   . PHE A 1 30  ? 0.636   -2.929  0.598   1.00 10.57 ? 140 PHE A N   1 
ATOM   130  C  CA  . PHE A 1 30  ? -0.652  -2.330  0.859   1.00 9.61  ? 140 PHE A CA  1 
ATOM   131  C  C   . PHE A 1 30  ? -1.640  -3.353  1.391   1.00 10.62 ? 140 PHE A C   1 
ATOM   132  O  O   . PHE A 1 30  ? -1.644  -4.492  0.944   1.00 13.27 ? 140 PHE A O   1 
ATOM   133  C  CB  . PHE A 1 30  ? -1.217  -1.733  -0.410  1.00 5.24  ? 140 PHE A CB  1 
ATOM   134  C  CG  . PHE A 1 30  ? -0.394  -0.599  -0.971  1.00 7.86  ? 140 PHE A CG  1 
ATOM   135  C  CD1 . PHE A 1 30  ? -0.655  0.713   -0.604  1.00 10.12 ? 140 PHE A CD1 1 
ATOM   136  C  CD2 . PHE A 1 30  ? 0.602   -0.836  -1.912  1.00 7.31  ? 140 PHE A CD2 1 
ATOM   137  C  CE1 . PHE A 1 30  ? 0.071   1.784   -1.181  1.00 14.08 ? 140 PHE A CE1 1 
ATOM   138  C  CE2 . PHE A 1 30  ? 1.334   0.224   -2.496  1.00 8.84  ? 140 PHE A CE2 1 
ATOM   139  C  CZ  . PHE A 1 30  ? 1.062   1.542   -2.124  1.00 11.22 ? 140 PHE A CZ  1 
ATOM   140  N  N   . ILE A 1 31  ? -2.482  -2.954  2.345   1.00 8.18  ? 141 ILE A N   1 
ATOM   141  C  CA  . ILE A 1 31  ? -3.470  -3.879  2.884   1.00 5.72  ? 141 ILE A CA  1 
ATOM   142  C  C   . ILE A 1 31  ? -4.847  -3.272  2.782   1.00 8.03  ? 141 ILE A C   1 
ATOM   143  O  O   . ILE A 1 31  ? -5.007  -2.057  2.857   1.00 7.37  ? 141 ILE A O   1 
ATOM   144  C  CB  . ILE A 1 31  ? -3.203  -4.243  4.343   1.00 5.26  ? 141 ILE A CB  1 
ATOM   145  C  CG1 . ILE A 1 31  ? -1.784  -4.794  4.511   1.00 5.56  ? 141 ILE A CG1 1 
ATOM   146  C  CG2 . ILE A 1 31  ? -4.250  -5.242  4.825   1.00 5.66  ? 141 ILE A CG2 1 
ATOM   147  C  CD1 . ILE A 1 31  ? -1.354  -5.008  5.972   1.00 6.78  ? 141 ILE A CD1 1 
ATOM   148  N  N   . TYR A 1 32  ? -5.833  -4.125  2.518   1.00 11.55 ? 142 TYR A N   1 
ATOM   149  C  CA  . TYR A 1 32  ? -7.222  -3.697  2.414   1.00 12.94 ? 142 TYR A CA  1 
ATOM   150  C  C   . TYR A 1 32  ? -7.939  -4.539  3.450   1.00 14.16 ? 142 TYR A C   1 
ATOM   151  O  O   . TYR A 1 32  ? -8.614  -5.539  3.111   1.00 16.62 ? 142 TYR A O   1 
ATOM   152  C  CB  . TYR A 1 32  ? -7.819  -3.957  1.024   1.00 8.60  ? 142 TYR A CB  1 
ATOM   153  C  CG  . TYR A 1 32  ? -7.401  -2.965  -0.044  1.00 7.83  ? 142 TYR A CG  1 
ATOM   154  C  CD1 . TYR A 1 32  ? -6.087  -2.944  -0.539  1.00 6.40  ? 142 TYR A CD1 1 
ATOM   155  C  CD2 . TYR A 1 32  ? -8.323  -2.081  -0.605  1.00 6.05  ? 142 TYR A CD2 1 
ATOM   156  C  CE1 . TYR A 1 32  ? -5.719  -2.080  -1.574  1.00 3.82  ? 142 TYR A CE1 1 
ATOM   157  C  CE2 . TYR A 1 32  ? -7.944  -1.218  -1.640  1.00 2.00  ? 142 TYR A CE2 1 
ATOM   158  C  CZ  . TYR A 1 32  ? -6.653  -1.220  -2.111  1.00 2.66  ? 142 TYR A CZ  1 
ATOM   159  O  OH  . TYR A 1 32  ? -6.266  -0.344  -3.127  1.00 6.65  ? 142 TYR A OH  1 
ATOM   160  N  N   . PRO A 1 33  ? -7.820  -4.135  4.733   1.00 14.17 ? 143 PRO A N   1 
ATOM   161  C  CA  . PRO A 1 33  ? -8.415  -4.788  5.900   1.00 12.74 ? 143 PRO A CA  1 
ATOM   162  C  C   . PRO A 1 33  ? -9.880  -5.181  5.721   1.00 12.55 ? 143 PRO A C   1 
ATOM   163  O  O   . PRO A 1 33  ? -10.278 -6.266  6.113   1.00 13.82 ? 143 PRO A O   1 
ATOM   164  C  CB  . PRO A 1 33  ? -8.229  -3.741  7.002   1.00 14.41 ? 143 PRO A CB  1 
ATOM   165  C  CG  . PRO A 1 33  ? -8.122  -2.419  6.239   1.00 9.37  ? 143 PRO A CG  1 
ATOM   166  C  CD  . PRO A 1 33  ? -7.236  -2.835  5.117   1.00 13.08 ? 143 PRO A CD  1 
ATOM   167  N  N   . GLU A 1 34  ? -10.669 -4.300  5.114   1.00 14.62 ? 144 GLU A N   1 
ATOM   168  C  CA  . GLU A 1 34  ? -12.098 -4.547  4.890   1.00 19.31 ? 144 GLU A CA  1 
ATOM   169  C  C   . GLU A 1 34  ? -12.354 -5.766  3.991   1.00 20.96 ? 144 GLU A C   1 
ATOM   170  O  O   . GLU A 1 34  ? -13.075 -6.710  4.389   1.00 20.46 ? 144 GLU A O   1 
ATOM   171  C  CB  . GLU A 1 34  ? -12.776 -3.323  4.245   1.00 18.44 ? 144 GLU A CB  1 
ATOM   172  C  CG  . GLU A 1 34  ? -12.324 -1.986  4.769   1.00 26.31 ? 144 GLU A CG  1 
ATOM   173  C  CD  . GLU A 1 34  ? -11.323 -1.303  3.847   1.00 29.25 ? 144 GLU A CD  1 
ATOM   174  O  OE1 . GLU A 1 34  ? -10.180 -1.803  3.722   1.00 28.14 ? 144 GLU A OE1 1 
ATOM   175  O  OE2 . GLU A 1 34  ? -11.684 -0.264  3.247   1.00 28.53 ? 144 GLU A OE2 1 
ATOM   176  N  N   . GLN A 1 35  ? -11.765 -5.728  2.788   1.00 19.38 ? 145 GLN A N   1 
ATOM   177  C  CA  . GLN A 1 35  ? -11.918 -6.780  1.786   1.00 18.97 ? 145 GLN A CA  1 
ATOM   178  C  C   . GLN A 1 35  ? -11.058 -8.025  1.970   1.00 16.77 ? 145 GLN A C   1 
ATOM   179  O  O   . GLN A 1 35  ? -11.380 -9.072  1.417   1.00 18.83 ? 145 GLN A O   1 
ATOM   180  C  CB  . GLN A 1 35  ? -11.683 -6.215  0.383   1.00 18.97 ? 145 GLN A CB  1 
ATOM   181  C  CG  . GLN A 1 35  ? -12.640 -5.095  -0.021  1.00 20.56 ? 145 GLN A CG  1 
ATOM   182  C  CD  . GLN A 1 35  ? -12.215 -3.751  0.510   1.00 18.44 ? 145 GLN A CD  1 
ATOM   183  O  OE1 . GLN A 1 35  ? -11.227 -3.643  1.231   1.00 21.63 ? 145 GLN A OE1 1 
ATOM   184  N  NE2 . GLN A 1 35  ? -12.963 -2.711  0.160   1.00 16.85 ? 145 GLN A NE2 1 
ATOM   185  N  N   . GLY A 1 36  ? -9.963  -7.924  2.712   1.00 13.69 ? 146 GLY A N   1 
ATOM   186  C  CA  . GLY A 1 36  ? -9.123  -9.094  2.919   1.00 13.58 ? 146 GLY A CA  1 
ATOM   187  C  C   . GLY A 1 36  ? -8.154  -9.416  1.791   1.00 14.56 ? 146 GLY A C   1 
ATOM   188  O  O   . GLY A 1 36  ? -7.928  -10.579 1.474   1.00 12.60 ? 146 GLY A O   1 
ATOM   189  N  N   . ILE A 1 37  ? -7.585  -8.379  1.183   1.00 16.20 ? 147 ILE A N   1 
ATOM   190  C  CA  . ILE A 1 37  ? -6.620  -8.526  0.094   1.00 15.38 ? 147 ILE A CA  1 
ATOM   191  C  C   . ILE A 1 37  ? -5.412  -7.632  0.395   1.00 17.74 ? 147 ILE A C   1 
ATOM   192  O  O   . ILE A 1 37  ? -5.494  -6.714  1.242   1.00 16.34 ? 147 ILE A O   1 
ATOM   193  C  CB  . ILE A 1 37  ? -7.228  -8.119  -1.267  1.00 17.33 ? 147 ILE A CB  1 
ATOM   194  C  CG1 . ILE A 1 37  ? -7.768  -6.687  -1.220  1.00 12.96 ? 147 ILE A CG1 1 
ATOM   195  C  CG2 . ILE A 1 37  ? -8.349  -9.089  -1.657  1.00 16.08 ? 147 ILE A CG2 1 
ATOM   196  C  CD1 . ILE A 1 37  ? -8.219  -6.168  -2.559  1.00 14.45 ? 147 ILE A CD1 1 
ATOM   197  N  N   . ALA A 1 38  ? -4.290  -7.926  -0.257  1.00 14.91 ? 148 ALA A N   1 
ATOM   198  C  CA  . ALA A 1 38  ? -3.057  -7.171  -0.061  1.00 13.68 ? 148 ALA A CA  1 
ATOM   199  C  C   . ALA A 1 38  ? -2.378  -7.032  -1.414  1.00 15.04 ? 148 ALA A C   1 
ATOM   200  O  O   . ALA A 1 38  ? -2.717  -7.763  -2.333  1.00 18.38 ? 148 ALA A O   1 
ATOM   201  C  CB  . ALA A 1 38  ? -2.147  -7.908  0.930   1.00 11.05 ? 148 ALA A CB  1 
ATOM   202  N  N   . THR A 1 39  ? -1.484  -6.054  -1.570  1.00 15.53 ? 149 THR A N   1 
ATOM   203  C  CA  . THR A 1 39  ? -0.782  -5.853  -2.836  1.00 12.86 ? 149 THR A CA  1 
ATOM   204  C  C   . THR A 1 39  ? 0.631   -5.291  -2.642  1.00 13.64 ? 149 THR A C   1 
ATOM   205  O  O   . THR A 1 39  ? 1.070   -4.998  -1.531  1.00 14.56 ? 149 THR A O   1 
ATOM   206  C  CB  . THR A 1 39  ? -1.503  -4.853  -3.740  1.00 13.47 ? 149 THR A CB  1 
ATOM   207  O  OG1 . THR A 1 39  ? -1.285  -3.530  -3.231  1.00 15.63 ? 149 THR A OG1 1 
ATOM   208  C  CG2 . THR A 1 39  ? -3.003  -5.137  -3.832  1.00 12.20 ? 149 THR A CG2 1 
ATOM   209  N  N   . VAL A 1 40  ? 1.334   -5.140  -3.751  1.00 12.73 ? 150 VAL A N   1 
ATOM   210  C  CA  . VAL A 1 40  ? 2.687   -4.601  -3.762  1.00 12.46 ? 150 VAL A CA  1 
ATOM   211  C  C   . VAL A 1 40  ? 2.721   -3.623  -4.936  1.00 12.64 ? 150 VAL A C   1 
ATOM   212  O  O   . VAL A 1 40  ? 2.285   -3.965  -6.036  1.00 16.53 ? 150 VAL A O   1 
ATOM   213  C  CB  . VAL A 1 40  ? 3.783   -5.734  -3.971  1.00 9.41  ? 150 VAL A CB  1 
ATOM   214  C  CG1 . VAL A 1 40  ? 5.143   -5.140  -4.230  1.00 6.16  ? 150 VAL A CG1 1 
ATOM   215  C  CG2 . VAL A 1 40  ? 3.858   -6.655  -2.748  1.00 6.84  ? 150 VAL A CG2 1 
ATOM   216  N  N   . ASN A 1 41  ? 3.120   -2.386  -4.656  1.00 10.97 ? 151 ASN A N   1 
ATOM   217  C  CA  . ASN A 1 41  ? 3.271   -1.309  -5.635  1.00 9.75  ? 151 ASN A CA  1 
ATOM   218  C  C   . ASN A 1 41  ? 2.110   -0.921  -6.547  1.00 11.54 ? 151 ASN A C   1 
ATOM   219  O  O   . ASN A 1 41  ? 2.324   -0.327  -7.609  1.00 13.64 ? 151 ASN A O   1 
ATOM   220  C  CB  . ASN A 1 41  ? 4.567   -1.489  -6.451  1.00 10.30 ? 151 ASN A CB  1 
ATOM   221  C  CG  . ASN A 1 41  ? 5.817   -1.426  -5.587  1.00 9.41  ? 151 ASN A CG  1 
ATOM   222  O  OD1 . ASN A 1 41  ? 5.737   -1.169  -4.393  1.00 12.16 ? 151 ASN A OD1 1 
ATOM   223  N  ND2 . ASN A 1 41  ? 6.974   -1.685  -6.184  1.00 7.09  ? 151 ASN A ND2 1 
ATOM   224  N  N   . GLU A 1 42  ? 0.886   -1.215  -6.124  1.00 13.46 ? 152 GLU A N   1 
ATOM   225  C  CA  . GLU A 1 42  ? -0.289  -0.833  -6.897  1.00 12.84 ? 152 GLU A CA  1 
ATOM   226  C  C   . GLU A 1 42  ? -1.565  -0.855  -6.065  1.00 14.04 ? 152 GLU A C   1 
ATOM   227  O  O   . GLU A 1 42  ? -1.828  -1.821  -5.335  1.00 8.87  ? 152 GLU A O   1 
ATOM   228  C  CB  . GLU A 1 42  ? -0.488  -1.717  -8.115  1.00 17.67 ? 152 GLU A CB  1 
ATOM   229  C  CG  . GLU A 1 42  ? -1.704  -1.304  -8.956  1.00 20.53 ? 152 GLU A CG  1 
ATOM   230  C  CD  . GLU A 1 42  ? -1.967  -2.251  -10.104 1.00 22.85 ? 152 GLU A CD  1 
ATOM   231  O  OE1 . GLU A 1 42  ? -1.098  -2.355  -10.994 1.00 26.06 ? 152 GLU A OE1 1 
ATOM   232  O  OE2 . GLU A 1 42  ? -3.035  -2.894  -10.114 1.00 21.87 ? 152 GLU A OE2 1 
ATOM   233  N  N   . ILE A 1 43  ? -2.366  0.206   -6.224  1.00 11.08 ? 153 ILE A N   1 
ATOM   234  C  CA  . ILE A 1 43  ? -3.621  0.359   -5.511  1.00 8.24  ? 153 ILE A CA  1 
ATOM   235  C  C   . ILE A 1 43  ? -4.632  0.937   -6.465  1.00 7.27  ? 153 ILE A C   1 
ATOM   236  O  O   . ILE A 1 43  ? -4.270  1.581   -7.447  1.00 6.47  ? 153 ILE A O   1 
ATOM   237  C  CB  . ILE A 1 43  ? -3.511  1.327   -4.286  1.00 11.01 ? 153 ILE A CB  1 
ATOM   238  C  CG1 . ILE A 1 43  ? -2.668  2.555   -4.645  1.00 12.87 ? 153 ILE A CG1 1 
ATOM   239  C  CG2 . ILE A 1 43  ? -2.983  0.592   -3.051  1.00 11.92 ? 153 ILE A CG2 1 
ATOM   240  C  CD1 . ILE A 1 43  ? -2.586  3.598   -3.550  1.00 14.58 ? 153 ILE A CD1 1 
ATOM   241  N  N   . ALA A 1 44  ? -5.906  0.676   -6.187  1.00 7.98  ? 154 ALA A N   1 
ATOM   242  C  CA  . ALA A 1 44  ? -6.997  1.193   -6.999  1.00 8.86  ? 154 ALA A CA  1 
ATOM   243  C  C   . ALA A 1 44  ? -8.070  1.607   -6.028  1.00 9.85  ? 154 ALA A C   1 
ATOM   244  O  O   . ALA A 1 44  ? -8.083  1.150   -4.876  1.00 8.87  ? 154 ALA A O   1 
ATOM   245  C  CB  . ALA A 1 44  ? -7.539  0.115   -7.958  1.00 11.44 ? 154 ALA A CB  1 
ATOM   246  N  N   . PHE A 1 45  ? -8.936  2.507   -6.469  1.00 9.55  ? 155 PHE A N   1 
ATOM   247  C  CA  . PHE A 1 45  ? -10.037 2.991   -5.640  1.00 8.19  ? 155 PHE A CA  1 
ATOM   248  C  C   . PHE A 1 45  ? -10.849 3.951   -6.475  1.00 3.27  ? 155 PHE A C   1 
ATOM   249  O  O   . PHE A 1 45  ? -10.313 4.672   -7.315  1.00 5.11  ? 155 PHE A O   1 
ATOM   250  C  CB  . PHE A 1 45  ? -9.526  3.695   -4.351  1.00 7.84  ? 155 PHE A CB  1 
ATOM   251  C  CG  . PHE A 1 45  ? -8.494  4.756   -4.604  1.00 5.64  ? 155 PHE A CG  1 
ATOM   252  C  CD1 . PHE A 1 45  ? -8.860  5.989   -5.142  1.00 7.12  ? 155 PHE A CD1 1 
ATOM   253  C  CD2 . PHE A 1 45  ? -7.146  4.500   -4.357  1.00 7.70  ? 155 PHE A CD2 1 
ATOM   254  C  CE1 . PHE A 1 45  ? -7.907  6.952   -5.441  1.00 4.75  ? 155 PHE A CE1 1 
ATOM   255  C  CE2 . PHE A 1 45  ? -6.180  5.458   -4.654  1.00 5.60  ? 155 PHE A CE2 1 
ATOM   256  C  CZ  . PHE A 1 45  ? -6.569  6.689   -5.201  1.00 7.20  ? 155 PHE A CZ  1 
ATOM   257  N  N   . PRO A 1 46  ? -12.148 4.023   -6.213  1.00 4.04  ? 156 PRO A N   1 
ATOM   258  C  CA  . PRO A 1 46  ? -12.997 4.933   -6.986  1.00 5.96  ? 156 PRO A CA  1 
ATOM   259  C  C   . PRO A 1 46  ? -12.580 6.408   -6.898  1.00 12.12 ? 156 PRO A C   1 
ATOM   260  O  O   . PRO A 1 46  ? -11.974 6.864   -5.896  1.00 15.58 ? 156 PRO A O   1 
ATOM   261  C  CB  . PRO A 1 46  ? -14.395 4.694   -6.400  1.00 3.57  ? 156 PRO A CB  1 
ATOM   262  C  CG  . PRO A 1 46  ? -14.295 3.341   -5.714  1.00 5.09  ? 156 PRO A CG  1 
ATOM   263  C  CD  . PRO A 1 46  ? -12.907 3.349   -5.144  1.00 2.00  ? 156 PRO A CD  1 
ATOM   264  N  N   . ALA A 1 47  ? -12.845 7.118   -7.993  1.00 11.78 ? 157 ALA A N   1 
ATOM   265  C  CA  . ALA A 1 47  ? -12.563 8.527   -8.116  1.00 10.25 ? 157 ALA A CA  1 
ATOM   266  C  C   . ALA A 1 47  ? -13.658 9.276   -7.341  1.00 12.54 ? 157 ALA A C   1 
ATOM   267  O  O   . ALA A 1 47  ? -14.732 8.712   -7.073  1.00 11.76 ? 157 ALA A O   1 
ATOM   268  C  CB  . ALA A 1 47  ? -12.591 8.908   -9.583  1.00 5.89  ? 157 ALA A CB  1 
ATOM   269  N  N   . ASN A 1 48  ? -13.383 10.535  -6.995  1.00 12.17 ? 158 ASN A N   1 
ATOM   270  C  CA  . ASN A 1 48  ? -14.309 11.363  -6.235  1.00 14.37 ? 158 ASN A CA  1 
ATOM   271  C  C   . ASN A 1 48  ? -14.878 10.609  -5.028  1.00 14.31 ? 158 ASN A C   1 
ATOM   272  O  O   . ASN A 1 48  ? -16.060 10.710  -4.697  1.00 13.63 ? 158 ASN A O   1 
ATOM   273  C  CB  . ASN A 1 48  ? -15.410 11.861  -7.163  1.00 19.32 ? 158 ASN A CB  1 
ATOM   274  C  CG  . ASN A 1 48  ? -14.864 12.745  -8.258  1.00 22.97 ? 158 ASN A CG  1 
ATOM   275  O  OD1 . ASN A 1 48  ? -14.337 13.828  -7.991  1.00 30.54 ? 158 ASN A OD1 1 
ATOM   276  N  ND2 . ASN A 1 48  ? -14.910 12.262  -9.486  1.00 24.95 ? 158 ASN A ND2 1 
ATOM   277  N  N   . THR A 1 49  ? -14.001 9.868   -4.362  1.00 16.07 ? 159 THR A N   1 
ATOM   278  C  CA  . THR A 1 49  ? -14.370 9.047   -3.217  1.00 16.12 ? 159 THR A CA  1 
ATOM   279  C  C   . THR A 1 49  ? -13.264 9.222   -2.167  1.00 16.50 ? 159 THR A C   1 
ATOM   280  O  O   . THR A 1 49  ? -12.067 9.258   -2.500  1.00 16.14 ? 159 THR A O   1 
ATOM   281  C  CB  . THR A 1 49  ? -14.517 7.558   -3.666  1.00 16.07 ? 159 THR A CB  1 
ATOM   282  O  OG1 . THR A 1 49  ? -15.508 7.472   -4.698  1.00 18.53 ? 159 THR A OG1 1 
ATOM   283  C  CG2 . THR A 1 49  ? -14.929 6.658   -2.532  1.00 13.70 ? 159 THR A CG2 1 
ATOM   284  N  N   . PRO A 1 50  ? -13.650 9.371   -0.890  1.00 14.88 ? 160 PRO A N   1 
ATOM   285  C  CA  . PRO A 1 50  ? -12.646 9.553   0.161   1.00 15.52 ? 160 PRO A CA  1 
ATOM   286  C  C   . PRO A 1 50  ? -11.833 8.306   0.452   1.00 14.31 ? 160 PRO A C   1 
ATOM   287  O  O   . PRO A 1 50  ? -12.394 7.215   0.593   1.00 12.86 ? 160 PRO A O   1 
ATOM   288  C  CB  . PRO A 1 50  ? -13.490 9.951   1.391   1.00 15.96 ? 160 PRO A CB  1 
ATOM   289  C  CG  . PRO A 1 50  ? -14.822 10.399  0.834   1.00 16.85 ? 160 PRO A CG  1 
ATOM   290  C  CD  . PRO A 1 50  ? -15.013 9.427   -0.335  1.00 13.99 ? 160 PRO A CD  1 
ATOM   291  N  N   . VAL A 1 51  ? -10.529 8.491   0.610   1.00 14.66 ? 161 VAL A N   1 
ATOM   292  C  CA  . VAL A 1 51  ? -9.612  7.400   0.920   1.00 17.20 ? 161 VAL A CA  1 
ATOM   293  C  C   . VAL A 1 51  ? -8.788  7.740   2.164   1.00 17.68 ? 161 VAL A C   1 
ATOM   294  O  O   . VAL A 1 51  ? -8.203  8.830   2.254   1.00 15.79 ? 161 VAL A O   1 
ATOM   295  C  CB  . VAL A 1 51  ? -8.617  7.136   -0.232  1.00 17.68 ? 161 VAL A CB  1 
ATOM   296  C  CG1 . VAL A 1 51  ? -7.625  6.034   0.166   1.00 15.07 ? 161 VAL A CG1 1 
ATOM   297  C  CG2 . VAL A 1 51  ? -9.382  6.749   -1.506  1.00 20.04 ? 161 VAL A CG2 1 
ATOM   298  N  N   . TYR A 1 52  ? -8.726  6.796   3.104   1.00 18.81 ? 162 TYR A N   1 
ATOM   299  C  CA  . TYR A 1 52  ? -7.983  6.968   4.341   1.00 17.05 ? 162 TYR A CA  1 
ATOM   300  C  C   . TYR A 1 52  ? -6.848  5.968   4.399   1.00 12.81 ? 162 TYR A C   1 
ATOM   301  O  O   . TYR A 1 52  ? -7.048  4.759   4.481   1.00 7.23  ? 162 TYR A O   1 
ATOM   302  C  CB  . TYR A 1 52  ? -8.912  6.820   5.552   1.00 22.81 ? 162 TYR A CB  1 
ATOM   303  C  CG  . TYR A 1 52  ? -10.168 7.653   5.394   1.00 34.82 ? 162 TYR A CG  1 
ATOM   304  C  CD1 . TYR A 1 52  ? -10.133 8.862   4.690   1.00 40.28 ? 162 TYR A CD1 1 
ATOM   305  C  CD2 . TYR A 1 52  ? -11.394 7.234   5.909   1.00 37.54 ? 162 TYR A CD2 1 
ATOM   306  C  CE1 . TYR A 1 52  ? -11.273 9.632   4.501   1.00 42.27 ? 162 TYR A CE1 1 
ATOM   307  C  CE2 . TYR A 1 52  ? -12.549 8.008   5.726   1.00 39.77 ? 162 TYR A CE2 1 
ATOM   308  C  CZ  . TYR A 1 52  ? -12.476 9.202   5.019   1.00 41.88 ? 162 TYR A CZ  1 
ATOM   309  O  OH  . TYR A 1 52  ? -13.597 9.987   4.826   1.00 45.19 ? 162 TYR A OH  1 
ATOM   310  N  N   . PHE A 1 53  ? -5.648  6.513   4.348   1.00 13.55 ? 163 PHE A N   1 
ATOM   311  C  CA  . PHE A 1 53  ? -4.422  5.750   4.404   1.00 13.34 ? 163 PHE A CA  1 
ATOM   312  C  C   . PHE A 1 53  ? -3.869  5.686   5.817   1.00 14.70 ? 163 PHE A C   1 
ATOM   313  O  O   . PHE A 1 53  ? -3.583  6.730   6.431   1.00 18.39 ? 163 PHE A O   1 
ATOM   314  C  CB  . PHE A 1 53  ? -3.364  6.425   3.516   1.00 14.15 ? 163 PHE A CB  1 
ATOM   315  C  CG  . PHE A 1 53  ? -3.604  6.264   2.041   1.00 13.42 ? 163 PHE A CG  1 
ATOM   316  C  CD1 . PHE A 1 53  ? -3.393  5.038   1.415   1.00 15.16 ? 163 PHE A CD1 1 
ATOM   317  C  CD2 . PHE A 1 53  ? -3.996  7.338   1.263   1.00 14.76 ? 163 PHE A CD2 1 
ATOM   318  C  CE1 . PHE A 1 53  ? -3.564  4.899   0.024   1.00 13.09 ? 163 PHE A CE1 1 
ATOM   319  C  CE2 . PHE A 1 53  ? -4.166  7.194   -0.129  1.00 13.46 ? 163 PHE A CE2 1 
ATOM   320  C  CZ  . PHE A 1 53  ? -3.945  5.973   -0.739  1.00 7.34  ? 163 PHE A CZ  1 
ATOM   321  N  N   . LYS A 1 54  ? -3.751  4.481   6.359   1.00 11.14 ? 164 LYS A N   1 
ATOM   322  C  CA  . LYS A 1 54  ? -3.166  4.318   7.676   1.00 9.54  ? 164 LYS A CA  1 
ATOM   323  C  C   . LYS A 1 54  ? -1.756  3.862   7.294   1.00 9.03  ? 164 LYS A C   1 
ATOM   324  O  O   . LYS A 1 54  ? -1.591  2.824   6.659   1.00 9.41  ? 164 LYS A O   1 
ATOM   325  C  CB  . LYS A 1 54  ? -3.905  3.250   8.476   1.00 12.44 ? 164 LYS A CB  1 
ATOM   326  C  CG  . LYS A 1 54  ? -5.338  3.629   8.801   1.00 9.16  ? 164 LYS A CG  1 
ATOM   327  C  CD  . LYS A 1 54  ? -6.119  2.422   9.356   1.00 15.96 ? 164 LYS A CD  1 
ATOM   328  C  CE  . LYS A 1 54  ? -5.638  1.991   10.736  1.00 13.52 ? 164 LYS A CE  1 
ATOM   329  N  NZ  . LYS A 1 54  ? -6.519  0.943   11.355  1.00 17.37 ? 164 LYS A NZ  1 
ATOM   330  N  N   . VAL A 1 55  ? -0.745  4.631   7.683   1.00 9.36  ? 165 VAL A N   1 
ATOM   331  C  CA  . VAL A 1 55  ? 0.649   4.371   7.305   1.00 8.88  ? 165 VAL A CA  1 
ATOM   332  C  C   . VAL A 1 55  ? 1.676   4.049   8.417   1.00 7.74  ? 165 VAL A C   1 
ATOM   333  O  O   . VAL A 1 55  ? 1.561   4.556   9.535   1.00 9.30  ? 165 VAL A O   1 
ATOM   334  C  CB  . VAL A 1 55  ? 1.161   5.602   6.504   1.00 9.16  ? 165 VAL A CB  1 
ATOM   335  C  CG1 . VAL A 1 55  ? 2.532   5.352   5.942   1.00 10.56 ? 165 VAL A CG1 1 
ATOM   336  C  CG2 . VAL A 1 55  ? 0.134   6.007   5.405   1.00 10.79 ? 165 VAL A CG2 1 
ATOM   337  N  N   . THR A 1 56  ? 2.648   3.185   8.100   1.00 8.03  ? 166 THR A N   1 
ATOM   338  C  CA  . THR A 1 56  ? 3.761   2.798   8.999   1.00 9.28  ? 166 THR A CA  1 
ATOM   339  C  C   . THR A 1 56  ? 4.945   2.234   8.204   1.00 9.75  ? 166 THR A C   1 
ATOM   340  O  O   . THR A 1 56  ? 4.836   2.004   6.997   1.00 12.28 ? 166 THR A O   1 
ATOM   341  C  CB  . THR A 1 56  ? 3.406   1.726   10.078  1.00 11.16 ? 166 THR A CB  1 
ATOM   342  O  OG1 . THR A 1 56  ? 4.457   1.690   11.065  1.00 11.38 ? 166 THR A OG1 1 
ATOM   343  C  CG2 . THR A 1 56  ? 3.283   0.319   9.468   1.00 9.15  ? 166 THR A CG2 1 
ATOM   344  N  N   . SER A 1 57  ? 6.061   1.986   8.885   1.00 7.64  ? 167 SER A N   1 
ATOM   345  C  CA  . SER A 1 57  ? 7.238   1.439   8.246   1.00 9.72  ? 167 SER A CA  1 
ATOM   346  C  C   . SER A 1 57  ? 7.755   0.256   9.049   1.00 14.77 ? 167 SER A C   1 
ATOM   347  O  O   . SER A 1 57  ? 7.611   0.209   10.273  1.00 15.87 ? 167 SER A O   1 
ATOM   348  C  CB  . SER A 1 57  ? 8.332   2.498   8.087   1.00 10.68 ? 167 SER A CB  1 
ATOM   349  O  OG  . SER A 1 57  ? 9.581   1.884   7.783   1.00 7.17  ? 167 SER A OG  1 
ATOM   350  N  N   . ASN A 1 58  ? 8.335   -0.717  8.355   1.00 19.14 ? 168 ASN A N   1 
ATOM   351  C  CA  . ASN A 1 58  ? 8.844   -1.910  9.014   1.00 21.02 ? 168 ASN A CA  1 
ATOM   352  C  C   . ASN A 1 58  ? 10.365  -1.840  9.108   1.00 20.52 ? 168 ASN A C   1 
ATOM   353  O  O   . ASN A 1 58  ? 11.021  -2.787  9.566   1.00 20.84 ? 168 ASN A O   1 
ATOM   354  C  CB  . ASN A 1 58  ? 8.380   -3.183  8.259   1.00 23.78 ? 168 ASN A CB  1 
ATOM   355  C  CG  . ASN A 1 58  ? 9.090   -3.369  6.927   1.00 24.39 ? 168 ASN A CG  1 
ATOM   356  O  OD1 . ASN A 1 58  ? 9.487   -2.397  6.285   1.00 25.75 ? 168 ASN A OD1 1 
ATOM   357  N  ND2 . ASN A 1 58  ? 9.281   -4.617  6.526   1.00 26.08 ? 168 ASN A ND2 1 
ATOM   358  N  N   . SER A 1 59  ? 10.923  -0.716  8.663   1.00 20.26 ? 169 SER A N   1 
ATOM   359  C  CA  . SER A 1 59  ? 12.362  -0.500  8.715   1.00 20.40 ? 169 SER A CA  1 
ATOM   360  C  C   . SER A 1 59  ? 12.647  0.982   8.943   1.00 17.39 ? 169 SER A C   1 
ATOM   361  O  O   . SER A 1 59  ? 12.074  1.584   9.838   1.00 18.47 ? 169 SER A O   1 
ATOM   362  C  CB  . SER A 1 59  ? 13.038  -0.997  7.430   1.00 21.01 ? 169 SER A CB  1 
ATOM   363  O  OG  . SER A 1 59  ? 14.458  -0.910  7.531   1.00 22.92 ? 169 SER A OG  1 
ATOM   364  N  N   . VAL A 1 60  ? 13.551  1.551   8.147   1.00 15.81 ? 170 VAL A N   1 
ATOM   365  C  CA  . VAL A 1 60  ? 13.909  2.954   8.250   1.00 13.59 ? 170 VAL A CA  1 
ATOM   366  C  C   . VAL A 1 60  ? 12.716  3.835   7.858   1.00 14.73 ? 170 VAL A C   1 
ATOM   367  O  O   . VAL A 1 60  ? 11.623  3.340   7.558   1.00 13.41 ? 170 VAL A O   1 
ATOM   368  C  CB  . VAL A 1 60  ? 15.178  3.295   7.414   1.00 10.10 ? 170 VAL A CB  1 
ATOM   369  C  CG1 . VAL A 1 60  ? 16.339  2.456   7.890   1.00 12.59 ? 170 VAL A CG1 1 
ATOM   370  C  CG2 . VAL A 1 60  ? 14.943  3.046   5.929   1.00 13.13 ? 170 VAL A CG2 1 
ATOM   371  N  N   . MET A 1 61  ? 12.953  5.137   7.832   1.00 13.61 ? 171 MET A N   1 
ATOM   372  C  CA  . MET A 1 61  ? 11.929  6.122   7.547   1.00 14.18 ? 171 MET A CA  1 
ATOM   373  C  C   . MET A 1 61  ? 11.809  6.393   6.040   1.00 12.58 ? 171 MET A C   1 
ATOM   374  O  O   . MET A 1 61  ? 12.808  6.551   5.330   1.00 11.30 ? 171 MET A O   1 
ATOM   375  C  CB  . MET A 1 61  ? 12.282  7.421   8.313   1.00 13.41 ? 171 MET A CB  1 
ATOM   376  C  CG  . MET A 1 61  ? 11.292  8.596   8.220   1.00 16.69 ? 171 MET A CG  1 
ATOM   377  S  SD  . MET A 1 61  ? 11.834  10.082  9.208   1.00 16.46 ? 171 MET A SD  1 
ATOM   378  C  CE  . MET A 1 61  ? 13.242  10.691  8.304   1.00 2.03  ? 171 MET A CE  1 
ATOM   379  N  N   . HIS A 1 62  ? 10.581  6.427   5.545   1.00 11.02 ? 172 HIS A N   1 
ATOM   380  C  CA  . HIS A 1 62  ? 10.356  6.693   4.127   1.00 10.83 ? 172 HIS A CA  1 
ATOM   381  C  C   . HIS A 1 62  ? 9.373   7.846   4.052   1.00 9.33  ? 172 HIS A C   1 
ATOM   382  O  O   . HIS A 1 62  ? 8.916   8.342   5.072   1.00 11.32 ? 172 HIS A O   1 
ATOM   383  C  CB  . HIS A 1 62  ? 9.790   5.449   3.391   1.00 8.21  ? 172 HIS A CB  1 
ATOM   384  C  CG  . HIS A 1 62  ? 10.745  4.282   3.334   1.00 7.56  ? 172 HIS A CG  1 
ATOM   385  N  ND1 . HIS A 1 62  ? 11.754  4.219   2.414   1.00 6.44  ? 172 HIS A ND1 1 
ATOM   386  C  CD2 . HIS A 1 62  ? 10.778  3.174   4.126   1.00 6.28  ? 172 HIS A CD2 1 
ATOM   387  C  CE1 . HIS A 1 62  ? 12.386  3.083   2.654   1.00 2.86  ? 172 HIS A CE1 1 
ATOM   388  N  NE2 . HIS A 1 62  ? 11.834  2.417   3.680   1.00 5.83  ? 172 HIS A NE2 1 
ATOM   389  N  N   . SER A 1 63  ? 9.038   8.248   2.839   1.00 10.15 ? 173 SER A N   1 
ATOM   390  C  CA  . SER A 1 63  ? 8.119   9.331   2.605   1.00 7.54  ? 173 SER A CA  1 
ATOM   391  C  C   . SER A 1 63  ? 7.194   8.931   1.437   1.00 10.38 ? 173 SER A C   1 
ATOM   392  O  O   . SER A 1 63  ? 7.648   8.809   0.286   1.00 10.16 ? 173 SER A O   1 
ATOM   393  C  CB  . SER A 1 63  ? 8.923   10.593  2.292   1.00 5.90  ? 173 SER A CB  1 
ATOM   394  O  OG  . SER A 1 63  ? 8.078   11.677  1.958   1.00 8.89  ? 173 SER A OG  1 
ATOM   395  N  N   . PHE A 1 64  ? 5.919   8.720   1.761   1.00 12.69 ? 174 PHE A N   1 
ATOM   396  C  CA  . PHE A 1 64  ? 4.858   8.307   0.840   1.00 14.91 ? 174 PHE A CA  1 
ATOM   397  C  C   . PHE A 1 64  ? 4.433   9.575   0.131   1.00 14.80 ? 174 PHE A C   1 
ATOM   398  O  O   . PHE A 1 64  ? 3.870   10.465  0.765   1.00 15.88 ? 174 PHE A O   1 
ATOM   399  C  CB  . PHE A 1 64  ? 3.698   7.743   1.694   1.00 20.24 ? 174 PHE A CB  1 
ATOM   400  C  CG  . PHE A 1 64  ? 2.478   7.285   0.906   1.00 24.24 ? 174 PHE A CG  1 
ATOM   401  C  CD1 . PHE A 1 64  ? 2.375   5.963   0.451   1.00 25.40 ? 174 PHE A CD1 1 
ATOM   402  C  CD2 . PHE A 1 64  ? 1.406   8.149   0.684   1.00 25.24 ? 174 PHE A CD2 1 
ATOM   403  C  CE1 . PHE A 1 64  ? 1.229   5.514   -0.208  1.00 26.28 ? 174 PHE A CE1 1 
ATOM   404  C  CE2 . PHE A 1 64  ? 0.246   7.708   0.019   1.00 23.09 ? 174 PHE A CE2 1 
ATOM   405  C  CZ  . PHE A 1 64  ? 0.153   6.397   -0.426  1.00 24.49 ? 174 PHE A CZ  1 
ATOM   406  N  N   . PHE A 1 65  ? 4.695   9.668   -1.167  1.00 13.79 ? 175 PHE A N   1 
ATOM   407  C  CA  . PHE A 1 65  ? 4.356   10.876  -1.913  1.00 12.65 ? 175 PHE A CA  1 
ATOM   408  C  C   . PHE A 1 65  ? 3.709   10.586  -3.251  1.00 12.65 ? 175 PHE A C   1 
ATOM   409  O  O   . PHE A 1 65  ? 4.158   9.724   -3.978  1.00 13.51 ? 175 PHE A O   1 
ATOM   410  C  CB  . PHE A 1 65  ? 5.625   11.698  -2.152  1.00 11.23 ? 175 PHE A CB  1 
ATOM   411  C  CG  . PHE A 1 65  ? 5.381   13.038  -2.808  1.00 14.46 ? 175 PHE A CG  1 
ATOM   412  C  CD1 . PHE A 1 65  ? 4.195   13.753  -2.575  1.00 16.34 ? 175 PHE A CD1 1 
ATOM   413  C  CD2 . PHE A 1 65  ? 6.336   13.596  -3.656  1.00 16.43 ? 175 PHE A CD2 1 
ATOM   414  C  CE1 . PHE A 1 65  ? 3.978   15.008  -3.180  1.00 17.66 ? 175 PHE A CE1 1 
ATOM   415  C  CE2 . PHE A 1 65  ? 6.127   14.848  -4.258  1.00 16.69 ? 175 PHE A CE2 1 
ATOM   416  C  CZ  . PHE A 1 65  ? 4.944   15.550  -4.019  1.00 16.50 ? 175 PHE A CZ  1 
ATOM   417  N  N   . ILE A 1 66  ? 2.681   11.364  -3.592  1.00 14.39 ? 176 ILE A N   1 
ATOM   418  C  CA  . ILE A 1 66  ? 1.954   11.263  -4.860  1.00 12.30 ? 176 ILE A CA  1 
ATOM   419  C  C   . ILE A 1 66  ? 1.837   12.687  -5.424  1.00 13.47 ? 176 ILE A C   1 
ATOM   420  O  O   . ILE A 1 66  ? 0.834   13.376  -5.214  1.00 14.55 ? 176 ILE A O   1 
ATOM   421  C  CB  . ILE A 1 66  ? 0.547   10.694  -4.632  1.00 12.66 ? 176 ILE A CB  1 
ATOM   422  C  CG1 . ILE A 1 66  ? 0.649   9.281   -4.074  1.00 12.03 ? 176 ILE A CG1 1 
ATOM   423  C  CG2 . ILE A 1 66  ? -0.273  10.749  -5.912  1.00 10.51 ? 176 ILE A CG2 1 
ATOM   424  C  CD1 . ILE A 1 66  ? -0.696  8.710   -3.648  1.00 15.90 ? 176 ILE A CD1 1 
ATOM   425  N  N   . PRO A 1 67  ? 2.830   13.114  -6.221  1.00 14.40 ? 177 PRO A N   1 
ATOM   426  C  CA  . PRO A 1 67  ? 2.904   14.441  -6.842  1.00 15.61 ? 177 PRO A CA  1 
ATOM   427  C  C   . PRO A 1 67  ? 1.662   15.066  -7.501  1.00 18.17 ? 177 PRO A C   1 
ATOM   428  O  O   . PRO A 1 67  ? 1.422   16.265  -7.354  1.00 20.93 ? 177 PRO A O   1 
ATOM   429  C  CB  . PRO A 1 67  ? 4.063   14.285  -7.828  1.00 15.20 ? 177 PRO A CB  1 
ATOM   430  C  CG  . PRO A 1 67  ? 4.954   13.315  -7.130  1.00 16.44 ? 177 PRO A CG  1 
ATOM   431  C  CD  . PRO A 1 67  ? 3.974   12.282  -6.632  1.00 13.47 ? 177 PRO A CD  1 
ATOM   432  N  N   . ARG A 1 68  ? 0.873   14.285  -8.225  1.00 18.05 ? 178 ARG A N   1 
ATOM   433  C  CA  . ARG A 1 68  ? -0.295  14.856  -8.904  1.00 18.95 ? 178 ARG A CA  1 
ATOM   434  C  C   . ARG A 1 68  ? -1.561  15.044  -8.080  1.00 19.37 ? 178 ARG A C   1 
ATOM   435  O  O   . ARG A 1 68  ? -2.575  15.538  -8.593  1.00 16.80 ? 178 ARG A O   1 
ATOM   436  C  CB  . ARG A 1 68  ? -0.625  14.107  -10.203 1.00 18.08 ? 178 ARG A CB  1 
ATOM   437  C  CG  . ARG A 1 68  ? -0.240  14.888  -11.456 1.00 19.61 ? 178 ARG A CG  1 
ATOM   438  C  CD  . ARG A 1 68  ? -1.117  14.603  -12.664 1.00 17.60 ? 178 ARG A CD  1 
ATOM   439  N  NE  . ARG A 1 68  ? -0.949  13.220  -13.082 1.00 15.70 ? 178 ARG A NE  1 
ATOM   440  C  CZ  . ARG A 1 68  ? -1.926  12.410  -13.485 1.00 20.11 ? 178 ARG A CZ  1 
ATOM   441  N  NH1 . ARG A 1 68  ? -3.179  12.848  -13.536 1.00 21.13 ? 178 ARG A NH1 1 
ATOM   442  N  NH2 . ARG A 1 68  ? -1.668  11.126  -13.777 1.00 17.40 ? 178 ARG A NH2 1 
ATOM   443  N  N   . LEU A 1 69  ? -1.512  14.615  -6.821  1.00 18.18 ? 179 LEU A N   1 
ATOM   444  C  CA  . LEU A 1 69  ? -2.637  14.781  -5.907  1.00 17.76 ? 179 LEU A CA  1 
ATOM   445  C  C   . LEU A 1 69  ? -2.177  15.736  -4.789  1.00 18.76 ? 179 LEU A C   1 
ATOM   446  O  O   . LEU A 1 69  ? -2.953  16.087  -3.896  1.00 19.77 ? 179 LEU A O   1 
ATOM   447  C  CB  . LEU A 1 69  ? -3.040  13.423  -5.321  1.00 14.96 ? 179 LEU A CB  1 
ATOM   448  C  CG  . LEU A 1 69  ? -4.339  12.722  -5.719  1.00 12.33 ? 179 LEU A CG  1 
ATOM   449  C  CD1 . LEU A 1 69  ? -4.663  12.866  -7.183  1.00 11.41 ? 179 LEU A CD1 1 
ATOM   450  C  CD2 . LEU A 1 69  ? -4.269  11.262  -5.315  1.00 8.51  ? 179 LEU A CD2 1 
ATOM   451  N  N   . GLY A 1 70  ? -0.922  16.185  -4.874  1.00 20.11 ? 180 GLY A N   1 
ATOM   452  C  CA  . GLY A 1 70  ? -0.353  17.073  -3.865  1.00 20.81 ? 180 GLY A CA  1 
ATOM   453  C  C   . GLY A 1 70  ? -0.460  16.511  -2.448  1.00 22.05 ? 180 GLY A C   1 
ATOM   454  O  O   . GLY A 1 70  ? -0.614  17.270  -1.471  1.00 18.58 ? 180 GLY A O   1 
ATOM   455  N  N   . SER A 1 71  ? -0.317  15.185  -2.330  1.00 20.28 ? 181 SER A N   1 
ATOM   456  C  CA  . SER A 1 71  ? -0.447  14.512  -1.043  1.00 19.00 ? 181 SER A CA  1 
ATOM   457  C  C   . SER A 1 71  ? 0.836   13.813  -0.610  1.00 18.38 ? 181 SER A C   1 
ATOM   458  O  O   . SER A 1 71  ? 1.495   13.165  -1.435  1.00 16.29 ? 181 SER A O   1 
ATOM   459  C  CB  . SER A 1 71  ? -1.612  13.534  -1.123  1.00 20.05 ? 181 SER A CB  1 
ATOM   460  O  OG  . SER A 1 71  ? -2.743  14.176  -1.709  1.00 18.76 ? 181 SER A OG  1 
ATOM   461  N  N   . GLN A 1 72  ? 1.159   13.922  0.688   1.00 17.12 ? 182 GLN A N   1 
ATOM   462  C  CA  . GLN A 1 72  ? 2.387   13.364  1.275   1.00 13.84 ? 182 GLN A CA  1 
ATOM   463  C  C   . GLN A 1 72  ? 2.286   13.008  2.777   1.00 14.46 ? 182 GLN A C   1 
ATOM   464  O  O   . GLN A 1 72  ? 1.511   13.627  3.521   1.00 13.76 ? 182 GLN A O   1 
ATOM   465  C  CB  . GLN A 1 72  ? 3.505   14.394  1.083   1.00 14.05 ? 182 GLN A CB  1 
ATOM   466  C  CG  . GLN A 1 72  ? 4.346   14.684  2.311   1.00 18.16 ? 182 GLN A CG  1 
ATOM   467  C  CD  . GLN A 1 72  ? 5.473   13.714  2.449   1.00 18.52 ? 182 GLN A CD  1 
ATOM   468  O  OE1 . GLN A 1 72  ? 5.798   13.250  3.539   1.00 19.56 ? 182 GLN A OE1 1 
ATOM   469  N  NE2 . GLN A 1 72  ? 6.069   13.376  1.327   1.00 24.59 ? 182 GLN A NE2 1 
ATOM   470  N  N   . ILE A 1 73  ? 3.107   12.052  3.221   1.00 10.39 ? 183 ILE A N   1 
ATOM   471  C  CA  . ILE A 1 73  ? 3.131   11.632  4.619   1.00 9.85  ? 183 ILE A CA  1 
ATOM   472  C  C   . ILE A 1 73  ? 4.360   10.736  4.886   1.00 11.94 ? 183 ILE A C   1 
ATOM   473  O  O   . ILE A 1 73  ? 4.743   9.943   4.032   1.00 14.82 ? 183 ILE A O   1 
ATOM   474  C  CB  . ILE A 1 73  ? 1.785   10.900  5.014   1.00 10.29 ? 183 ILE A CB  1 
ATOM   475  C  CG1 . ILE A 1 73  ? 1.342   11.266  6.434   1.00 12.14 ? 183 ILE A CG1 1 
ATOM   476  C  CG2 . ILE A 1 73  ? 1.930   9.396   4.967   1.00 11.63 ? 183 ILE A CG2 1 
ATOM   477  C  CD1 . ILE A 1 73  ? 0.939   12.727  6.629   1.00 8.43  ? 183 ILE A CD1 1 
ATOM   478  N  N   . TYR A 1 74  ? 5.003   10.879  6.044   1.00 11.77 ? 184 TYR A N   1 
ATOM   479  C  CA  . TYR A 1 74  ? 6.160   10.042  6.382   1.00 10.46 ? 184 TYR A CA  1 
ATOM   480  C  C   . TYR A 1 74  ? 5.729   8.735   7.019   1.00 12.21 ? 184 TYR A C   1 
ATOM   481  O  O   . TYR A 1 74  ? 4.623   8.617   7.542   1.00 10.19 ? 184 TYR A O   1 
ATOM   482  C  CB  . TYR A 1 74  ? 7.108   10.746  7.346   1.00 10.87 ? 184 TYR A CB  1 
ATOM   483  C  CG  . TYR A 1 74  ? 7.889   11.870  6.714   1.00 12.61 ? 184 TYR A CG  1 
ATOM   484  C  CD1 . TYR A 1 74  ? 7.311   13.114  6.546   1.00 12.27 ? 184 TYR A CD1 1 
ATOM   485  C  CD2 . TYR A 1 74  ? 9.199   11.683  6.261   1.00 11.90 ? 184 TYR A CD2 1 
ATOM   486  C  CE1 . TYR A 1 74  ? 7.998   14.148  5.953   1.00 14.66 ? 184 TYR A CE1 1 
ATOM   487  C  CE2 . TYR A 1 74  ? 9.896   12.713  5.658   1.00 9.78  ? 184 TYR A CE2 1 
ATOM   488  C  CZ  . TYR A 1 74  ? 9.280   13.951  5.512   1.00 12.96 ? 184 TYR A CZ  1 
ATOM   489  O  OH  . TYR A 1 74  ? 9.932   15.031  4.963   1.00 15.76 ? 184 TYR A OH  1 
ATOM   490  N  N   . ALA A 1 75  ? 6.616   7.753   6.958   1.00 15.07 ? 185 ALA A N   1 
ATOM   491  C  CA  . ALA A 1 75  ? 6.355   6.435   7.520   1.00 18.84 ? 185 ALA A CA  1 
ATOM   492  C  C   . ALA A 1 75  ? 7.535   6.044   8.415   1.00 18.89 ? 185 ALA A C   1 
ATOM   493  O  O   . ALA A 1 75  ? 8.688   5.960   7.962   1.00 21.81 ? 185 ALA A O   1 
ATOM   494  C  CB  . ALA A 1 75  ? 6.173   5.423   6.411   1.00 22.41 ? 185 ALA A CB  1 
ATOM   495  N  N   . MET A 1 76  ? 7.245   5.821   9.690   1.00 18.51 ? 186 MET A N   1 
ATOM   496  C  CA  . MET A 1 76  ? 8.268   5.476   10.665  1.00 17.60 ? 186 MET A CA  1 
ATOM   497  C  C   . MET A 1 76  ? 7.844   4.235   11.433  1.00 15.37 ? 186 MET A C   1 
ATOM   498  O  O   . MET A 1 76  ? 6.652   4.034   11.683  1.00 13.23 ? 186 MET A O   1 
ATOM   499  C  CB  . MET A 1 76  ? 8.426   6.635   11.648  1.00 22.63 ? 186 MET A CB  1 
ATOM   500  C  CG  . MET A 1 76  ? 8.751   7.954   10.977  1.00 29.16 ? 186 MET A CG  1 
ATOM   501  S  SD  . MET A 1 76  ? 8.354   9.365   12.022  1.00 27.65 ? 186 MET A SD  1 
ATOM   502  C  CE  . MET A 1 76  ? 6.622   9.602   11.580  1.00 26.06 ? 186 MET A CE  1 
ATOM   503  N  N   . ALA A 1 77  ? 8.820   3.431   11.842  1.00 13.40 ? 187 ALA A N   1 
ATOM   504  C  CA  . ALA A 1 77  ? 8.518   2.218   12.571  1.00 12.59 ? 187 ALA A CA  1 
ATOM   505  C  C   . ALA A 1 77  ? 7.975   2.511   13.959  1.00 12.16 ? 187 ALA A C   1 
ATOM   506  O  O   . ALA A 1 77  ? 8.318   3.513   14.567  1.00 11.58 ? 187 ALA A O   1 
ATOM   507  C  CB  . ALA A 1 77  ? 9.740   1.327   12.655  1.00 15.14 ? 187 ALA A CB  1 
ATOM   508  N  N   . GLY A 1 78  ? 7.059   1.661   14.406  1.00 13.65 ? 188 GLY A N   1 
ATOM   509  C  CA  . GLY A 1 78  ? 6.482   1.795   15.724  1.00 15.23 ? 188 GLY A CA  1 
ATOM   510  C  C   . GLY A 1 78  ? 5.295   2.728   15.825  1.00 18.06 ? 188 GLY A C   1 
ATOM   511  O  O   . GLY A 1 78  ? 4.518   2.628   16.772  1.00 17.93 ? 188 GLY A O   1 
ATOM   512  N  N   . MET A 1 79  ? 5.108   3.576   14.821  1.00 20.58 ? 189 MET A N   1 
ATOM   513  C  CA  . MET A 1 79  ? 4.022   4.554   14.830  1.00 22.23 ? 189 MET A CA  1 
ATOM   514  C  C   . MET A 1 79  ? 3.098   4.395   13.619  1.00 20.29 ? 189 MET A C   1 
ATOM   515  O  O   . MET A 1 79  ? 3.453   3.760   12.634  1.00 19.92 ? 189 MET A O   1 
ATOM   516  C  CB  . MET A 1 79  ? 4.592   5.993   14.771  1.00 24.48 ? 189 MET A CB  1 
ATOM   517  C  CG  . MET A 1 79  ? 5.854   6.313   15.589  1.00 27.27 ? 189 MET A CG  1 
ATOM   518  S  SD  . MET A 1 79  ? 5.620   6.578   17.372  1.00 29.00 ? 189 MET A SD  1 
ATOM   519  C  CE  . MET A 1 79  ? 6.842   5.453   18.078  1.00 26.48 ? 189 MET A CE  1 
ATOM   520  N  N   . GLN A 1 80  ? 1.953   5.064   13.683  1.00 19.36 ? 190 GLN A N   1 
ATOM   521  C  CA  . GLN A 1 80  ? 0.982   5.070   12.606  1.00 18.66 ? 190 GLN A CA  1 
ATOM   522  C  C   . GLN A 1 80  ? 0.657   6.515   12.214  1.00 18.72 ? 190 GLN A C   1 
ATOM   523  O  O   . GLN A 1 80  ? 0.263   7.312   13.062  1.00 18.77 ? 190 GLN A O   1 
ATOM   524  C  CB  . GLN A 1 80  ? -0.303  4.374   13.044  1.00 19.86 ? 190 GLN A CB  1 
ATOM   525  C  CG  . GLN A 1 80  ? -1.361  4.376   11.973  1.00 21.75 ? 190 GLN A CG  1 
ATOM   526  C  CD  . GLN A 1 80  ? -2.718  4.017   12.495  1.00 23.36 ? 190 GLN A CD  1 
ATOM   527  O  OE1 . GLN A 1 80  ? -2.969  2.870   12.860  1.00 26.49 ? 190 GLN A OE1 1 
ATOM   528  N  NE2 . GLN A 1 80  ? -3.613  4.997   12.539  1.00 24.96 ? 190 GLN A NE2 1 
ATOM   529  N  N   . THR A 1 81  ? 0.892   6.870   10.956  1.00 18.30 ? 191 THR A N   1 
ATOM   530  C  CA  . THR A 1 81  ? 0.570   8.210   10.469  1.00 15.44 ? 191 THR A CA  1 
ATOM   531  C  C   . THR A 1 81  ? -0.701  8.124   9.626   1.00 15.69 ? 191 THR A C   1 
ATOM   532  O  O   . THR A 1 81  ? -1.123  7.025   9.271   1.00 16.95 ? 191 THR A O   1 
ATOM   533  C  CB  . THR A 1 81  ? 1.721   8.797   9.668   1.00 15.54 ? 191 THR A CB  1 
ATOM   534  O  OG1 . THR A 1 81  ? 2.262   7.788   8.821   1.00 18.15 ? 191 THR A OG1 1 
ATOM   535  C  CG2 . THR A 1 81  ? 2.807   9.302   10.598  1.00 17.88 ? 191 THR A CG2 1 
ATOM   536  N  N   . ARG A 1 82  ? -1.318  9.262   9.304   1.00 15.70 ? 192 ARG A N   1 
ATOM   537  C  CA  . ARG A 1 82  ? -2.576  9.261   8.553   1.00 15.87 ? 192 ARG A CA  1 
ATOM   538  C  C   . ARG A 1 82  ? -2.589  10.246  7.408   1.00 15.81 ? 192 ARG A C   1 
ATOM   539  O  O   . ARG A 1 82  ? -1.913  11.272  7.466   1.00 15.62 ? 192 ARG A O   1 
ATOM   540  C  CB  . ARG A 1 82  ? -3.758  9.583   9.482   1.00 19.06 ? 192 ARG A CB  1 
ATOM   541  C  CG  . ARG A 1 82  ? -4.217  8.443   10.396  1.00 20.42 ? 192 ARG A CG  1 
ATOM   542  C  CD  . ARG A 1 82  ? -4.760  8.972   11.709  1.00 23.41 ? 192 ARG A CD  1 
ATOM   543  N  NE  . ARG A 1 82  ? -6.209  8.835   11.890  1.00 30.31 ? 192 ARG A NE  1 
ATOM   544  C  CZ  . ARG A 1 82  ? -6.811  8.828   13.086  1.00 32.18 ? 192 ARG A CZ  1 
ATOM   545  N  NH1 . ARG A 1 82  ? -6.090  8.932   14.198  1.00 32.58 ? 192 ARG A NH1 1 
ATOM   546  N  NH2 . ARG A 1 82  ? -8.137  8.793   13.182  1.00 32.64 ? 192 ARG A NH2 1 
ATOM   547  N  N   . LEU A 1 83  ? -3.344  9.919   6.361   1.00 16.74 ? 193 LEU A N   1 
ATOM   548  C  CA  . LEU A 1 83  ? -3.472  10.792  5.191   1.00 13.63 ? 193 LEU A CA  1 
ATOM   549  C  C   . LEU A 1 83  ? -4.859  10.618  4.638   1.00 9.75  ? 193 LEU A C   1 
ATOM   550  O  O   . LEU A 1 83  ? -5.440  9.549   4.701   1.00 10.45 ? 193 LEU A O   1 
ATOM   551  C  CB  . LEU A 1 83  ? -2.461  10.444  4.101   1.00 19.21 ? 193 LEU A CB  1 
ATOM   552  C  CG  . LEU A 1 83  ? -1.802  11.519  3.212   1.00 20.23 ? 193 LEU A CG  1 
ATOM   553  C  CD1 . LEU A 1 83  ? -1.343  10.830  1.922   1.00 17.09 ? 193 LEU A CD1 1 
ATOM   554  C  CD2 . LEU A 1 83  ? -2.723  12.672  2.873   1.00 14.92 ? 193 LEU A CD2 1 
ATOM   555  N  N   . HIS A 1 84  ? -5.425  11.700  4.160   1.00 11.05 ? 194 HIS A N   1 
ATOM   556  C  CA  . HIS A 1 84  ? -6.745  11.644  3.609   1.00 12.45 ? 194 HIS A CA  1 
ATOM   557  C  C   . HIS A 1 84  ? -6.675  12.308  2.253   1.00 11.80 ? 194 HIS A C   1 
ATOM   558  O  O   . HIS A 1 84  ? -5.846  13.180  2.058   1.00 15.09 ? 194 HIS A O   1 
ATOM   559  C  CB  . HIS A 1 84  ? -7.743  12.384  4.522   1.00 17.12 ? 194 HIS A CB  1 
ATOM   560  C  CG  . HIS A 1 84  ? -8.049  11.653  5.780   1.00 23.65 ? 194 HIS A CG  1 
ATOM   561  N  ND1 . HIS A 1 84  ? -9.344  11.288  6.127   1.00 28.05 ? 194 HIS A ND1 1 
ATOM   562  C  CD2 . HIS A 1 84  ? -7.258  11.178  6.772   1.00 28.54 ? 194 HIS A CD2 1 
ATOM   563  C  CE1 . HIS A 1 84  ? -9.317  10.620  7.273   1.00 29.31 ? 194 HIS A CE1 1 
ATOM   564  N  NE2 . HIS A 1 84  ? -8.062  10.540  7.680   1.00 30.33 ? 194 HIS A NE2 1 
ATOM   565  N  N   . LEU A 1 85  ? -7.423  11.786  1.284   1.00 10.89 ? 195 LEU A N   1 
ATOM   566  C  CA  . LEU A 1 85  ? -7.481  12.376  -0.039  1.00 9.47  ? 195 LEU A CA  1 
ATOM   567  C  C   . LEU A 1 85  ? -8.636  11.916  -0.927  1.00 10.05 ? 195 LEU A C   1 
ATOM   568  O  O   . LEU A 1 85  ? -9.337  10.921  -0.645  1.00 7.22  ? 195 LEU A O   1 
ATOM   569  C  CB  . LEU A 1 85  ? -6.130  12.313  -0.784  1.00 14.58 ? 195 LEU A CB  1 
ATOM   570  C  CG  . LEU A 1 85  ? -5.372  11.074  -1.311  1.00 20.69 ? 195 LEU A CG  1 
ATOM   571  C  CD1 . LEU A 1 85  ? -4.853  10.260  -0.148  1.00 20.20 ? 195 LEU A CD1 1 
ATOM   572  C  CD2 . LEU A 1 85  ? -6.223  10.241  -2.291  1.00 16.86 ? 195 LEU A CD2 1 
ATOM   573  N  N   . ILE A 1 86  ? -8.830  12.683  -1.994  1.00 10.29 ? 196 ILE A N   1 
ATOM   574  C  CA  . ILE A 1 86  ? -9.865  12.445  -2.963  1.00 12.93 ? 196 ILE A CA  1 
ATOM   575  C  C   . ILE A 1 86  ? -9.166  12.686  -4.299  1.00 14.55 ? 196 ILE A C   1 
ATOM   576  O  O   . ILE A 1 86  ? -8.438  13.678  -4.461  1.00 12.19 ? 196 ILE A O   1 
ATOM   577  C  CB  . ILE A 1 86  ? -11.059 13.476  -2.839  1.00 15.71 ? 196 ILE A CB  1 
ATOM   578  C  CG1 . ILE A 1 86  ? -11.784 13.315  -1.495  1.00 12.82 ? 196 ILE A CG1 1 
ATOM   579  C  CG2 . ILE A 1 86  ? -12.068 13.316  -4.021  1.00 9.95  ? 196 ILE A CG2 1 
ATOM   580  C  CD1 . ILE A 1 86  ? -13.211 13.864  -1.511  1.00 15.06 ? 196 ILE A CD1 1 
ATOM   581  N  N   . ALA A 1 87  ? -9.303  11.731  -5.214  1.00 17.42 ? 197 ALA A N   1 
ATOM   582  C  CA  . ALA A 1 87  ? -8.736  11.861  -6.550  1.00 20.29 ? 197 ALA A CA  1 
ATOM   583  C  C   . ALA A 1 87  ? -9.889  12.492  -7.341  1.00 20.22 ? 197 ALA A C   1 
ATOM   584  O  O   . ALA A 1 87  ? -10.999 11.964  -7.362  1.00 21.54 ? 197 ALA A O   1 
ATOM   585  C  CB  . ALA A 1 87  ? -8.362  10.466  -7.127  1.00 19.16 ? 197 ALA A CB  1 
ATOM   586  N  N   . ASN A 1 88  ? -9.650  13.646  -7.940  1.00 20.30 ? 198 ASN A N   1 
ATOM   587  C  CA  . ASN A 1 88  ? -10.708 14.309  -8.678  1.00 23.48 ? 198 ASN A CA  1 
ATOM   588  C  C   . ASN A 1 88  ? -11.043 13.685  -10.021 1.00 23.39 ? 198 ASN A C   1 
ATOM   589  O  O   . ASN A 1 88  ? -12.163 13.819  -10.508 1.00 24.69 ? 198 ASN A O   1 
ATOM   590  C  CB  . ASN A 1 88  ? -10.425 15.817  -8.828  1.00 28.82 ? 198 ASN A CB  1 
ATOM   591  C  CG  . ASN A 1 88  ? -9.076  16.113  -9.465  1.00 30.55 ? 198 ASN A CG  1 
ATOM   592  O  OD1 . ASN A 1 88  ? -8.066  15.485  -9.140  1.00 31.53 ? 198 ASN A OD1 1 
ATOM   593  N  ND2 . ASN A 1 88  ? -9.054  17.085  -10.366 1.00 29.43 ? 198 ASN A ND2 1 
ATOM   594  N  N   . GLU A 1 89  ? -10.099 12.959  -10.606 1.00 22.76 ? 199 GLU A N   1 
ATOM   595  C  CA  . GLU A 1 89  ? -10.356 12.349  -11.898 1.00 21.14 ? 199 GLU A CA  1 
ATOM   596  C  C   . GLU A 1 89  ? -9.801  10.935  -12.009 1.00 17.80 ? 199 GLU A C   1 
ATOM   597  O  O   . GLU A 1 89  ? -8.806  10.599  -11.361 1.00 15.31 ? 199 GLU A O   1 
ATOM   598  C  CB  . GLU A 1 89  ? -9.731  13.191  -13.011 1.00 24.62 ? 199 GLU A CB  1 
ATOM   599  C  CG  . GLU A 1 89  ? -9.410  14.615  -12.635 1.00 26.95 ? 199 GLU A CG  1 
ATOM   600  C  CD  . GLU A 1 89  ? -8.656  15.319  -13.722 1.00 30.74 ? 199 GLU A CD  1 
ATOM   601  O  OE1 . GLU A 1 89  ? -9.303  15.776  -14.696 1.00 28.42 ? 199 GLU A OE1 1 
ATOM   602  O  OE2 . GLU A 1 89  ? -7.412  15.404  -13.607 1.00 34.85 ? 199 GLU A OE2 1 
ATOM   603  N  N   . PRO A 1 90  ? -10.453 10.094  -12.826 1.00 15.45 ? 200 PRO A N   1 
ATOM   604  C  CA  . PRO A 1 90  ? -10.077 8.697   -13.089 1.00 12.71 ? 200 PRO A CA  1 
ATOM   605  C  C   . PRO A 1 90  ? -8.679  8.666   -13.704 1.00 10.10 ? 200 PRO A C   1 
ATOM   606  O  O   . PRO A 1 90  ? -8.241  9.622   -14.362 1.00 9.26  ? 200 PRO A O   1 
ATOM   607  C  CB  . PRO A 1 90  ? -11.101 8.261   -14.151 1.00 14.01 ? 200 PRO A CB  1 
ATOM   608  C  CG  . PRO A 1 90  ? -12.303 9.109   -13.882 1.00 14.75 ? 200 PRO A CG  1 
ATOM   609  C  CD  . PRO A 1 90  ? -11.693 10.452  -13.555 1.00 15.37 ? 200 PRO A CD  1 
ATOM   610  N  N   . GLY A 1 91  ? -7.964  7.574   -13.491 1.00 9.96  ? 201 GLY A N   1 
ATOM   611  C  CA  . GLY A 1 91  ? -6.651  7.460   -14.085 1.00 8.55  ? 201 GLY A CA  1 
ATOM   612  C  C   . GLY A 1 91  ? -5.619  6.980   -13.113 1.00 9.73  ? 201 GLY A C   1 
ATOM   613  O  O   . GLY A 1 91  ? -5.882  6.873   -11.914 1.00 12.69 ? 201 GLY A O   1 
ATOM   614  N  N   . THR A 1 92  ? -4.418  6.745   -13.615 1.00 9.86  ? 202 THR A N   1 
ATOM   615  C  CA  . THR A 1 92  ? -3.342  6.279   -12.772 1.00 11.59 ? 202 THR A CA  1 
ATOM   616  C  C   . THR A 1 92  ? -2.473  7.454   -12.340 1.00 13.34 ? 202 THR A C   1 
ATOM   617  O  O   . THR A 1 92  ? -2.130  8.331   -13.149 1.00 15.54 ? 202 THR A O   1 
ATOM   618  C  CB  . THR A 1 92  ? -2.487  5.224   -13.485 1.00 10.22 ? 202 THR A CB  1 
ATOM   619  O  OG1 . THR A 1 92  ? -3.348  4.265   -14.108 1.00 14.54 ? 202 THR A OG1 1 
ATOM   620  C  CG2 . THR A 1 92  ? -1.626  4.485   -12.483 1.00 12.32 ? 202 THR A CG2 1 
ATOM   621  N  N   . TYR A 1 93  ? -2.101  7.439   -11.064 1.00 10.54 ? 203 TYR A N   1 
ATOM   622  C  CA  . TYR A 1 93  ? -1.275  8.469   -10.448 1.00 8.14  ? 203 TYR A CA  1 
ATOM   623  C  C   . TYR A 1 93  ? 0.002   7.821   -9.884  1.00 5.25  ? 203 TYR A C   1 
ATOM   624  O  O   . TYR A 1 93  ? -0.059  6.856   -9.135  1.00 2.00  ? 203 TYR A O   1 
ATOM   625  C  CB  . TYR A 1 93  ? -2.069  9.182   -9.333  1.00 9.85  ? 203 TYR A CB  1 
ATOM   626  C  CG  . TYR A 1 93  ? -3.284  9.964   -9.818  1.00 5.71  ? 203 TYR A CG  1 
ATOM   627  C  CD1 . TYR A 1 93  ? -3.156  11.296  -10.232 1.00 2.81  ? 203 TYR A CD1 1 
ATOM   628  C  CD2 . TYR A 1 93  ? -4.548  9.351   -9.923  1.00 2.96  ? 203 TYR A CD2 1 
ATOM   629  C  CE1 . TYR A 1 93  ? -4.249  11.996  -10.755 1.00 4.14  ? 203 TYR A CE1 1 
ATOM   630  C  CE2 . TYR A 1 93  ? -5.650  10.040  -10.432 1.00 2.00  ? 203 TYR A CE2 1 
ATOM   631  C  CZ  . TYR A 1 93  ? -5.489  11.361  -10.857 1.00 7.11  ? 203 TYR A CZ  1 
ATOM   632  O  OH  . TYR A 1 93  ? -6.545  12.056  -11.430 1.00 12.09 ? 203 TYR A OH  1 
ATOM   633  N  N   . ASP A 1 94  ? 1.149   8.354   -10.292 1.00 6.81  ? 204 ASP A N   1 
ATOM   634  C  CA  . ASP A 1 94  ? 2.457   7.868   -9.879  1.00 8.87  ? 204 ASP A CA  1 
ATOM   635  C  C   . ASP A 1 94  ? 2.779   8.181   -8.431  1.00 12.93 ? 204 ASP A C   1 
ATOM   636  O  O   . ASP A 1 94  ? 2.612   9.324   -7.979  1.00 15.23 ? 204 ASP A O   1 
ATOM   637  C  CB  . ASP A 1 94  ? 3.559   8.505   -10.747 1.00 9.75  ? 204 ASP A CB  1 
ATOM   638  C  CG  . ASP A 1 94  ? 3.718   7.837   -12.121 1.00 11.08 ? 204 ASP A CG  1 
ATOM   639  O  OD1 . ASP A 1 94  ? 3.029   6.826   -12.404 1.00 5.07  ? 204 ASP A OD1 1 
ATOM   640  O  OD2 . ASP A 1 94  ? 4.572   8.335   -12.896 1.00 9.49  ? 204 ASP A OD2 1 
ATOM   641  N  N   . GLY A 1 95  ? 3.363   7.196   -7.755  1.00 14.20 ? 205 GLY A N   1 
ATOM   642  C  CA  . GLY A 1 95  ? 3.748   7.345   -6.368  1.00 15.70 ? 205 GLY A CA  1 
ATOM   643  C  C   . GLY A 1 95  ? 5.239   7.119   -6.272  1.00 16.92 ? 205 GLY A C   1 
ATOM   644  O  O   . GLY A 1 95  ? 5.796   6.296   -7.019  1.00 18.30 ? 205 GLY A O   1 
ATOM   645  N  N   . ILE A 1 96  ? 5.894   7.833   -5.360  1.00 15.97 ? 206 ILE A N   1 
ATOM   646  C  CA  . ILE A 1 96  ? 7.334   7.716   -5.183  1.00 15.27 ? 206 ILE A CA  1 
ATOM   647  C  C   . ILE A 1 96  ? 7.679   7.810   -3.706  1.00 17.16 ? 206 ILE A C   1 
ATOM   648  O  O   . ILE A 1 96  ? 6.811   8.136   -2.882  1.00 14.62 ? 206 ILE A O   1 
ATOM   649  C  CB  . ILE A 1 96  ? 8.116   8.846   -5.920  1.00 13.06 ? 206 ILE A CB  1 
ATOM   650  C  CG1 . ILE A 1 96  ? 7.787   10.214  -5.319  1.00 11.57 ? 206 ILE A CG1 1 
ATOM   651  C  CG2 . ILE A 1 96  ? 7.782   8.856   -7.411  1.00 13.45 ? 206 ILE A CG2 1 
ATOM   652  C  CD1 . ILE A 1 96  ? 8.645   11.336  -5.840  1.00 11.39 ? 206 ILE A CD1 1 
ATOM   653  N  N   . CYS A 1 97  ? 8.917   7.438   -3.374  1.00 19.22 ? 207 CYS A N   1 
ATOM   654  C  CA  . CYS A 1 97  ? 9.437   7.534   -2.015  1.00 18.19 ? 207 CYS A CA  1 
ATOM   655  C  C   . CYS A 1 97  ? 10.297  8.799   -2.056  1.00 20.32 ? 207 CYS A C   1 
ATOM   656  O  O   . CYS A 1 97  ? 11.384  8.790   -2.656  1.00 18.03 ? 207 CYS A O   1 
ATOM   657  C  CB  . CYS A 1 97  ? 10.322  6.347   -1.680  1.00 17.60 ? 207 CYS A CB  1 
ATOM   658  S  SG  . CYS A 1 97  ? 11.411  6.670   -0.251  1.00 13.92 ? 207 CYS A SG  1 
ATOM   659  N  N   . ALA A 1 98  ? 9.856   9.848   -1.353  1.00 20.03 ? 208 ALA A N   1 
ATOM   660  C  CA  . ALA A 1 98  ? 10.546  11.140  -1.367  1.00 19.65 ? 208 ALA A CA  1 
ATOM   661  C  C   . ALA A 1 98  ? 11.656  11.438  -0.337  1.00 20.56 ? 208 ALA A C   1 
ATOM   662  O  O   . ALA A 1 98  ? 12.013  12.600  -0.126  1.00 23.09 ? 208 ALA A O   1 
ATOM   663  C  CB  . ALA A 1 98  ? 9.508   12.247  -1.362  1.00 18.37 ? 208 ALA A CB  1 
ATOM   664  N  N   . GLU A 1 99  ? 12.271  10.403  0.226   1.00 20.33 ? 209 GLU A N   1 
ATOM   665  C  CA  . GLU A 1 99  ? 13.323  10.600  1.222   1.00 19.57 ? 209 GLU A CA  1 
ATOM   666  C  C   . GLU A 1 99  ? 14.365  9.520   0.982   1.00 19.02 ? 209 GLU A C   1 
ATOM   667  O  O   . GLU A 1 99  ? 13.996  8.334   0.884   1.00 21.93 ? 209 GLU A O   1 
ATOM   668  C  CB  . GLU A 1 99  ? 12.718  10.414  2.616   1.00 18.37 ? 209 GLU A CB  1 
ATOM   669  C  CG  . GLU A 1 99  ? 13.486  11.065  3.735   1.00 19.50 ? 209 GLU A CG  1 
ATOM   670  C  CD  . GLU A 1 99  ? 13.296  10.343  5.061   1.00 19.64 ? 209 GLU A CD  1 
ATOM   671  O  OE1 . GLU A 1 99  ? 12.129  10.077  5.429   1.00 19.25 ? 209 GLU A OE1 1 
ATOM   672  O  OE2 . GLU A 1 99  ? 14.320  10.037  5.730   1.00 17.11 ? 209 GLU A OE2 1 
ATOM   673  N  N   . ILE A 1 100 ? 15.645  9.888   0.875   1.00 17.46 ? 210 ILE A N   1 
ATOM   674  C  CA  . ILE A 1 100 ? 16.686  8.879   0.629   1.00 16.91 ? 210 ILE A CA  1 
ATOM   675  C  C   . ILE A 1 100 ? 16.676  7.844   1.725   1.00 18.13 ? 210 ILE A C   1 
ATOM   676  O  O   . ILE A 1 100 ? 16.695  8.181   2.916   1.00 17.17 ? 210 ILE A O   1 
ATOM   677  C  CB  . ILE A 1 100 ? 18.104  9.457   0.402   1.00 18.00 ? 210 ILE A CB  1 
ATOM   678  C  CG1 . ILE A 1 100 ? 18.573  10.288  1.595   1.00 21.73 ? 210 ILE A CG1 1 
ATOM   679  C  CG2 . ILE A 1 100 ? 18.140  10.245  -0.909  1.00 14.65 ? 210 ILE A CG2 1 
ATOM   680  C  CD1 . ILE A 1 100 ? 20.003  10.806  1.451   1.00 22.65 ? 210 ILE A CD1 1 
ATOM   681  N  N   . CYS A 1 101 ? 16.596  6.583   1.300   1.00 17.13 ? 211 CYS A N   1 
ATOM   682  C  CA  . CYS A 1 101 ? 16.494  5.459   2.212   1.00 15.77 ? 211 CYS A CA  1 
ATOM   683  C  C   . CYS A 1 101 ? 17.316  4.256   1.815   1.00 14.67 ? 211 CYS A C   1 
ATOM   684  O  O   . CYS A 1 101 ? 16.978  3.141   2.199   1.00 14.32 ? 211 CYS A O   1 
ATOM   685  C  CB  . CYS A 1 101 ? 15.049  5.033   2.252   1.00 14.32 ? 211 CYS A CB  1 
ATOM   686  S  SG  . CYS A 1 101 ? 14.484  4.925   0.542   1.00 13.44 ? 211 CYS A SG  1 
ATOM   687  N  N   . GLY A 1 102 ? 18.352  4.467   1.009   1.00 14.64 ? 212 GLY A N   1 
ATOM   688  C  CA  . GLY A 1 102 ? 19.202  3.366   0.595   1.00 17.19 ? 212 GLY A CA  1 
ATOM   689  C  C   . GLY A 1 102 ? 19.159  3.067   -0.895  1.00 19.70 ? 212 GLY A C   1 
ATOM   690  O  O   . GLY A 1 102 ? 18.464  3.761   -1.655  1.00 19.89 ? 212 GLY A O   1 
ATOM   691  N  N   . PRO A 1 103 ? 19.841  1.983   -1.322  1.00 19.77 ? 213 PRO A N   1 
ATOM   692  C  CA  . PRO A 1 103 ? 19.996  1.445   -2.679  1.00 19.11 ? 213 PRO A CA  1 
ATOM   693  C  C   . PRO A 1 103 ? 18.778  1.575   -3.612  1.00 17.24 ? 213 PRO A C   1 
ATOM   694  O  O   . PRO A 1 103 ? 18.826  2.266   -4.636  1.00 16.87 ? 213 PRO A O   1 
ATOM   695  C  CB  . PRO A 1 103 ? 20.332  -0.023  -2.405  1.00 17.66 ? 213 PRO A CB  1 
ATOM   696  C  CG  . PRO A 1 103 ? 21.146  0.071   -1.217  1.00 16.32 ? 213 PRO A CG  1 
ATOM   697  C  CD  . PRO A 1 103 ? 20.377  1.015   -0.345  1.00 15.46 ? 213 PRO A CD  1 
ATOM   698  N  N   . GLY A 1 104 ? 17.682  0.934   -3.222  1.00 18.17 ? 214 GLY A N   1 
ATOM   699  C  CA  . GLY A 1 104 ? 16.472  0.955   -4.022  1.00 19.85 ? 214 GLY A CA  1 
ATOM   700  C  C   . GLY A 1 104 ? 15.555  2.144   -3.824  1.00 21.29 ? 214 GLY A C   1 
ATOM   701  O  O   . GLY A 1 104 ? 14.340  2.007   -3.944  1.00 24.17 ? 214 GLY A O   1 
ATOM   702  N  N   . HIS A 1 105 ? 16.124  3.313   -3.538  1.00 22.02 ? 215 HIS A N   1 
ATOM   703  C  CA  . HIS A 1 105 ? 15.330  4.523   -3.361  1.00 19.20 ? 215 HIS A CA  1 
ATOM   704  C  C   . HIS A 1 105 ? 14.593  4.873   -4.673  1.00 16.61 ? 215 HIS A C   1 
ATOM   705  O  O   . HIS A 1 105 ? 13.367  4.945   -4.692  1.00 14.08 ? 215 HIS A O   1 
ATOM   706  C  CB  . HIS A 1 105 ? 16.231  5.696   -2.878  1.00 17.05 ? 215 HIS A CB  1 
ATOM   707  C  CG  . HIS A 1 105 ? 15.519  7.021   -2.776  1.00 13.44 ? 215 HIS A CG  1 
ATOM   708  N  ND1 . HIS A 1 105 ? 14.476  7.211   -1.898  1.00 11.65 ? 215 HIS A ND1 1 
ATOM   709  C  CD2 . HIS A 1 105 ? 15.655  8.115   -3.554  1.00 12.02 ? 215 HIS A CD2 1 
ATOM   710  C  CE1 . HIS A 1 105 ? 13.997  8.405   -2.179  1.00 8.59  ? 215 HIS A CE1 1 
ATOM   711  N  NE2 . HIS A 1 105 ? 14.672  8.992   -3.171  1.00 12.57 ? 215 HIS A NE2 1 
ATOM   712  N  N   . SER A 1 106 ? 15.332  5.008   -5.772  1.00 13.47 ? 216 SER A N   1 
ATOM   713  C  CA  . SER A 1 106 ? 14.736  5.373   -7.063  1.00 12.89 ? 216 SER A CA  1 
ATOM   714  C  C   . SER A 1 106 ? 13.681  4.432   -7.660  1.00 14.00 ? 216 SER A C   1 
ATOM   715  O  O   . SER A 1 106 ? 12.835  4.872   -8.439  1.00 15.28 ? 216 SER A O   1 
ATOM   716  C  CB  . SER A 1 106 ? 15.834  5.645   -8.084  1.00 14.96 ? 216 SER A CB  1 
ATOM   717  O  OG  . SER A 1 106 ? 16.653  6.728   -7.661  1.00 23.86 ? 216 SER A OG  1 
ATOM   718  N  N   . GLY A 1 107 ? 13.715  3.152   -7.310  1.00 14.19 ? 217 GLY A N   1 
ATOM   719  C  CA  . GLY A 1 107 ? 12.703  2.241   -7.831  1.00 11.41 ? 217 GLY A CA  1 
ATOM   720  C  C   . GLY A 1 107 ? 11.617  1.927   -6.807  1.00 10.45 ? 217 GLY A C   1 
ATOM   721  O  O   . GLY A 1 107 ? 10.827  0.997   -6.990  1.00 10.51 ? 217 GLY A O   1 
ATOM   722  N  N   . MET A 1 108 ? 11.608  2.672   -5.701  1.00 11.89 ? 218 MET A N   1 
ATOM   723  C  CA  . MET A 1 108 ? 10.624  2.498   -4.630  1.00 10.48 ? 218 MET A CA  1 
ATOM   724  C  C   . MET A 1 108 ? 9.397   3.326   -4.989  1.00 10.72 ? 218 MET A C   1 
ATOM   725  O  O   . MET A 1 108 ? 9.047   4.288   -4.291  1.00 11.47 ? 218 MET A O   1 
ATOM   726  C  CB  . MET A 1 108 ? 11.210  2.949   -3.286  1.00 7.26  ? 218 MET A CB  1 
ATOM   727  C  CG  . MET A 1 108 ? 10.285  2.644   -2.115  1.00 9.22  ? 218 MET A CG  1 
ATOM   728  S  SD  . MET A 1 108 ? 11.012  2.663   -0.458  1.00 13.59 ? 218 MET A SD  1 
ATOM   729  C  CE  . MET A 1 108 ? 9.577   1.994   0.499   1.00 6.81  ? 218 MET A CE  1 
ATOM   730  N  N   . LYS A 1 109 ? 8.743   2.939   -6.086  1.00 11.72 ? 219 LYS A N   1 
ATOM   731  C  CA  . LYS A 1 109 ? 7.582   3.661   -6.596  1.00 12.45 ? 219 LYS A CA  1 
ATOM   732  C  C   . LYS A 1 109 ? 6.302   2.820   -6.579  1.00 12.68 ? 219 LYS A C   1 
ATOM   733  O  O   . LYS A 1 109 ? 6.352   1.630   -6.291  1.00 16.50 ? 219 LYS A O   1 
ATOM   734  C  CB  . LYS A 1 109 ? 7.874   4.121   -8.030  1.00 10.28 ? 219 LYS A CB  1 
ATOM   735  C  CG  . LYS A 1 109 ? 9.274   4.735   -8.237  1.00 13.14 ? 219 LYS A CG  1 
ATOM   736  C  CD  . LYS A 1 109 ? 9.401   5.469   -9.581  1.00 12.23 ? 219 LYS A CD  1 
ATOM   737  C  CE  . LYS A 1 109 ? 10.674  6.327   -9.627  1.00 20.85 ? 219 LYS A CE  1 
ATOM   738  N  NZ  . LYS A 1 109 ? 10.673  7.414   -10.679 1.00 17.66 ? 219 LYS A NZ  1 
ATOM   739  N  N   . PHE A 1 110 ? 5.155   3.436   -6.848  1.00 12.23 ? 220 PHE A N   1 
ATOM   740  C  CA  . PHE A 1 110 ? 3.898   2.696   -6.902  1.00 14.03 ? 220 PHE A CA  1 
ATOM   741  C  C   . PHE A 1 110 ? 2.918   3.435   -7.838  1.00 14.33 ? 220 PHE A C   1 
ATOM   742  O  O   . PHE A 1 110 ? 3.213   4.536   -8.293  1.00 12.27 ? 220 PHE A O   1 
ATOM   743  C  CB  . PHE A 1 110 ? 3.294   2.484   -5.487  1.00 13.38 ? 220 PHE A CB  1 
ATOM   744  C  CG  . PHE A 1 110 ? 2.867   3.762   -4.785  1.00 16.31 ? 220 PHE A CG  1 
ATOM   745  C  CD1 . PHE A 1 110 ? 1.640   4.356   -5.076  1.00 16.29 ? 220 PHE A CD1 1 
ATOM   746  C  CD2 . PHE A 1 110 ? 3.709   4.386   -3.863  1.00 13.80 ? 220 PHE A CD2 1 
ATOM   747  C  CE1 . PHE A 1 110 ? 1.262   5.558   -4.465  1.00 17.72 ? 220 PHE A CE1 1 
ATOM   748  C  CE2 . PHE A 1 110 ? 3.347   5.583   -3.244  1.00 16.56 ? 220 PHE A CE2 1 
ATOM   749  C  CZ  . PHE A 1 110 ? 2.125   6.177   -3.544  1.00 13.33 ? 220 PHE A CZ  1 
ATOM   750  N  N   . LYS A 1 111 ? 1.797   2.813   -8.178  1.00 16.40 ? 221 LYS A N   1 
ATOM   751  C  CA  . LYS A 1 111 ? 0.801   3.475   -9.021  1.00 16.05 ? 221 LYS A CA  1 
ATOM   752  C  C   . LYS A 1 111 ? -0.578  3.351   -8.370  1.00 15.08 ? 221 LYS A C   1 
ATOM   753  O  O   . LYS A 1 111 ? -0.879  2.352   -7.710  1.00 16.06 ? 221 LYS A O   1 
ATOM   754  C  CB  . LYS A 1 111 ? 0.810   2.891   -10.445 1.00 17.33 ? 221 LYS A CB  1 
ATOM   755  C  CG  . LYS A 1 111 ? 2.135   3.176   -11.197 1.00 17.20 ? 221 LYS A CG  1 
ATOM   756  C  CD  . LYS A 1 111 ? 2.016   2.971   -12.709 1.00 17.38 ? 221 LYS A CD  1 
ATOM   757  C  CE  . LYS A 1 111 ? 3.316   3.362   -13.430 1.00 18.68 ? 221 LYS A CE  1 
ATOM   758  N  NZ  . LYS A 1 111 ? 3.191   3.352   -14.918 1.00 22.24 ? 221 LYS A NZ  1 
ATOM   759  N  N   . ALA A 1 112 ? -1.362  4.417   -8.457  1.00 15.00 ? 222 ALA A N   1 
ATOM   760  C  CA  . ALA A 1 112 ? -2.703  4.438   -7.891  1.00 13.22 ? 222 ALA A CA  1 
ATOM   761  C  C   . ALA A 1 112 ? -3.668  4.644   -9.034  1.00 12.43 ? 222 ALA A C   1 
ATOM   762  O  O   . ALA A 1 112 ? -3.505  5.570   -9.834  1.00 8.61  ? 222 ALA A O   1 
ATOM   763  C  CB  . ALA A 1 112 ? -2.851  5.579   -6.885  1.00 15.30 ? 222 ALA A CB  1 
ATOM   764  N  N   . ILE A 1 113 ? -4.687  3.797   -9.101  1.00 10.57 ? 223 ILE A N   1 
ATOM   765  C  CA  . ILE A 1 113 ? -5.657  3.891   -10.167 1.00 9.79  ? 223 ILE A CA  1 
ATOM   766  C  C   . ILE A 1 113 ? -7.007  4.332   -9.621  1.00 9.74  ? 223 ILE A C   1 
ATOM   767  O  O   . ILE A 1 113 ? -7.638  3.628   -8.817  1.00 11.64 ? 223 ILE A O   1 
ATOM   768  C  CB  . ILE A 1 113 ? -5.842  2.518   -10.896 1.00 9.90  ? 223 ILE A CB  1 
ATOM   769  C  CG1 . ILE A 1 113 ? -4.487  1.945   -11.339 1.00 10.39 ? 223 ILE A CG1 1 
ATOM   770  C  CG2 . ILE A 1 113 ? -6.791  2.683   -12.069 1.00 11.29 ? 223 ILE A CG2 1 
ATOM   771  C  CD1 . ILE A 1 113 ? -4.428  0.400   -11.382 1.00 8.92  ? 223 ILE A CD1 1 
ATOM   772  N  N   . ALA A 1 114 ? -7.438  5.508   -10.040 1.00 9.41  ? 224 ALA A N   1 
ATOM   773  C  CA  . ALA A 1 114 ? -8.728  6.016   -9.638  1.00 12.86 ? 224 ALA A CA  1 
ATOM   774  C  C   . ALA A 1 114 ? -9.681  5.531   -10.736 1.00 14.50 ? 224 ALA A C   1 
ATOM   775  O  O   . ALA A 1 114 ? -9.583  5.951   -11.900 1.00 15.50 ? 224 ALA A O   1 
ATOM   776  C  CB  . ALA A 1 114 ? -8.707  7.552   -9.573  1.00 8.67  ? 224 ALA A CB  1 
ATOM   777  N  N   . THR A 1 115 ? -10.586 4.632   -10.368 1.00 12.94 ? 225 THR A N   1 
ATOM   778  C  CA  . THR A 1 115 ? -11.524 4.072   -11.319 1.00 11.92 ? 225 THR A CA  1 
ATOM   779  C  C   . THR A 1 115 ? -12.676 5.012   -11.613 1.00 14.11 ? 225 THR A C   1 
ATOM   780  O  O   . THR A 1 115 ? -12.936 5.937   -10.858 1.00 12.76 ? 225 THR A O   1 
ATOM   781  C  CB  . THR A 1 115 ? -12.046 2.701   -10.829 1.00 11.15 ? 225 THR A CB  1 
ATOM   782  O  OG1 . THR A 1 115 ? -12.839 2.876   -9.646  1.00 7.36  ? 225 THR A OG1 1 
ATOM   783  C  CG2 . THR A 1 115 ? -10.887 1.780   -10.510 1.00 10.47 ? 225 THR A CG2 1 
ATOM   784  N  N   . PRO A 1 116 ? -13.406 4.759   -12.710 1.00 16.27 ? 226 PRO A N   1 
ATOM   785  C  CA  . PRO A 1 116 ? -14.550 5.591   -13.111 1.00 17.64 ? 226 PRO A CA  1 
ATOM   786  C  C   . PRO A 1 116 ? -15.786 5.352   -12.265 1.00 16.87 ? 226 PRO A C   1 
ATOM   787  O  O   . PRO A 1 116 ? -16.734 6.108   -12.348 1.00 16.11 ? 226 PRO A O   1 
ATOM   788  C  CB  . PRO A 1 116 ? -14.804 5.175   -14.571 1.00 19.68 ? 226 PRO A CB  1 
ATOM   789  C  CG  . PRO A 1 116 ? -13.534 4.416   -14.977 1.00 22.65 ? 226 PRO A CG  1 
ATOM   790  C  CD  . PRO A 1 116 ? -13.151 3.712   -13.709 1.00 18.22 ? 226 PRO A CD  1 
ATOM   791  N  N   . ASP A 1 117 ? -15.801 4.256   -11.523 1.00 18.37 ? 227 ASP A N   1 
ATOM   792  C  CA  . ASP A 1 117 ? -16.916 3.940   -10.656 1.00 19.58 ? 227 ASP A CA  1 
ATOM   793  C  C   . ASP A 1 117 ? -16.551 2.819   -9.698  1.00 22.47 ? 227 ASP A C   1 
ATOM   794  O  O   . ASP A 1 117 ? -15.448 2.261   -9.791  1.00 20.78 ? 227 ASP A O   1 
ATOM   795  C  CB  . ASP A 1 117 ? -18.221 3.677   -11.440 1.00 19.86 ? 227 ASP A CB  1 
ATOM   796  C  CG  . ASP A 1 117 ? -18.166 2.463   -12.384 1.00 20.19 ? 227 ASP A CG  1 
ATOM   797  O  OD1 . ASP A 1 117 ? -17.209 1.654   -12.377 1.00 21.13 ? 227 ASP A OD1 1 
ATOM   798  O  OD2 . ASP A 1 117 ? -19.145 2.313   -13.138 1.00 19.67 ? 227 ASP A OD2 1 
ATOM   799  N  N   . ARG A 1 118 ? -17.439 2.513   -8.754  1.00 24.22 ? 228 ARG A N   1 
ATOM   800  C  CA  . ARG A 1 118 ? -17.152 1.473   -7.764  1.00 25.49 ? 228 ARG A CA  1 
ATOM   801  C  C   . ARG A 1 118 ? -17.096 0.073   -8.330  1.00 25.91 ? 228 ARG A C   1 
ATOM   802  O  O   . ARG A 1 118 ? -16.313 -0.755  -7.866  1.00 27.17 ? 228 ARG A O   1 
ATOM   803  C  CB  . ARG A 1 118 ? -18.162 1.501   -6.623  1.00 29.99 ? 228 ARG A CB  1 
ATOM   804  C  CG  . ARG A 1 118 ? -17.971 0.355   -5.642  1.00 33.94 ? 228 ARG A CG  1 
ATOM   805  C  CD  . ARG A 1 118 ? -18.663 0.610   -4.318  1.00 37.73 ? 228 ARG A CD  1 
ATOM   806  N  NE  . ARG A 1 118 ? -17.896 1.515   -3.464  1.00 39.50 ? 228 ARG A NE  1 
ATOM   807  C  CZ  . ARG A 1 118 ? -17.091 1.118   -2.483  1.00 39.77 ? 228 ARG A CZ  1 
ATOM   808  N  NH1 . ARG A 1 118 ? -16.943 -0.179  -2.220  1.00 37.30 ? 228 ARG A NH1 1 
ATOM   809  N  NH2 . ARG A 1 118 ? -16.426 2.019   -1.767  1.00 38.52 ? 228 ARG A NH2 1 
ATOM   810  N  N   . ALA A 1 119 ? -17.928 -0.186  -9.336  1.00 25.37 ? 229 ALA A N   1 
ATOM   811  C  CA  . ALA A 1 119 ? -17.994 -1.489  -9.977  1.00 19.94 ? 229 ALA A CA  1 
ATOM   812  C  C   . ALA A 1 119 ? -16.640 -1.848  -10.584 1.00 19.75 ? 229 ALA A C   1 
ATOM   813  O  O   . ALA A 1 119 ? -16.191 -3.008  -10.493 1.00 15.21 ? 229 ALA A O   1 
ATOM   814  C  CB  . ALA A 1 119 ? -19.069 -1.474  -11.033 1.00 20.91 ? 229 ALA A CB  1 
ATOM   815  N  N   . ALA A 1 120 ? -15.992 -0.854  -11.192 1.00 14.47 ? 230 ALA A N   1 
ATOM   816  C  CA  . ALA A 1 120 ? -14.682 -1.068  -11.796 1.00 16.35 ? 230 ALA A CA  1 
ATOM   817  C  C   . ALA A 1 120 ? -13.664 -1.390  -10.704 1.00 16.97 ? 230 ALA A C   1 
ATOM   818  O  O   . ALA A 1 120 ? -12.751 -2.211  -10.914 1.00 17.77 ? 230 ALA A O   1 
ATOM   819  C  CB  . ALA A 1 120 ? -14.252 0.155   -12.601 1.00 16.43 ? 230 ALA A CB  1 
ATOM   820  N  N   . PHE A 1 121 ? -13.850 -0.764  -9.534  1.00 17.66 ? 231 PHE A N   1 
ATOM   821  C  CA  . PHE A 1 121 ? -12.981 -0.970  -8.367  1.00 16.30 ? 231 PHE A CA  1 
ATOM   822  C  C   . PHE A 1 121 ? -13.242 -2.374  -7.828  1.00 14.37 ? 231 PHE A C   1 
ATOM   823  O  O   . PHE A 1 121 ? -12.318 -3.109  -7.471  1.00 11.89 ? 231 PHE A O   1 
ATOM   824  C  CB  . PHE A 1 121 ? -13.237 0.117   -7.287  1.00 16.10 ? 231 PHE A CB  1 
ATOM   825  C  CG  . PHE A 1 121 ? -12.750 -0.261  -5.887  1.00 13.44 ? 231 PHE A CG  1 
ATOM   826  C  CD1 . PHE A 1 121 ? -11.383 -0.380  -5.608  1.00 10.73 ? 231 PHE A CD1 1 
ATOM   827  C  CD2 . PHE A 1 121 ? -13.674 -0.540  -4.868  1.00 11.50 ? 231 PHE A CD2 1 
ATOM   828  C  CE1 . PHE A 1 121 ? -10.923 -0.769  -4.341  1.00 10.16 ? 231 PHE A CE1 1 
ATOM   829  C  CE2 . PHE A 1 121 ? -13.245 -0.929  -3.601  1.00 12.85 ? 231 PHE A CE2 1 
ATOM   830  C  CZ  . PHE A 1 121 ? -11.853 -1.051  -3.325  1.00 12.45 ? 231 PHE A CZ  1 
ATOM   831  N  N   . ASP A 1 122 ? -14.509 -2.763  -7.813  1.00 17.76 ? 232 ASP A N   1 
ATOM   832  C  CA  . ASP A 1 122 ? -14.882 -4.101  -7.349  1.00 21.14 ? 232 ASP A CA  1 
ATOM   833  C  C   . ASP A 1 122 ? -14.351 -5.163  -8.316  1.00 19.61 ? 232 ASP A C   1 
ATOM   834  O  O   . ASP A 1 122 ? -14.268 -6.333  -7.954  1.00 19.35 ? 232 ASP A O   1 
ATOM   835  C  CB  . ASP A 1 122 ? -16.401 -4.232  -7.197  1.00 23.38 ? 232 ASP A CB  1 
ATOM   836  C  CG  . ASP A 1 122 ? -16.975 -3.286  -6.154  1.00 28.79 ? 232 ASP A CG  1 
ATOM   837  O  OD1 . ASP A 1 122 ? -16.303 -3.009  -5.128  1.00 29.52 ? 232 ASP A OD1 1 
ATOM   838  O  OD2 . ASP A 1 122 ? -18.113 -2.811  -6.378  1.00 31.96 ? 232 ASP A OD2 1 
ATOM   839  N  N   . GLN A 1 123 ? -14.035 -4.769  -9.551  1.00 19.00 ? 233 GLN A N   1 
ATOM   840  C  CA  . GLN A 1 123 ? -13.470 -5.721  -10.517 1.00 21.24 ? 233 GLN A CA  1 
ATOM   841  C  C   . GLN A 1 123 ? -11.995 -5.933  -10.137 1.00 20.58 ? 233 GLN A C   1 
ATOM   842  O  O   . GLN A 1 123 ? -11.543 -7.074  -10.005 1.00 23.82 ? 233 GLN A O   1 
ATOM   843  C  CB  . GLN A 1 123 ? -13.545 -5.207  -11.969 1.00 21.42 ? 233 GLN A CB  1 
ATOM   844  C  CG  . GLN A 1 123 ? -14.925 -5.228  -12.647 1.00 26.24 ? 233 GLN A CG  1 
ATOM   845  C  CD  . GLN A 1 123 ? -14.883 -4.674  -14.089 1.00 29.72 ? 233 GLN A CD  1 
ATOM   846  O  OE1 . GLN A 1 123 ? -13.817 -4.616  -14.720 1.00 32.25 ? 233 GLN A OE1 1 
ATOM   847  N  NE2 . GLN A 1 123 ? -16.041 -4.259  -14.607 1.00 28.55 ? 233 GLN A NE2 1 
ATOM   848  N  N   . TRP A 1 124 ? -11.258 -4.843  -9.926  1.00 15.94 ? 234 TRP A N   1 
ATOM   849  C  CA  . TRP A 1 124 ? -9.845  -4.940  -9.552  1.00 14.07 ? 234 TRP A CA  1 
ATOM   850  C  C   . TRP A 1 124 ? -9.695  -5.860  -8.337  1.00 18.25 ? 234 TRP A C   1 
ATOM   851  O  O   . TRP A 1 124 ? -8.776  -6.685  -8.263  1.00 18.50 ? 234 TRP A O   1 
ATOM   852  C  CB  . TRP A 1 124 ? -9.312  -3.535  -9.241  1.00 17.32 ? 234 TRP A CB  1 
ATOM   853  C  CG  . TRP A 1 124 ? -7.874  -3.439  -8.790  1.00 16.39 ? 234 TRP A CG  1 
ATOM   854  C  CD1 . TRP A 1 124 ? -6.761  -3.354  -9.593  1.00 17.44 ? 234 TRP A CD1 1 
ATOM   855  C  CD2 . TRP A 1 124 ? -7.400  -3.299  -7.441  1.00 16.06 ? 234 TRP A CD2 1 
ATOM   856  N  NE1 . TRP A 1 124 ? -5.638  -3.161  -8.825  1.00 12.92 ? 234 TRP A NE1 1 
ATOM   857  C  CE2 . TRP A 1 124 ? -5.997  -3.122  -7.504  1.00 14.89 ? 234 TRP A CE2 1 
ATOM   858  C  CE3 . TRP A 1 124 ? -8.021  -3.300  -6.184  1.00 11.38 ? 234 TRP A CE3 1 
ATOM   859  C  CZ2 . TRP A 1 124 ? -5.212  -2.952  -6.356  1.00 12.96 ? 234 TRP A CZ2 1 
ATOM   860  C  CZ3 . TRP A 1 124 ? -7.237  -3.134  -5.063  1.00 4.57  ? 234 TRP A CZ3 1 
ATOM   861  C  CH2 . TRP A 1 124 ? -5.856  -2.964  -5.153  1.00 8.80  ? 234 TRP A CH2 1 
ATOM   862  N  N   . VAL A 1 125 ? -10.617 -5.717  -7.388  1.00 19.96 ? 235 VAL A N   1 
ATOM   863  C  CA  . VAL A 1 125 ? -10.623 -6.509  -6.162  1.00 20.50 ? 235 VAL A CA  1 
ATOM   864  C  C   . VAL A 1 125 ? -10.836 -7.986  -6.444  1.00 21.62 ? 235 VAL A C   1 
ATOM   865  O  O   . VAL A 1 125 ? -10.119 -8.827  -5.911  1.00 22.61 ? 235 VAL A O   1 
ATOM   866  C  CB  . VAL A 1 125 ? -11.704 -5.997  -5.187  1.00 18.84 ? 235 VAL A CB  1 
ATOM   867  C  CG1 . VAL A 1 125 ? -11.934 -6.997  -4.057  1.00 17.68 ? 235 VAL A CG1 1 
ATOM   868  C  CG2 . VAL A 1 125 ? -11.262 -4.661  -4.613  1.00 20.19 ? 235 VAL A CG2 1 
ATOM   869  N  N   . ALA A 1 126 ? -11.847 -8.299  -7.252  1.00 22.05 ? 236 ALA A N   1 
ATOM   870  C  CA  . ALA A 1 126 ? -12.138 -9.684  -7.601  1.00 22.22 ? 236 ALA A CA  1 
ATOM   871  C  C   . ALA A 1 126 ? -10.871 -10.311 -8.187  1.00 23.04 ? 236 ALA A C   1 
ATOM   872  O  O   . ALA A 1 126 ? -10.444 -11.383 -7.750  1.00 24.81 ? 236 ALA A O   1 
ATOM   873  C  CB  . ALA A 1 126 ? -13.283 -9.746  -8.596  1.00 22.65 ? 236 ALA A CB  1 
ATOM   874  N  N   . LYS A 1 127 ? -10.245 -9.601  -9.130  1.00 22.83 ? 237 LYS A N   1 
ATOM   875  C  CA  . LYS A 1 127 ? -9.017  -10.055 -9.769  1.00 22.79 ? 237 LYS A CA  1 
ATOM   876  C  C   . LYS A 1 127 ? -7.969  -10.388 -8.718  1.00 24.87 ? 237 LYS A C   1 
ATOM   877  O  O   . LYS A 1 127 ? -7.253  -11.380 -8.830  1.00 27.25 ? 237 LYS A O   1 
ATOM   878  C  CB  . LYS A 1 127 ? -8.499  -8.981  -10.712 1.00 23.48 ? 237 LYS A CB  1 
ATOM   879  C  CG  . LYS A 1 127 ? -7.087  -9.227  -11.213 1.00 26.76 ? 237 LYS A CG  1 
ATOM   880  C  CD  . LYS A 1 127 ? -6.712  -8.234  -12.300 1.00 32.15 ? 237 LYS A CD  1 
ATOM   881  C  CE  . LYS A 1 127 ? -6.482  -6.838  -11.745 1.00 34.75 ? 237 LYS A CE  1 
ATOM   882  N  NZ  . LYS A 1 127 ? -6.381  -5.817  -12.823 1.00 36.21 ? 237 LYS A NZ  1 
ATOM   883  N  N   . ALA A 1 128 ? -7.910  -9.564  -7.677  1.00 29.97 ? 238 ALA A N   1 
ATOM   884  C  CA  . ALA A 1 128 ? -6.982  -9.752  -6.565  1.00 29.84 ? 238 ALA A CA  1 
ATOM   885  C  C   . ALA A 1 128 ? -7.308  -11.026 -5.794  1.00 30.71 ? 238 ALA A C   1 
ATOM   886  O  O   . ALA A 1 128 ? -6.417  -11.706 -5.291  1.00 30.09 ? 238 ALA A O   1 
ATOM   887  C  CB  . ALA A 1 128 ? -7.039  -8.548  -5.633  1.00 28.72 ? 238 ALA A CB  1 
ATOM   888  N  N   . LYS A 1 129 ? -8.592  -11.341 -5.682  1.00 31.88 ? 239 LYS A N   1 
ATOM   889  C  CA  . LYS A 1 129 ? -8.993  -12.554 -4.978  1.00 35.01 ? 239 LYS A CA  1 
ATOM   890  C  C   . LYS A 1 129 ? -8.708  -13.834 -5.772  1.00 36.33 ? 239 LYS A C   1 
ATOM   891  O  O   . LYS A 1 129 ? -8.669  -14.925 -5.203  1.00 36.09 ? 239 LYS A O   1 
ATOM   892  C  CB  . LYS A 1 129 ? -10.451 -12.466 -4.524  1.00 33.96 ? 239 LYS A CB  1 
ATOM   893  C  CG  . LYS A 1 129 ? -10.570 -11.833 -3.146  1.00 34.73 ? 239 LYS A CG  1 
ATOM   894  C  CD  . LYS A 1 129 ? -11.976 -11.371 -2.834  1.00 38.00 ? 239 LYS A CD  1 
ATOM   895  C  CE  . LYS A 1 129 ? -12.079 -10.898 -1.383  1.00 37.52 ? 239 LYS A CE  1 
ATOM   896  N  NZ  . LYS A 1 129 ? -13.464 -10.482 -1.021  1.00 37.56 ? 239 LYS A NZ  1 
ATOM   897  N  N   . GLN A 1 130 ? -8.457  -13.694 -7.071  1.00 36.65 ? 240 GLN A N   1 
ATOM   898  C  CA  . GLN A 1 130 ? -8.149  -14.852 -7.905  1.00 38.09 ? 240 GLN A CA  1 
ATOM   899  C  C   . GLN A 1 130 ? -6.671  -15.229 -7.777  1.00 38.41 ? 240 GLN A C   1 
ATOM   900  O  O   . GLN A 1 130 ? -6.209  -16.195 -8.395  1.00 39.44 ? 240 GLN A O   1 
ATOM   901  C  CB  . GLN A 1 130 ? -8.487  -14.572 -9.370  1.00 37.55 ? 240 GLN A CB  1 
ATOM   902  C  CG  . GLN A 1 130 ? -9.981  -14.435 -9.642  1.00 39.52 ? 240 GLN A CG  1 
ATOM   903  C  CD  . GLN A 1 130 ? -10.277 -13.748 -10.966 1.00 39.94 ? 240 GLN A CD  1 
ATOM   904  O  OE1 . GLN A 1 130 ? -9.376  -13.487 -11.771 1.00 40.56 ? 240 GLN A OE1 1 
ATOM   905  N  NE2 . GLN A 1 130 ? -11.542 -13.430 -11.190 1.00 40.33 ? 240 GLN A NE2 1 
ATOM   906  N  N   . SER A 1 131 ? -5.930  -14.473 -6.969  1.00 36.93 ? 241 SER A N   1 
ATOM   907  C  CA  . SER A 1 131 ? -4.507  -14.739 -6.770  1.00 36.55 ? 241 SER A CA  1 
ATOM   908  C  C   . SER A 1 131 ? -4.246  -16.001 -5.948  1.00 36.44 ? 241 SER A C   1 
ATOM   909  O  O   . SER A 1 131 ? -4.978  -16.314 -5.007  1.00 36.85 ? 241 SER A O   1 
ATOM   910  C  CB  . SER A 1 131 ? -3.827  -13.548 -6.098  1.00 33.65 ? 241 SER A CB  1 
ATOM   911  O  OG  . SER A 1 131 ? -2.465  -13.830 -5.829  1.00 32.06 ? 241 SER A OG  1 
ATOM   912  N  N   . PRO A 1 132 ? -3.222  -16.779 -6.333  1.00 36.26 ? 242 PRO A N   1 
ATOM   913  C  CA  . PRO A 1 132 ? -2.857  -18.006 -5.631  1.00 35.54 ? 242 PRO A CA  1 
ATOM   914  C  C   . PRO A 1 132 ? -1.984  -17.685 -4.417  1.00 34.87 ? 242 PRO A C   1 
ATOM   915  O  O   . PRO A 1 132 ? -1.833  -18.510 -3.510  1.00 33.41 ? 242 PRO A O   1 
ATOM   916  C  CB  . PRO A 1 132 ? -2.059  -18.768 -6.690  1.00 36.62 ? 242 PRO A CB  1 
ATOM   917  C  CG  . PRO A 1 132 ? -1.349  -17.669 -7.415  1.00 37.34 ? 242 PRO A CG  1 
ATOM   918  C  CD  . PRO A 1 132 ? -2.465  -16.652 -7.595  1.00 37.84 ? 242 PRO A CD  1 
ATOM   919  N  N   . ASN A 1 133 ? -1.370  -16.503 -4.438  1.00 34.73 ? 243 ASN A N   1 
ATOM   920  C  CA  . ASN A 1 133 ? -0.504  -16.071 -3.344  1.00 33.45 ? 243 ASN A CA  1 
ATOM   921  C  C   . ASN A 1 133 ? -1.380  -15.570 -2.194  1.00 31.82 ? 243 ASN A C   1 
ATOM   922  O  O   . ASN A 1 133 ? -2.459  -15.006 -2.413  1.00 32.16 ? 243 ASN A O   1 
ATOM   923  C  CB  . ASN A 1 133 ? 0.421   -14.929 -3.786  1.00 35.57 ? 243 ASN A CB  1 
ATOM   924  C  CG  . ASN A 1 133 ? 0.974   -15.111 -5.187  1.00 39.76 ? 243 ASN A CG  1 
ATOM   925  O  OD1 . ASN A 1 133 ? 1.866   -15.926 -5.416  1.00 41.83 ? 243 ASN A OD1 1 
ATOM   926  N  ND2 . ASN A 1 133 ? 0.467   -14.320 -6.130  1.00 40.50 ? 243 ASN A ND2 1 
ATOM   927  N  N   . THR A 1 134 ? -0.931  -15.802 -0.971  1.00 28.78 ? 244 THR A N   1 
ATOM   928  C  CA  . THR A 1 134 ? -1.647  -15.351 0.212   1.00 26.12 ? 244 THR A CA  1 
ATOM   929  C  C   . THR A 1 134 ? -0.580  -14.727 1.079   1.00 26.81 ? 244 THR A C   1 
ATOM   930  O  O   . THR A 1 134 ? 0.607   -14.968 0.870   1.00 25.06 ? 244 THR A O   1 
ATOM   931  C  CB  . THR A 1 134 ? -2.262  -16.521 1.040   1.00 24.93 ? 244 THR A CB  1 
ATOM   932  O  OG1 . THR A 1 134 ? -1.215  -17.384 1.513   1.00 21.21 ? 244 THR A OG1 1 
ATOM   933  C  CG2 . THR A 1 134 ? -3.253  -17.313 0.217   1.00 25.18 ? 244 THR A CG2 1 
ATOM   934  N  N   . MET A 1 135 ? -1.010  -13.995 2.099   1.00 27.07 ? 245 MET A N   1 
ATOM   935  C  CA  . MET A 1 135 ? -0.094  -13.361 3.028   1.00 27.21 ? 245 MET A CA  1 
ATOM   936  C  C   . MET A 1 135 ? -0.692  -13.659 4.399   1.00 28.72 ? 245 MET A C   1 
ATOM   937  O  O   . MET A 1 135 ? -0.864  -12.769 5.231   1.00 29.24 ? 245 MET A O   1 
ATOM   938  C  CB  . MET A 1 135 ? -0.047  -11.858 2.744   1.00 24.53 ? 245 MET A CB  1 
ATOM   939  C  CG  . MET A 1 135 ? 0.958   -11.091 3.573   1.00 25.14 ? 245 MET A CG  1 
ATOM   940  S  SD  . MET A 1 135 ? 2.613   -11.813 3.576   1.00 20.06 ? 245 MET A SD  1 
ATOM   941  C  CE  . MET A 1 135 ? 3.246   -11.211 2.024   1.00 18.95 ? 245 MET A CE  1 
ATOM   942  N  N   . SER A 1 136 ? -1.002  -14.929 4.637   1.00 29.52 ? 246 SER A N   1 
ATOM   943  C  CA  . SER A 1 136 ? -1.636  -15.321 5.898   1.00 31.00 ? 246 SER A CA  1 
ATOM   944  C  C   . SER A 1 136 ? -0.792  -15.931 7.014   1.00 32.08 ? 246 SER A C   1 
ATOM   945  O  O   . SER A 1 136 ? -1.331  -16.553 7.924   1.00 31.08 ? 246 SER A O   1 
ATOM   946  C  CB  . SER A 1 136 ? -2.858  -16.192 5.633   1.00 28.25 ? 246 SER A CB  1 
ATOM   947  O  OG  . SER A 1 136 ? -3.913  -15.813 6.500   1.00 30.88 ? 246 SER A OG  1 
ATOM   948  N  N   . ASP A 1 137 ? 0.517   -15.723 6.970   1.00 33.75 ? 247 ASP A N   1 
ATOM   949  C  CA  . ASP A 1 137 ? 1.372   -16.242 8.022   1.00 37.79 ? 247 ASP A CA  1 
ATOM   950  C  C   . ASP A 1 137 ? 2.704   -15.501 8.101   1.00 40.20 ? 247 ASP A C   1 
ATOM   951  O  O   . ASP A 1 137 ? 3.118   -14.819 7.150   1.00 40.39 ? 247 ASP A O   1 
ATOM   952  C  CB  . ASP A 1 137 ? 1.575   -17.767 7.897   1.00 39.17 ? 247 ASP A CB  1 
ATOM   953  C  CG  . ASP A 1 137 ? 2.743   -18.145 7.000   1.00 42.40 ? 247 ASP A CG  1 
ATOM   954  O  OD1 . ASP A 1 137 ? 2.784   -17.660 5.847   1.00 44.54 ? 247 ASP A OD1 1 
ATOM   955  O  OD2 . ASP A 1 137 ? 3.614   -18.930 7.448   1.00 40.76 ? 247 ASP A OD2 1 
ATOM   956  N  N   . MET A 1 138 ? 3.387   -15.700 9.225   1.00 41.69 ? 248 MET A N   1 
ATOM   957  C  CA  . MET A 1 138 ? 4.670   -15.074 9.512   1.00 43.53 ? 248 MET A CA  1 
ATOM   958  C  C   . MET A 1 138 ? 5.785   -15.304 8.485   1.00 43.88 ? 248 MET A C   1 
ATOM   959  O  O   . MET A 1 138 ? 6.579   -14.393 8.211   1.00 45.28 ? 248 MET A O   1 
ATOM   960  C  CB  . MET A 1 138 ? 5.139   -15.492 10.897  1.00 43.60 ? 248 MET A CB  1 
ATOM   961  N  N   . ALA A 1 139 ? 5.850   -16.512 7.925   1.00 43.36 ? 249 ALA A N   1 
ATOM   962  C  CA  . ALA A 1 139 ? 6.877   -16.853 6.936   1.00 39.32 ? 249 ALA A CA  1 
ATOM   963  C  C   . ALA A 1 139 ? 6.634   -16.188 5.590   1.00 36.51 ? 249 ALA A C   1 
ATOM   964  O  O   . ALA A 1 139 ? 7.556   -16.039 4.791   1.00 35.96 ? 249 ALA A O   1 
ATOM   965  C  CB  . ALA A 1 139 ? 6.964   -18.355 6.755   1.00 40.24 ? 249 ALA A CB  1 
ATOM   966  N  N   . ALA A 1 140 ? 5.392   -15.805 5.324   1.00 33.95 ? 250 ALA A N   1 
ATOM   967  C  CA  . ALA A 1 140 ? 5.076   -15.161 4.056   1.00 32.09 ? 250 ALA A CA  1 
ATOM   968  C  C   . ALA A 1 140 ? 5.525   -13.709 4.121   1.00 29.74 ? 250 ALA A C   1 
ATOM   969  O  O   . ALA A 1 140 ? 6.271   -13.230 3.267   1.00 30.14 ? 250 ALA A O   1 
ATOM   970  C  CB  . ALA A 1 140 ? 3.566   -15.255 3.769   1.00 29.28 ? 250 ALA A CB  1 
ATOM   971  N  N   . PHE A 1 141 ? 5.118   -13.040 5.189   1.00 29.48 ? 251 PHE A N   1 
ATOM   972  C  CA  . PHE A 1 141 ? 5.437   -11.637 5.403   1.00 29.53 ? 251 PHE A CA  1 
ATOM   973  C  C   . PHE A 1 141 ? 6.943   -11.319 5.455   1.00 28.22 ? 251 PHE A C   1 
ATOM   974  O  O   . PHE A 1 141 ? 7.412   -10.401 4.770   1.00 26.53 ? 251 PHE A O   1 
ATOM   975  C  CB  . PHE A 1 141 ? 4.743   -11.147 6.680   1.00 28.39 ? 251 PHE A CB  1 
ATOM   976  C  CG  . PHE A 1 141 ? 4.899   -9.676  6.922   1.00 27.59 ? 251 PHE A CG  1 
ATOM   977  C  CD1 . PHE A 1 141 ? 4.066   -8.761  6.271   1.00 27.02 ? 251 PHE A CD1 1 
ATOM   978  C  CD2 . PHE A 1 141 ? 5.895   -9.202  7.766   1.00 25.04 ? 251 PHE A CD2 1 
ATOM   979  C  CE1 . PHE A 1 141 ? 4.223   -7.392  6.458   1.00 26.84 ? 251 PHE A CE1 1 
ATOM   980  C  CE2 . PHE A 1 141 ? 6.068   -7.841  7.963   1.00 25.63 ? 251 PHE A CE2 1 
ATOM   981  C  CZ  . PHE A 1 141 ? 5.226   -6.928  7.303   1.00 26.61 ? 251 PHE A CZ  1 
ATOM   982  N  N   . GLU A 1 142 ? 7.695   -12.071 6.257   1.00 28.32 ? 252 GLU A N   1 
ATOM   983  C  CA  . GLU A 1 142 ? 9.124   -11.820 6.381   1.00 28.88 ? 252 GLU A CA  1 
ATOM   984  C  C   . GLU A 1 142 ? 9.907   -12.135 5.104   1.00 28.44 ? 252 GLU A C   1 
ATOM   985  O  O   . GLU A 1 142 ? 10.898  -11.465 4.795   1.00 28.23 ? 252 GLU A O   1 
ATOM   986  C  CB  . GLU A 1 142 ? 9.693   -12.509 7.631   1.00 31.46 ? 252 GLU A CB  1 
ATOM   987  C  CG  . GLU A 1 142 ? 9.059   -11.996 8.962   1.00 31.47 ? 252 GLU A CG  1 
ATOM   988  C  CD  . GLU A 1 142 ? 9.421   -10.533 9.335   1.00 35.67 ? 252 GLU A CD  1 
ATOM   989  O  OE1 . GLU A 1 142 ? 10.439  -9.994  8.833   1.00 34.78 ? 252 GLU A OE1 1 
ATOM   990  O  OE2 . GLU A 1 142 ? 8.690   -9.925  10.165  1.00 34.49 ? 252 GLU A OE2 1 
ATOM   991  N  N   . LYS A 1 143 ? 9.407   -13.083 4.314   1.00 26.82 ? 253 LYS A N   1 
ATOM   992  C  CA  . LYS A 1 143 ? 10.059  -13.422 3.059   1.00 24.80 ? 253 LYS A CA  1 
ATOM   993  C  C   . LYS A 1 143 ? 9.887   -12.269 2.084   1.00 22.73 ? 253 LYS A C   1 
ATOM   994  O  O   . LYS A 1 143 ? 10.770  -11.996 1.278   1.00 22.89 ? 253 LYS A O   1 
ATOM   995  C  CB  . LYS A 1 143 ? 9.498   -14.722 2.484   1.00 25.70 ? 253 LYS A CB  1 
ATOM   996  C  CG  . LYS A 1 143 ? 10.001  -15.971 3.202   1.00 30.34 ? 253 LYS A CG  1 
ATOM   997  C  CD  . LYS A 1 143 ? 11.505  -16.154 3.008   1.00 35.08 ? 253 LYS A CD  1 
ATOM   998  C  CE  . LYS A 1 143 ? 12.288  -16.144 4.331   1.00 37.65 ? 253 LYS A CE  1 
ATOM   999  N  NZ  . LYS A 1 143 ? 11.920  -17.263 5.255   1.00 39.18 ? 253 LYS A NZ  1 
ATOM   1000 N  N   . LEU A 1 144 ? 8.740   -11.599 2.158   1.00 22.92 ? 254 LEU A N   1 
ATOM   1001 C  CA  . LEU A 1 144 ? 8.454   -10.439 1.307   1.00 20.53 ? 254 LEU A CA  1 
ATOM   1002 C  C   . LEU A 1 144 ? 9.259   -9.231  1.762   1.00 19.35 ? 254 LEU A C   1 
ATOM   1003 O  O   . LEU A 1 144 ? 9.731   -8.431  0.945   1.00 17.20 ? 254 LEU A O   1 
ATOM   1004 C  CB  . LEU A 1 144 ? 6.970   -10.075 1.394   1.00 20.93 ? 254 LEU A CB  1 
ATOM   1005 C  CG  . LEU A 1 144 ? 6.620   -8.700  0.814   1.00 21.85 ? 254 LEU A CG  1 
ATOM   1006 C  CD1 . LEU A 1 144 ? 7.067   -8.595  -0.659  1.00 20.05 ? 254 LEU A CD1 1 
ATOM   1007 C  CD2 . LEU A 1 144 ? 5.135   -8.475  0.960   1.00 21.93 ? 254 LEU A CD2 1 
ATOM   1008 N  N   . ALA A 1 145 ? 9.332   -9.073  3.082   1.00 18.10 ? 255 ALA A N   1 
ATOM   1009 C  CA  . ALA A 1 145 ? 10.045  -7.972  3.719   1.00 15.34 ? 255 ALA A CA  1 
ATOM   1010 C  C   . ALA A 1 145 ? 11.518  -7.950  3.350   1.00 14.65 ? 255 ALA A C   1 
ATOM   1011 O  O   . ALA A 1 145 ? 12.134  -6.882  3.339   1.00 14.08 ? 255 ALA A O   1 
ATOM   1012 C  CB  . ALA A 1 145 ? 9.878   -8.055  5.217   1.00 14.76 ? 255 ALA A CB  1 
ATOM   1013 N  N   . ALA A 1 146 ? 12.076  -9.114  3.016   1.00 15.91 ? 256 ALA A N   1 
ATOM   1014 C  CA  . ALA A 1 146 ? 13.490  -9.200  2.641   1.00 13.33 ? 256 ALA A CA  1 
ATOM   1015 C  C   . ALA A 1 146 ? 13.817  -8.237  1.490   1.00 14.71 ? 256 ALA A C   1 
ATOM   1016 O  O   . ALA A 1 146 ? 13.021  -8.036  0.587   1.00 15.69 ? 256 ALA A O   1 
ATOM   1017 C  CB  . ALA A 1 146 ? 13.840  -10.620 2.272   1.00 15.66 ? 256 ALA A CB  1 
ATOM   1018 N  N   . PRO A 1 147 ? 15.004  -7.606  1.533   1.00 14.91 ? 257 PRO A N   1 
ATOM   1019 C  CA  . PRO A 1 147 ? 15.537  -6.637  0.564   1.00 14.53 ? 257 PRO A CA  1 
ATOM   1020 C  C   . PRO A 1 147 ? 15.477  -6.984  -0.917  1.00 16.92 ? 257 PRO A C   1 
ATOM   1021 O  O   . PRO A 1 147 ? 16.203  -7.864  -1.380  1.00 19.68 ? 257 PRO A O   1 
ATOM   1022 C  CB  . PRO A 1 147 ? 16.981  -6.478  1.013   1.00 16.46 ? 257 PRO A CB  1 
ATOM   1023 C  CG  . PRO A 1 147 ? 16.881  -6.645  2.507   1.00 17.31 ? 257 PRO A CG  1 
ATOM   1024 C  CD  . PRO A 1 147 ? 15.967  -7.832  2.630   1.00 15.96 ? 257 PRO A CD  1 
ATOM   1025 N  N   . SER A 1 148 ? 14.628  -6.270  -1.653  1.00 17.49 ? 258 SER A N   1 
ATOM   1026 C  CA  . SER A 1 148 ? 14.480  -6.438  -3.099  1.00 17.22 ? 258 SER A CA  1 
ATOM   1027 C  C   . SER A 1 148 ? 14.322  -5.028  -3.683  1.00 17.15 ? 258 SER A C   1 
ATOM   1028 O  O   . SER A 1 148 ? 14.069  -4.071  -2.933  1.00 14.83 ? 258 SER A O   1 
ATOM   1029 C  CB  . SER A 1 148 ? 13.278  -7.327  -3.467  1.00 14.23 ? 258 SER A CB  1 
ATOM   1030 O  OG  . SER A 1 148 ? 12.045  -6.730  -3.131  1.00 17.98 ? 258 SER A OG  1 
ATOM   1031 N  N   . GLU A 1 149 ? 14.496  -4.901  -4.998  1.00 14.05 ? 259 GLU A N   1 
ATOM   1032 C  CA  . GLU A 1 149 ? 14.388  -3.615  -5.668  1.00 14.77 ? 259 GLU A CA  1 
ATOM   1033 C  C   . GLU A 1 149 ? 13.535  -3.729  -6.925  1.00 16.69 ? 259 GLU A C   1 
ATOM   1034 O  O   . GLU A 1 149 ? 13.466  -4.784  -7.551  1.00 20.61 ? 259 GLU A O   1 
ATOM   1035 C  CB  . GLU A 1 149 ? 15.786  -3.074  -6.035  1.00 15.23 ? 259 GLU A CB  1 
ATOM   1036 C  CG  . GLU A 1 149 ? 16.718  -2.853  -4.839  1.00 15.95 ? 259 GLU A CG  1 
ATOM   1037 C  CD  . GLU A 1 149 ? 18.053  -2.219  -5.204  1.00 19.24 ? 259 GLU A CD  1 
ATOM   1038 O  OE1 . GLU A 1 149 ? 18.133  -1.475  -6.211  1.00 20.42 ? 259 GLU A OE1 1 
ATOM   1039 O  OE2 . GLU A 1 149 ? 19.023  -2.453  -4.446  1.00 17.12 ? 259 GLU A OE2 1 
ATOM   1040 N  N   . TYR A 1 150 ? 12.863  -2.641  -7.280  1.00 16.23 ? 260 TYR A N   1 
ATOM   1041 C  CA  . TYR A 1 150 ? 12.032  -2.601  -8.479  1.00 15.11 ? 260 TYR A CA  1 
ATOM   1042 C  C   . TYR A 1 150 ? 10.990  -3.703  -8.578  1.00 14.99 ? 260 TYR A C   1 
ATOM   1043 O  O   . TYR A 1 150 ? 10.767  -4.249  -9.664  1.00 14.96 ? 260 TYR A O   1 
ATOM   1044 C  CB  . TYR A 1 150 ? 12.909  -2.641  -9.722  1.00 14.25 ? 260 TYR A CB  1 
ATOM   1045 C  CG  . TYR A 1 150 ? 13.952  -1.564  -9.754  1.00 12.60 ? 260 TYR A CG  1 
ATOM   1046 C  CD1 . TYR A 1 150 ? 13.627  -0.276  -10.147 1.00 13.13 ? 260 TYR A CD1 1 
ATOM   1047 C  CD2 . TYR A 1 150 ? 15.272  -1.833  -9.390  1.00 14.21 ? 260 TYR A CD2 1 
ATOM   1048 C  CE1 . TYR A 1 150 ? 14.590  0.735   -10.183 1.00 15.69 ? 260 TYR A CE1 1 
ATOM   1049 C  CE2 . TYR A 1 150 ? 16.252  -0.830  -9.424  1.00 15.71 ? 260 TYR A CE2 1 
ATOM   1050 C  CZ  . TYR A 1 150 ? 15.893  0.450   -9.826  1.00 15.73 ? 260 TYR A CZ  1 
ATOM   1051 O  OH  . TYR A 1 150 ? 16.846  1.436   -9.921  1.00 16.35 ? 260 TYR A OH  1 
ATOM   1052 N  N   . ASN A 1 151 ? 10.338  -4.001  -7.458  1.00 15.11 ? 261 ASN A N   1 
ATOM   1053 C  CA  . ASN A 1 151 ? 9.298   -5.024  -7.401  1.00 12.54 ? 261 ASN A CA  1 
ATOM   1054 C  C   . ASN A 1 151 ? 8.172   -4.774  -8.402  1.00 14.30 ? 261 ASN A C   1 
ATOM   1055 O  O   . ASN A 1 151 ? 7.685   -3.646  -8.545  1.00 13.86 ? 261 ASN A O   1 
ATOM   1056 C  CB  . ASN A 1 151 ? 8.681   -5.094  -6.003  1.00 11.57 ? 261 ASN A CB  1 
ATOM   1057 C  CG  . ASN A 1 151 ? 9.612   -5.706  -4.973  1.00 14.43 ? 261 ASN A CG  1 
ATOM   1058 O  OD1 . ASN A 1 151 ? 10.655  -5.141  -4.656  1.00 15.33 ? 261 ASN A OD1 1 
ATOM   1059 N  ND2 . ASN A 1 151 ? 9.229   -6.861  -4.430  1.00 14.38 ? 261 ASN A ND2 1 
ATOM   1060 N  N   . GLN A 1 152 ? 7.755   -5.827  -9.099  1.00 15.34 ? 262 GLN A N   1 
ATOM   1061 C  CA  . GLN A 1 152 ? 6.654   -5.706  -10.049 1.00 14.88 ? 262 GLN A CA  1 
ATOM   1062 C  C   . GLN A 1 152 ? 5.371   -5.889  -9.240  1.00 13.12 ? 262 GLN A C   1 
ATOM   1063 O  O   . GLN A 1 152 ? 5.418   -6.407  -8.118  1.00 13.19 ? 262 GLN A O   1 
ATOM   1064 C  CB  . GLN A 1 152 ? 6.757   -6.776  -11.151 1.00 16.65 ? 262 GLN A CB  1 
ATOM   1065 C  CG  . GLN A 1 152 ? 8.056   -6.706  -11.976 1.00 15.79 ? 262 GLN A CG  1 
ATOM   1066 C  CD  . GLN A 1 152 ? 8.231   -5.373  -12.683 1.00 15.72 ? 262 GLN A CD  1 
ATOM   1067 O  OE1 . GLN A 1 152 ? 7.661   -5.146  -13.744 1.00 19.20 ? 262 GLN A OE1 1 
ATOM   1068 N  NE2 . GLN A 1 152 ? 9.020   -4.485  -12.102 1.00 18.79 ? 262 GLN A NE2 1 
ATOM   1069 N  N   . VAL A 1 153 ? 4.246   -5.430  -9.790  1.00 11.79 ? 263 VAL A N   1 
ATOM   1070 C  CA  . VAL A 1 153 ? 2.963   -5.547  -9.123  1.00 9.93  ? 263 VAL A CA  1 
ATOM   1071 C  C   . VAL A 1 153 ? 2.728   -6.963  -8.618  1.00 12.72 ? 263 VAL A C   1 
ATOM   1072 O  O   . VAL A 1 153 ? 3.336   -7.917  -9.115  1.00 16.09 ? 263 VAL A O   1 
ATOM   1073 C  CB  . VAL A 1 153 ? 1.825   -5.105  -10.048 1.00 9.19  ? 263 VAL A CB  1 
ATOM   1074 C  CG1 . VAL A 1 153 ? 0.479   -5.137  -9.309  1.00 11.85 ? 263 VAL A CG1 1 
ATOM   1075 C  CG2 . VAL A 1 153 ? 2.092   -3.714  -10.538 1.00 10.44 ? 263 VAL A CG2 1 
ATOM   1076 N  N   . GLU A 1 154 ? 1.843   -7.108  -7.641  1.00 12.97 ? 264 GLU A N   1 
ATOM   1077 C  CA  . GLU A 1 154 ? 1.580   -8.408  -7.049  1.00 10.90 ? 264 GLU A CA  1 
ATOM   1078 C  C   . GLU A 1 154 ? 0.397   -8.329  -6.082  1.00 11.18 ? 264 GLU A C   1 
ATOM   1079 O  O   . GLU A 1 154 ? 0.319   -7.403  -5.288  1.00 8.30  ? 264 GLU A O   1 
ATOM   1080 C  CB  . GLU A 1 154 ? 2.839   -8.864  -6.313  1.00 11.46 ? 264 GLU A CB  1 
ATOM   1081 C  CG  . GLU A 1 154 ? 2.621   -10.019 -5.378  1.00 16.08 ? 264 GLU A CG  1 
ATOM   1082 C  CD  . GLU A 1 154 ? 3.910   -10.649 -4.911  1.00 17.04 ? 264 GLU A CD  1 
ATOM   1083 O  OE1 . GLU A 1 154 ? 4.990   -10.024 -5.011  1.00 12.49 ? 264 GLU A OE1 1 
ATOM   1084 O  OE2 . GLU A 1 154 ? 3.830   -11.808 -4.441  1.00 25.65 ? 264 GLU A OE2 1 
ATOM   1085 N  N   . TYR A 1 155 ? -0.508  -9.302  -6.162  1.00 11.72 ? 265 TYR A N   1 
ATOM   1086 C  CA  . TYR A 1 155 ? -1.691  -9.348  -5.319  1.00 14.66 ? 265 TYR A CA  1 
ATOM   1087 C  C   . TYR A 1 155 ? -1.646  -10.576 -4.448  1.00 16.15 ? 265 TYR A C   1 
ATOM   1088 O  O   . TYR A 1 155 ? -0.939  -11.533 -4.747  1.00 20.33 ? 265 TYR A O   1 
ATOM   1089 C  CB  . TYR A 1 155 ? -2.970  -9.403  -6.179  1.00 13.81 ? 265 TYR A CB  1 
ATOM   1090 C  CG  . TYR A 1 155 ? -2.969  -8.383  -7.279  1.00 14.65 ? 265 TYR A CG  1 
ATOM   1091 C  CD1 . TYR A 1 155 ? -2.998  -7.026  -6.989  1.00 13.16 ? 265 TYR A CD1 1 
ATOM   1092 C  CD2 . TYR A 1 155 ? -2.841  -8.767  -8.605  1.00 15.08 ? 265 TYR A CD2 1 
ATOM   1093 C  CE1 . TYR A 1 155 ? -2.883  -6.072  -7.991  1.00 15.99 ? 265 TYR A CE1 1 
ATOM   1094 C  CE2 . TYR A 1 155 ? -2.720  -7.822  -9.615  1.00 17.19 ? 265 TYR A CE2 1 
ATOM   1095 C  CZ  . TYR A 1 155 ? -2.739  -6.476  -9.302  1.00 16.40 ? 265 TYR A CZ  1 
ATOM   1096 O  OH  . TYR A 1 155 ? -2.569  -5.545  -10.294 1.00 16.21 ? 265 TYR A OH  1 
ATOM   1097 N  N   . PHE A 1 156 ? -2.435  -10.556 -3.387  1.00 15.57 ? 266 PHE A N   1 
ATOM   1098 C  CA  . PHE A 1 156 ? -2.503  -11.670 -2.479  1.00 18.25 ? 266 PHE A CA  1 
ATOM   1099 C  C   . PHE A 1 156 ? -3.982  -11.837 -2.213  1.00 20.71 ? 266 PHE A C   1 
ATOM   1100 O  O   . PHE A 1 156 ? -4.672  -10.859 -1.898  1.00 24.32 ? 266 PHE A O   1 
ATOM   1101 C  CB  . PHE A 1 156 ? -1.740  -11.380 -1.175  1.00 20.18 ? 266 PHE A CB  1 
ATOM   1102 C  CG  . PHE A 1 156 ? -0.271  -11.142 -1.375  1.00 20.37 ? 266 PHE A CG  1 
ATOM   1103 C  CD1 . PHE A 1 156 ? 0.602   -12.215 -1.582  1.00 18.24 ? 266 PHE A CD1 1 
ATOM   1104 C  CD2 . PHE A 1 156 ? 0.228   -9.842  -1.445  1.00 18.66 ? 266 PHE A CD2 1 
ATOM   1105 C  CE1 . PHE A 1 156 ? 1.940   -11.998 -1.854  1.00 16.47 ? 266 PHE A CE1 1 
ATOM   1106 C  CE2 . PHE A 1 156 ? 1.561   -9.610  -1.717  1.00 20.15 ? 266 PHE A CE2 1 
ATOM   1107 C  CZ  . PHE A 1 156 ? 2.424   -10.697 -1.927  1.00 18.92 ? 266 PHE A CZ  1 
ATOM   1108 N  N   . SER A 1 157 ? -4.463  -13.068 -2.328  1.00 21.45 ? 267 SER A N   1 
ATOM   1109 C  CA  . SER A 1 157 ? -5.869  -13.371 -2.141  1.00 23.17 ? 267 SER A CA  1 
ATOM   1110 C  C   . SER A 1 157 ? -6.341  -13.283 -0.705  1.00 24.07 ? 267 SER A C   1 
ATOM   1111 O  O   . SER A 1 157 ? -7.505  -12.973 -0.444  1.00 25.71 ? 267 SER A O   1 
ATOM   1112 C  CB  . SER A 1 157 ? -6.167  -14.763 -2.693  1.00 22.70 ? 267 SER A CB  1 
ATOM   1113 O  OG  . SER A 1 157 ? -5.235  -15.705 -2.193  1.00 24.69 ? 267 SER A OG  1 
ATOM   1114 N  N   . ASN A 1 158 ? -5.463  -13.634 0.223   1.00 26.00 ? 268 ASN A N   1 
ATOM   1115 C  CA  . ASN A 1 158 ? -5.794  -13.599 1.641   1.00 27.33 ? 268 ASN A CA  1 
ATOM   1116 C  C   . ASN A 1 158 ? -4.755  -12.776 2.347   1.00 27.18 ? 268 ASN A C   1 
ATOM   1117 O  O   . ASN A 1 158 ? -3.694  -12.499 1.776   1.00 27.83 ? 268 ASN A O   1 
ATOM   1118 C  CB  . ASN A 1 158 ? -5.792  -15.015 2.240   1.00 30.61 ? 268 ASN A CB  1 
ATOM   1119 C  CG  . ASN A 1 158 ? -7.197  -15.543 2.498   1.00 33.44 ? 268 ASN A CG  1 
ATOM   1120 O  OD1 . ASN A 1 158 ? -7.559  -15.834 3.621   1.00 34.94 ? 268 ASN A OD1 1 
ATOM   1121 N  ND2 . ASN A 1 158 ? -8.002  -15.633 1.447   1.00 36.96 ? 268 ASN A ND2 1 
ATOM   1122 N  N   . VAL A 1 159 ? -5.061  -12.409 3.592   1.00 25.76 ? 269 VAL A N   1 
ATOM   1123 C  CA  . VAL A 1 159 ? -4.163  -11.642 4.446   1.00 22.70 ? 269 VAL A CA  1 
ATOM   1124 C  C   . VAL A 1 159 ? -4.501  -12.010 5.882   1.00 21.60 ? 269 VAL A C   1 
ATOM   1125 O  O   . VAL A 1 159 ? -5.656  -12.316 6.193   1.00 22.77 ? 269 VAL A O   1 
ATOM   1126 C  CB  . VAL A 1 159 ? -4.377  -10.100 4.327   1.00 22.60 ? 269 VAL A CB  1 
ATOM   1127 C  CG1 . VAL A 1 159 ? -3.256  -9.352  5.023   1.00 21.29 ? 269 VAL A CG1 1 
ATOM   1128 C  CG2 . VAL A 1 159 ? -4.439  -9.672  2.900   1.00 24.04 ? 269 VAL A CG2 1 
ATOM   1129 N  N   . LYS A 1 160 ? -3.488  -11.981 6.744   1.00 21.77 ? 270 LYS A N   1 
ATOM   1130 C  CA  . LYS A 1 160 ? -3.638  -12.240 8.170   1.00 21.75 ? 270 LYS A CA  1 
ATOM   1131 C  C   . LYS A 1 160 ? -4.557  -11.132 8.670   1.00 21.58 ? 270 LYS A C   1 
ATOM   1132 O  O   . LYS A 1 160 ? -4.342  -9.956  8.376   1.00 17.61 ? 270 LYS A O   1 
ATOM   1133 C  CB  . LYS A 1 160 ? -2.279  -12.145 8.857   1.00 22.70 ? 270 LYS A CB  1 
ATOM   1134 C  CG  . LYS A 1 160 ? -2.249  -12.690 10.284  1.00 25.78 ? 270 LYS A CG  1 
ATOM   1135 C  CD  . LYS A 1 160 ? -0.832  -12.652 10.843  1.00 29.76 ? 270 LYS A CD  1 
ATOM   1136 C  CE  . LYS A 1 160 ? -0.763  -13.178 12.276  1.00 31.92 ? 270 LYS A CE  1 
ATOM   1137 N  NZ  . LYS A 1 160 ? -1.152  -14.612 12.410  1.00 35.07 ? 270 LYS A NZ  1 
ATOM   1138 N  N   . PRO A 1 161 ? -5.596  -11.490 9.439   1.00 23.92 ? 271 PRO A N   1 
ATOM   1139 C  CA  . PRO A 1 161 ? -6.586  -10.559 9.996   1.00 26.28 ? 271 PRO A CA  1 
ATOM   1140 C  C   . PRO A 1 161 ? -6.159  -9.212  10.595  1.00 28.64 ? 271 PRO A C   1 
ATOM   1141 O  O   . PRO A 1 161 ? -6.836  -8.201  10.377  1.00 29.72 ? 271 PRO A O   1 
ATOM   1142 C  CB  . PRO A 1 161 ? -7.338  -11.423 10.998  1.00 25.54 ? 271 PRO A CB  1 
ATOM   1143 C  CG  . PRO A 1 161 ? -7.346  -12.768 10.303  1.00 25.09 ? 271 PRO A CG  1 
ATOM   1144 C  CD  . PRO A 1 161 ? -5.910  -12.879 9.828   1.00 24.48 ? 271 PRO A CD  1 
ATOM   1145 N  N   . ASP A 1 162 ? -5.080  -9.180  11.368  1.00 27.44 ? 272 ASP A N   1 
ATOM   1146 C  CA  . ASP A 1 162 ? -4.657  -7.919  11.962  1.00 27.37 ? 272 ASP A CA  1 
ATOM   1147 C  C   . ASP A 1 162 ? -3.181  -7.692  11.708  1.00 25.68 ? 272 ASP A C   1 
ATOM   1148 O  O   . ASP A 1 162 ? -2.438  -7.342  12.618  1.00 22.64 ? 272 ASP A O   1 
ATOM   1149 C  CB  . ASP A 1 162 ? -4.923  -7.934  13.474  1.00 32.45 ? 272 ASP A CB  1 
ATOM   1150 C  CG  . ASP A 1 162 ? -6.409  -7.973  13.813  1.00 35.39 ? 272 ASP A CG  1 
ATOM   1151 O  OD1 . ASP A 1 162 ? -7.098  -6.970  13.545  1.00 39.65 ? 272 ASP A OD1 1 
ATOM   1152 O  OD2 . ASP A 1 162 ? -6.889  -8.999  14.348  1.00 38.92 ? 272 ASP A OD2 1 
ATOM   1153 N  N   . LEU A 1 163 ? -2.768  -7.844  10.457  1.00 24.27 ? 273 LEU A N   1 
ATOM   1154 C  CA  . LEU A 1 163 ? -1.363  -7.695  10.083  1.00 22.19 ? 273 LEU A CA  1 
ATOM   1155 C  C   . LEU A 1 163 ? -0.727  -6.306  10.295  1.00 20.11 ? 273 LEU A C   1 
ATOM   1156 O  O   . LEU A 1 163 ? 0.458   -6.218  10.619  1.00 16.48 ? 273 LEU A O   1 
ATOM   1157 C  CB  . LEU A 1 163 ? -1.166  -8.193  8.645   1.00 22.26 ? 273 LEU A CB  1 
ATOM   1158 C  CG  . LEU A 1 163 ? 0.222   -8.228  7.985   1.00 22.14 ? 273 LEU A CG  1 
ATOM   1159 C  CD1 . LEU A 1 163 ? 1.207   -9.110  8.757   1.00 19.49 ? 273 LEU A CD1 1 
ATOM   1160 C  CD2 . LEU A 1 163 ? 0.054   -8.738  6.554   1.00 22.32 ? 273 LEU A CD2 1 
ATOM   1161 N  N   . PHE A 1 164 ? -1.500  -5.238  10.090  1.00 18.77 ? 274 PHE A N   1 
ATOM   1162 C  CA  . PHE A 1 164 ? -1.007  -3.872  10.280  1.00 17.49 ? 274 PHE A CA  1 
ATOM   1163 C  C   . PHE A 1 164 ? -0.565  -3.644  11.736  1.00 15.77 ? 274 PHE A C   1 
ATOM   1164 O  O   . PHE A 1 164 ? 0.562   -3.240  12.018  1.00 12.58 ? 274 PHE A O   1 
ATOM   1165 C  CB  . PHE A 1 164 ? -2.110  -2.870  9.920   1.00 17.84 ? 274 PHE A CB  1 
ATOM   1166 C  CG  . PHE A 1 164 ? -1.639  -1.435  9.861   1.00 17.76 ? 274 PHE A CG  1 
ATOM   1167 C  CD1 . PHE A 1 164 ? -0.695  -1.031  8.899   1.00 18.32 ? 274 PHE A CD1 1 
ATOM   1168 C  CD2 . PHE A 1 164 ? -2.097  -0.502  10.786  1.00 12.62 ? 274 PHE A CD2 1 
ATOM   1169 C  CE1 . PHE A 1 164 ? -0.211  0.284   8.859   1.00 16.34 ? 274 PHE A CE1 1 
ATOM   1170 C  CE2 . PHE A 1 164 ? -1.627  0.803   10.757  1.00 10.71 ? 274 PHE A CE2 1 
ATOM   1171 C  CZ  . PHE A 1 164 ? -0.683  1.206   9.803   1.00 13.47 ? 274 PHE A CZ  1 
ATOM   1172 N  N   . ALA A 1 165 ? -1.486  -3.893  12.655  1.00 18.91 ? 275 ALA A N   1 
ATOM   1173 C  CA  . ALA A 1 165 ? -1.232  -3.750  14.082  1.00 21.83 ? 275 ALA A CA  1 
ATOM   1174 C  C   . ALA A 1 165 ? -0.057  -4.631  14.497  1.00 24.21 ? 275 ALA A C   1 
ATOM   1175 O  O   . ALA A 1 165 ? 0.833   -4.195  15.252  1.00 23.27 ? 275 ALA A O   1 
ATOM   1176 C  CB  . ALA A 1 165 ? -2.484  -4.144  14.870  1.00 21.16 ? 275 ALA A CB  1 
ATOM   1177 N  N   . ASP A 1 166 ? -0.073  -5.872  14.010  1.00 23.34 ? 276 ASP A N   1 
ATOM   1178 C  CA  . ASP A 1 166 ? 0.974   -6.828  14.314  1.00 23.66 ? 276 ASP A CA  1 
ATOM   1179 C  C   . ASP A 1 166 ? 2.319   -6.274  13.918  1.00 23.76 ? 276 ASP A C   1 
ATOM   1180 O  O   . ASP A 1 166 ? 3.290   -6.398  14.657  1.00 24.34 ? 276 ASP A O   1 
ATOM   1181 C  CB  . ASP A 1 166 ? 0.714   -8.160  13.611  1.00 21.56 ? 276 ASP A CB  1 
ATOM   1182 C  CG  . ASP A 1 166 ? -0.393  -8.960  14.271  1.00 24.71 ? 276 ASP A CG  1 
ATOM   1183 O  OD1 . ASP A 1 166 ? -1.169  -8.377  15.064  1.00 25.63 ? 276 ASP A OD1 1 
ATOM   1184 O  OD2 . ASP A 1 166 ? -0.490  -10.177 14.006  1.00 24.60 ? 276 ASP A OD2 1 
ATOM   1185 N  N   . VAL A 1 167 ? 2.375   -5.633  12.758  1.00 24.72 ? 277 VAL A N   1 
ATOM   1186 C  CA  . VAL A 1 167 ? 3.641   -5.075  12.315  1.00 25.43 ? 277 VAL A CA  1 
ATOM   1187 C  C   . VAL A 1 167 ? 4.077   -3.945  13.238  1.00 25.27 ? 277 VAL A C   1 
ATOM   1188 O  O   . VAL A 1 167 ? 5.200   -3.945  13.736  1.00 23.90 ? 277 VAL A O   1 
ATOM   1189 C  CB  . VAL A 1 167 ? 3.578   -4.598  10.851  1.00 23.88 ? 277 VAL A CB  1 
ATOM   1190 C  CG1 . VAL A 1 167 ? 4.846   -3.848  10.484  1.00 21.08 ? 277 VAL A CG1 1 
ATOM   1191 C  CG2 . VAL A 1 167 ? 3.412   -5.802  9.936   1.00 20.96 ? 277 VAL A CG2 1 
ATOM   1192 N  N   . ILE A 1 168 ? 3.160   -3.025  13.522  1.00 26.78 ? 278 ILE A N   1 
ATOM   1193 C  CA  . ILE A 1 168 ? 3.467   -1.886  14.387  1.00 26.15 ? 278 ILE A CA  1 
ATOM   1194 C  C   . ILE A 1 168 ? 3.943   -2.325  15.761  1.00 27.71 ? 278 ILE A C   1 
ATOM   1195 O  O   . ILE A 1 168 ? 5.025   -1.938  16.202  1.00 26.16 ? 278 ILE A O   1 
ATOM   1196 C  CB  . ILE A 1 168 ? 2.242   -0.945  14.593  1.00 23.05 ? 278 ILE A CB  1 
ATOM   1197 C  CG1 . ILE A 1 168 ? 1.844   -0.279  13.287  1.00 20.42 ? 278 ILE A CG1 1 
ATOM   1198 C  CG2 . ILE A 1 168 ? 2.576   0.133   15.590  1.00 25.63 ? 278 ILE A CG2 1 
ATOM   1199 C  CD1 . ILE A 1 168 ? 0.642   0.577   13.422  1.00 13.24 ? 278 ILE A CD1 1 
ATOM   1200 N  N   . ASN A 1 169 ? 3.164   -3.177  16.424  1.00 30.68 ? 279 ASN A N   1 
ATOM   1201 C  CA  . ASN A 1 169 ? 3.536   -3.578  17.767  1.00 35.24 ? 279 ASN A CA  1 
ATOM   1202 C  C   . ASN A 1 169 ? 4.848   -4.341  17.934  1.00 36.27 ? 279 ASN A C   1 
ATOM   1203 O  O   . ASN A 1 169 ? 5.284   -4.582  19.056  1.00 36.48 ? 279 ASN A O   1 
ATOM   1204 C  CB  . ASN A 1 169 ? 2.344   -4.155  18.578  1.00 38.12 ? 279 ASN A CB  1 
ATOM   1205 C  CG  . ASN A 1 169 ? 1.956   -5.577  18.194  1.00 41.80 ? 279 ASN A CG  1 
ATOM   1206 O  OD1 . ASN A 1 169 ? 0.841   -5.811  17.711  1.00 43.76 ? 279 ASN A OD1 1 
ATOM   1207 N  ND2 . ASN A 1 169 ? 2.810   -6.543  18.531  1.00 42.71 ? 279 ASN A ND2 1 
ATOM   1208 N  N   . LYS A 1 170 ? 5.513   -4.659  16.828  1.00 38.10 ? 280 LYS A N   1 
ATOM   1209 C  CA  . LYS A 1 170 ? 6.811   -5.327  16.916  1.00 39.72 ? 280 LYS A CA  1 
ATOM   1210 C  C   . LYS A 1 170 ? 7.772   -4.264  17.431  1.00 41.34 ? 280 LYS A C   1 
ATOM   1211 O  O   . LYS A 1 170 ? 8.815   -4.567  18.011  1.00 42.20 ? 280 LYS A O   1 
ATOM   1212 C  CB  . LYS A 1 170 ? 7.322   -5.766  15.546  1.00 38.96 ? 280 LYS A CB  1 
ATOM   1213 C  CG  . LYS A 1 170 ? 6.481   -6.790  14.835  1.00 40.63 ? 280 LYS A CG  1 
ATOM   1214 C  CD  . LYS A 1 170 ? 7.244   -7.320  13.616  1.00 41.30 ? 280 LYS A CD  1 
ATOM   1215 C  CE  . LYS A 1 170 ? 7.637   -6.205  12.644  1.00 39.05 ? 280 LYS A CE  1 
ATOM   1216 N  NZ  . LYS A 1 170 ? 8.710   -6.636  11.701  1.00 35.75 ? 280 LYS A NZ  1 
ATOM   1217 N  N   . PHE A 1 171 ? 7.430   -3.009  17.169  1.00 42.19 ? 281 PHE A N   1 
ATOM   1218 C  CA  . PHE A 1 171 ? 8.260   -1.897  17.587  1.00 43.74 ? 281 PHE A CA  1 
ATOM   1219 C  C   . PHE A 1 171 ? 7.742   -1.291  18.887  1.00 44.48 ? 281 PHE A C   1 
ATOM   1220 O  O   . PHE A 1 171 ? 8.497   -0.703  19.660  1.00 47.08 ? 281 PHE A O   1 
ATOM   1221 C  CB  . PHE A 1 171 ? 8.312   -0.864  16.466  1.00 42.68 ? 281 PHE A CB  1 
ATOM   1222 C  CG  . PHE A 1 171 ? 8.645   -1.454  15.109  1.00 43.72 ? 281 PHE A CG  1 
ATOM   1223 C  CD1 . PHE A 1 171 ? 9.969   -1.607  14.706  1.00 45.62 ? 281 PHE A CD1 1 
ATOM   1224 C  CD2 . PHE A 1 171 ? 7.634   -1.850  14.234  1.00 43.26 ? 281 PHE A CD2 1 
ATOM   1225 C  CE1 . PHE A 1 171 ? 10.276  -2.140  13.452  1.00 45.31 ? 281 PHE A CE1 1 
ATOM   1226 C  CE2 . PHE A 1 171 ? 7.930   -2.385  12.979  1.00 41.26 ? 281 PHE A CE2 1 
ATOM   1227 C  CZ  . PHE A 1 171 ? 9.249   -2.527  12.585  1.00 43.37 ? 281 PHE A CZ  1 
ATOM   1228 N  N   . MET A 1 172 ? 6.452   -1.467  19.139  1.00 44.48 ? 282 MET A N   1 
ATOM   1229 C  CA  . MET A 1 172 ? 5.827   -0.965  20.357  1.00 42.00 ? 282 MET A CA  1 
ATOM   1230 C  C   . MET A 1 172 ? 6.392   -1.814  21.490  1.00 42.05 ? 282 MET A C   1 
ATOM   1231 O  O   . MET A 1 172 ? 5.837   -2.865  21.824  1.00 40.35 ? 282 MET A O   1 
ATOM   1232 C  CB  . MET A 1 172 ? 4.305   -1.158  20.297  1.00 43.67 ? 282 MET A CB  1 
ATOM   1233 C  CG  . MET A 1 172 ? 3.475   0.074   20.607  1.00 45.57 ? 282 MET A CG  1 
ATOM   1234 S  SD  . MET A 1 172 ? 3.468   1.245   19.242  1.00 50.30 ? 282 MET A SD  1 
ATOM   1235 C  CE  . MET A 1 172 ? 2.311   2.485   19.866  1.00 48.04 ? 282 MET A CE  1 
HETATM 1236 CU CU1 . CUA B 2 .   ? 13.578  6.607   -0.543  1.00 15.61 ? 316 CUA A CU1 1 
HETATM 1237 CU CU2 . CUA B 2 .   ? 12.238  5.063   0.860   1.00 17.49 ? 316 CUA A CU2 1 
HETATM 1238 O  O   . HOH C 3 .   ? 12.040  -10.678 -9.452  1.00 17.92 ? 317 HOH A O   1 
HETATM 1239 O  O   . HOH C 3 .   ? 21.797  2.906   -6.541  1.00 45.75 ? 318 HOH A O   1 
HETATM 1240 O  O   . HOH C 3 .   ? 10.092  -1.850  -12.734 1.00 22.86 ? 319 HOH A O   1 
HETATM 1241 O  O   . HOH C 3 .   ? -0.541  -6.597  -12.436 1.00 51.78 ? 320 HOH A O   1 
HETATM 1242 O  O   . HOH C 3 .   ? -15.778 1.683   0.880   1.00 28.39 ? 321 HOH A O   1 
HETATM 1243 O  O   . HOH C 3 .   ? -13.907 -14.622 -2.083  1.00 25.02 ? 322 HOH A O   1 
HETATM 1244 O  O   . HOH C 3 .   ? 15.440  7.177   5.050   1.00 12.08 ? 323 HOH A O   1 
HETATM 1245 O  O   . HOH C 3 .   ? -7.076  18.233  -12.020 1.00 37.87 ? 324 HOH A O   1 
HETATM 1246 O  O   . HOH C 3 .   ? -15.992 -5.607  1.078   1.00 23.32 ? 325 HOH A O   1 
HETATM 1247 O  O   . HOH C 3 .   ? -5.810  -9.189  -15.641 1.00 33.11 ? 326 HOH A O   1 
HETATM 1248 O  O   . HOH C 3 .   ? -10.791 9.072   -5.165  1.00 5.59  ? 327 HOH A O   1 
HETATM 1249 O  O   . HOH C 3 .   ? -17.449 -0.391  -14.689 1.00 31.50 ? 328 HOH A O   1 
HETATM 1250 O  O   . HOH C 3 .   ? -16.538 15.651  -11.491 1.00 39.66 ? 329 HOH A O   1 
HETATM 1251 O  O   . HOH C 3 .   ? -17.665 -8.932  -7.740  1.00 33.16 ? 330 HOH A O   1 
HETATM 1252 O  O   . HOH C 3 .   ? -12.682 -13.546 -7.048  1.00 31.45 ? 331 HOH A O   1 
HETATM 1253 O  O   . HOH C 3 .   ? -18.481 5.763   -16.570 1.00 27.73 ? 332 HOH A O   1 
HETATM 1254 O  O   . HOH C 3 .   ? 5.979   -0.320  12.199  1.00 15.47 ? 333 HOH A O   1 
HETATM 1255 O  O   . HOH C 3 .   ? -2.813  -11.693 14.951  1.00 28.48 ? 334 HOH A O   1 
HETATM 1256 O  O   . HOH C 3 .   ? -13.598 2.280   5.151   1.00 27.23 ? 335 HOH A O   1 
HETATM 1257 O  O   . HOH C 3 .   ? -13.417 14.532  -22.465 1.00 47.21 ? 336 HOH A O   1 
HETATM 1258 O  O   . HOH C 3 .   ? 5.026   6.265   -15.610 1.00 32.44 ? 337 HOH A O   1 
HETATM 1259 O  O   . HOH C 3 .   ? 1.459   11.426  -9.176  1.00 2.00  ? 338 HOH A O   1 
HETATM 1260 O  O   . HOH C 3 .   ? 3.599   12.472  -11.688 1.00 29.96 ? 339 HOH A O   1 
HETATM 1261 O  O   . HOH C 3 .   ? 3.397   -0.130  -9.903  1.00 5.29  ? 340 HOH A O   1 
HETATM 1262 O  O   . HOH C 3 .   ? -4.260  -5.476  8.867   1.00 11.88 ? 341 HOH A O   1 
HETATM 1263 O  O   . HOH C 3 .   ? -15.915 6.398   -8.566  1.00 24.92 ? 342 HOH A O   1 
HETATM 1264 O  O   . HOH C 3 .   ? 11.337  -3.842  4.845   1.00 22.28 ? 343 HOH A O   1 
HETATM 1265 O  O   . HOH C 3 .   ? 2.897   -7.631  -12.783 1.00 27.32 ? 344 HOH A O   1 
HETATM 1266 O  O   . HOH C 3 .   ? 23.592  -0.513  9.730   1.00 34.96 ? 345 HOH A O   1 
HETATM 1267 O  O   . HOH C 3 .   ? -20.261 -3.208  -8.459  1.00 38.43 ? 346 HOH A O   1 
HETATM 1268 O  O   . HOH C 3 .   ? -1.359  11.252  -16.958 1.00 34.27 ? 347 HOH A O   1 
HETATM 1269 O  O   . HOH C 3 .   ? -1.203  1.141   -13.654 1.00 18.95 ? 348 HOH A O   1 
HETATM 1270 O  O   . HOH C 3 .   ? 15.177  5.836   9.806   1.00 8.85  ? 349 HOH A O   1 
HETATM 1271 O  O   . HOH C 3 .   ? 20.726  -0.153  -7.240  1.00 15.79 ? 350 HOH A O   1 
HETATM 1272 O  O   . HOH C 3 .   ? 6.469   -7.593  -5.893  1.00 16.51 ? 351 HOH A O   1 
HETATM 1273 O  O   . HOH C 3 .   ? -14.844 -12.370 -6.080  1.00 23.04 ? 352 HOH A O   1 
HETATM 1274 O  O   . HOH C 3 .   ? 8.442   14.256  1.161   1.00 31.42 ? 353 HOH A O   1 
HETATM 1275 O  O   . HOH C 3 .   ? 11.787  -9.706  -1.326  1.00 18.37 ? 354 HOH A O   1 
HETATM 1276 O  O   . HOH C 3 .   ? 11.361  4.226   10.995  1.00 21.53 ? 355 HOH A O   1 
HETATM 1277 O  O   . HOH C 3 .   ? 12.263  -8.170  7.876   1.00 50.17 ? 356 HOH A O   1 
HETATM 1278 O  O   . HOH C 3 .   ? -6.467  5.454   13.305  1.00 26.71 ? 357 HOH A O   1 
HETATM 1279 O  O   . HOH C 3 .   ? 5.275   4.832   -11.216 1.00 25.76 ? 358 HOH A O   1 
HETATM 1280 O  O   . HOH C 3 .   ? -18.518 9.809   -1.922  1.00 34.60 ? 359 HOH A O   1 
HETATM 1281 O  O   . HOH C 3 .   ? -7.532  -15.315 -15.814 1.00 31.49 ? 360 HOH A O   1 
HETATM 1282 O  O   . HOH C 3 .   ? 2.844   -1.101  -13.849 1.00 34.60 ? 361 HOH A O   1 
HETATM 1283 O  O   . HOH C 3 .   ? -4.372  -0.758  13.473  1.00 22.08 ? 362 HOH A O   1 
HETATM 1284 O  O   . HOH C 3 .   ? 6.130   6.911   3.523   1.00 44.66 ? 363 HOH A O   1 
HETATM 1285 O  O   . HOH C 3 .   ? 6.005   16.904  7.198   1.00 32.90 ? 364 HOH A O   1 
HETATM 1286 O  O   . HOH C 3 .   ? -10.075 -12.514 0.320   1.00 27.71 ? 365 HOH A O   1 
HETATM 1287 O  O   . HOH C 3 .   ? 1.143   10.294  -12.527 1.00 14.47 ? 366 HOH A O   1 
HETATM 1288 O  O   . HOH C 3 .   ? -20.122 7.377   -13.117 1.00 43.43 ? 367 HOH A O   1 
HETATM 1289 O  O   . HOH C 3 .   ? 11.312  6.979   -5.138  1.00 19.33 ? 368 HOH A O   1 
HETATM 1290 O  O   . HOH C 3 .   ? -11.947 6.905   9.282   1.00 30.62 ? 369 HOH A O   1 
HETATM 1291 O  O   . HOH C 3 .   ? -17.401 -3.073  -2.110  1.00 37.47 ? 370 HOH A O   1 
HETATM 1292 O  O   . HOH C 3 .   ? -9.926  -15.802 -2.668  1.00 27.11 ? 371 HOH A O   1 
HETATM 1293 O  O   . HOH C 3 .   ? -13.869 11.861  -17.348 1.00 16.80 ? 372 HOH A O   1 
HETATM 1294 O  O   . HOH C 3 .   ? -5.420  -11.031 18.219  1.00 54.26 ? 373 HOH A O   1 
HETATM 1295 O  O   . HOH C 3 .   ? 12.989  -1.160  11.892  1.00 44.08 ? 374 HOH A O   1 
HETATM 1296 O  O   . HOH C 3 .   ? -13.286 0.258   7.046   1.00 31.79 ? 375 HOH A O   1 
HETATM 1297 O  O   . HOH C 3 .   ? 9.977   -9.200  -3.037  1.00 18.11 ? 376 HOH A O   1 
HETATM 1298 O  O   . HOH C 3 .   ? 4.129   -9.772  -11.624 1.00 28.64 ? 377 HOH A O   1 
HETATM 1299 O  O   . HOH C 3 .   ? 6.220   -13.993 13.770  1.00 45.88 ? 378 HOH A O   1 
HETATM 1300 O  O   . HOH C 3 .   ? 1.008   -17.829 3.058   1.00 26.46 ? 379 HOH A O   1 
HETATM 1301 O  O   . HOH C 3 .   ? -8.140  -10.658 6.732   1.00 34.92 ? 380 HOH A O   1 
HETATM 1302 O  O   . HOH C 3 .   ? 17.176  12.473  4.141   1.00 18.08 ? 381 HOH A O   1 
HETATM 1303 O  O   . HOH C 3 .   ? -7.713  6.482   9.001   1.00 39.96 ? 382 HOH A O   1 
HETATM 1304 O  O   . HOH C 3 .   ? 7.445   19.912  2.577   1.00 27.75 ? 383 HOH A O   1 
HETATM 1305 O  O   . HOH C 3 .   ? 3.285   -11.822 10.496  1.00 36.82 ? 384 HOH A O   1 
HETATM 1306 O  O   . HOH C 3 .   ? -10.356 -12.143 4.283   1.00 20.37 ? 385 HOH A O   1 
HETATM 1307 O  O   . HOH C 3 .   ? 11.182  1.948   -11.733 1.00 40.36 ? 386 HOH A O   1 
HETATM 1308 O  O   . HOH C 3 .   ? -15.580 -6.629  5.932   1.00 22.10 ? 387 HOH A O   1 
HETATM 1309 O  O   . HOH C 3 .   ? 8.129   8.399   -13.542 1.00 39.79 ? 388 HOH A O   1 
HETATM 1310 O  O   . HOH C 3 .   ? 11.152  18.131  2.265   1.00 51.41 ? 389 HOH A O   1 
HETATM 1311 O  O   . HOH C 3 .   ? 2.897   18.190  -0.968  1.00 18.24 ? 390 HOH A O   1 
HETATM 1312 O  O   . HOH C 3 .   ? 14.350  7.474   -17.182 1.00 18.78 ? 391 HOH A O   1 
HETATM 1313 O  O   . HOH C 3 .   ? -4.482  -3.929  12.430  1.00 22.15 ? 392 HOH A O   1 
HETATM 1314 O  O   . HOH C 3 .   ? -0.861  16.262  1.654   1.00 17.78 ? 393 HOH A O   1 
HETATM 1315 O  O   . HOH C 3 .   ? 5.953   -16.075 -5.760  1.00 43.05 ? 394 HOH A O   1 
HETATM 1316 O  O   . HOH C 3 .   ? 12.401  -11.026 11.903  1.00 27.26 ? 395 HOH A O   1 
HETATM 1317 O  O   . HOH C 3 .   ? 19.415  2.626   4.214   1.00 20.47 ? 396 HOH A O   1 
HETATM 1318 O  O   . HOH C 3 .   ? -13.450 -9.631  -11.938 1.00 27.81 ? 397 HOH A O   1 
HETATM 1319 O  O   . HOH C 3 .   ? 0.201   13.449  -15.692 1.00 39.19 ? 398 HOH A O   1 
HETATM 1320 O  O   . HOH C 3 .   ? 11.879  15.681  0.037   1.00 35.95 ? 399 HOH A O   1 
HETATM 1321 O  O   . HOH C 3 .   ? -15.009 -9.796  -4.106  1.00 40.30 ? 400 HOH A O   1 
HETATM 1322 O  O   . HOH C 3 .   ? 1.435   -20.400 -3.802  1.00 31.03 ? 401 HOH A O   1 
HETATM 1323 O  O   . HOH C 3 .   ? 4.421   4.096   3.860   1.00 55.32 ? 402 HOH A O   1 
HETATM 1324 O  O   . HOH C 3 .   ? -15.839 -7.357  -6.422  1.00 34.57 ? 403 HOH A O   1 
HETATM 1325 O  O   . HOH C 3 .   ? -11.168 -1.049  8.109   1.00 27.42 ? 404 HOH A O   1 
HETATM 1326 O  O   . HOH C 3 .   ? -18.370 7.876   0.504   1.00 40.84 ? 405 HOH A O   1 
HETATM 1327 O  O   . HOH C 3 .   ? 4.719   9.645   14.057  1.00 32.04 ? 406 HOH A O   1 
HETATM 1328 O  O   . HOH C 3 .   ? -4.163  -12.364 -9.342  1.00 51.99 ? 407 HOH A O   1 
HETATM 1329 O  O   . HOH C 3 .   ? -2.280  14.696  6.632   1.00 49.70 ? 408 HOH A O   1 
HETATM 1330 O  O   . HOH C 3 .   ? -4.865  -7.481  7.169   1.00 34.46 ? 409 HOH A O   1 
HETATM 1331 O  O   . HOH C 3 .   ? 5.294   17.202  -0.126  1.00 29.35 ? 410 HOH A O   1 
HETATM 1332 O  O   . HOH C 3 .   ? 6.508   -13.081 -1.161  1.00 16.18 ? 411 HOH A O   1 
HETATM 1333 O  O   . HOH C 3 .   ? 13.156  -0.667  -5.304  1.00 16.46 ? 412 HOH A O   1 
HETATM 1334 O  O   . HOH C 3 .   ? 9.943   -1.617  -5.779  1.00 19.52 ? 413 HOH A O   1 
HETATM 1335 O  O   . HOH C 3 .   ? 22.333  8.286   -1.802  1.00 26.72 ? 414 HOH A O   1 
HETATM 1336 O  O   . HOH C 3 .   ? -2.857  -0.303  16.215  1.00 25.30 ? 415 HOH A O   1 
HETATM 1337 O  O   . HOH C 3 .   ? -12.554 -3.403  8.146   1.00 50.03 ? 416 HOH A O   1 
HETATM 1338 O  O   . HOH C 3 .   ? 19.728  0.796   -9.793  1.00 26.62 ? 417 HOH A O   1 
HETATM 1339 O  O   . HOH C 3 .   ? -4.670  14.453  5.711   1.00 20.59 ? 418 HOH A O   1 
HETATM 1340 O  O   . HOH C 3 .   ? 4.766   -4.163  -12.333 1.00 31.13 ? 419 HOH A O   1 
HETATM 1341 O  O   . HOH C 3 .   ? 26.650  -2.630  1.046   1.00 26.34 ? 420 HOH A O   1 
HETATM 1342 O  O   . HOH C 3 .   ? 13.075  10.516  -4.631  1.00 47.86 ? 421 HOH A O   1 
HETATM 1343 O  O   . HOH C 3 .   ? 16.715  2.358   -6.889  1.00 18.35 ? 422 HOH A O   1 
HETATM 1344 O  O   . HOH C 3 .   ? -12.085 14.388  -14.538 1.00 34.87 ? 423 HOH A O   1 
HETATM 1345 O  O   . HOH C 3 .   ? -16.051 12.174  -1.999  1.00 55.37 ? 424 HOH A O   1 
HETATM 1346 O  O   . HOH C 3 .   ? -2.517  7.005   15.187  1.00 26.89 ? 425 HOH A O   1 
HETATM 1347 O  O   . HOH C 3 .   ? 24.264  2.338   -0.059  1.00 18.30 ? 426 HOH A O   1 
HETATM 1348 O  O   . HOH C 3 .   ? 15.353  -1.726  10.434  1.00 39.65 ? 427 HOH A O   1 
HETATM 1349 O  O   . HOH C 3 .   ? 9.705   9.479   -15.372 1.00 44.95 ? 428 HOH A O   1 
HETATM 1350 O  O   . HOH C 3 .   ? -3.369  -20.262 -10.276 1.00 37.04 ? 429 HOH A O   1 
HETATM 1351 O  O   . HOH C 3 .   ? -0.412  11.650  10.933  1.00 6.52  ? 430 HOH A O   1 
HETATM 1352 O  O   . HOH C 3 .   ? 21.379  -1.865  -5.103  1.00 15.49 ? 431 HOH A O   1 
HETATM 1353 O  O   . HOH C 3 .   ? 0.400   -1.080  19.415  1.00 22.09 ? 432 HOH A O   1 
HETATM 1354 O  O   . HOH C 3 .   ? 13.756  13.977  1.735   1.00 38.66 ? 433 HOH A O   1 
HETATM 1355 O  O   . HOH C 3 .   ? 4.118   6.129   10.602  1.00 9.96  ? 434 HOH A O   1 
HETATM 1356 O  O   . HOH C 3 .   ? 17.120  6.428   8.165   1.00 19.87 ? 435 HOH A O   1 
HETATM 1357 O  O   . HOH C 3 .   ? 3.680   19.160  -3.486  1.00 28.52 ? 436 HOH A O   1 
HETATM 1358 O  O   . HOH C 3 .   ? 12.975  7.396   -14.744 1.00 33.51 ? 437 HOH A O   1 
HETATM 1359 O  O   . HOH C 3 .   ? -4.214  7.234   -16.283 1.00 25.83 ? 438 HOH A O   1 
HETATM 1360 O  O   . HOH C 3 .   ? 4.012   15.141  6.621   1.00 14.46 ? 439 HOH A O   1 
HETATM 1361 O  O   . HOH C 3 .   ? 10.028  -9.530  -11.030 1.00 27.34 ? 440 HOH A O   1 
HETATM 1362 O  O   . HOH C 3 .   ? -8.360  -7.948  6.703   1.00 26.45 ? 441 HOH A O   1 
HETATM 1363 O  O   . HOH C 3 .   ? 7.003   -8.784  -8.317  1.00 40.31 ? 442 HOH A O   1 
HETATM 1364 O  O   . HOH C 3 .   ? 4.277   -9.529  11.467  1.00 41.98 ? 443 HOH A O   1 
HETATM 1365 O  O   . HOH C 3 .   ? -17.408 9.118   3.635   1.00 30.96 ? 444 HOH A O   1 
HETATM 1366 O  O   . HOH C 3 .   ? -0.033  8.097   -15.091 1.00 27.53 ? 445 HOH A O   1 
HETATM 1367 O  O   . HOH C 3 .   ? 9.796   -8.709  -8.230  1.00 14.90 ? 446 HOH A O   1 
HETATM 1368 O  O   . HOH C 3 .   ? -7.344  -2.632  10.634  1.00 31.59 ? 447 HOH A O   1 
HETATM 1369 O  O   . HOH C 3 .   ? 3.285   -15.022 -0.002  1.00 32.86 ? 448 HOH A O   1 
HETATM 1370 O  O   . HOH C 3 .   ? 5.653   -17.545 0.950   1.00 28.44 ? 449 HOH A O   1 
HETATM 1371 O  O   . HOH C 3 .   ? 7.711   5.476   -14.084 1.00 41.07 ? 450 HOH A O   1 
HETATM 1372 O  O   . HOH C 3 .   ? 8.638   12.404  -9.096  1.00 36.20 ? 451 HOH A O   1 
HETATM 1373 O  O   . HOH C 3 .   ? -0.018  15.727  4.824   1.00 13.66 ? 452 HOH A O   1 
HETATM 1374 O  O   . HOH C 3 .   ? -20.671 3.853   -8.771  1.00 31.22 ? 453 HOH A O   1 
HETATM 1375 O  O   . HOH C 3 .   ? -7.006  -17.279 -0.668  1.00 19.78 ? 454 HOH A O   1 
HETATM 1376 O  O   . HOH C 3 .   ? -14.837 -8.281  2.286   1.00 34.89 ? 455 HOH A O   1 
HETATM 1377 O  O   . HOH C 3 .   ? 14.335  -11.119 -2.221  1.00 25.66 ? 456 HOH A O   1 
HETATM 1378 O  O   . HOH C 3 .   ? 15.221  -4.304  5.799   1.00 25.59 ? 457 HOH A O   1 
HETATM 1379 O  O   . HOH C 3 .   ? 20.542  -5.690  3.476   1.00 36.36 ? 458 HOH A O   1 
HETATM 1380 O  O   . HOH C 3 .   ? -21.866 1.057   -12.429 1.00 35.86 ? 459 HOH A O   1 
HETATM 1381 O  O   . HOH C 3 .   ? 9.310   3.453   18.309  1.00 58.86 ? 460 HOH A O   1 
HETATM 1382 O  O   . HOH C 3 .   ? -6.439  -6.703  -8.730  1.00 26.82 ? 461 HOH A O   1 
HETATM 1383 O  O   . HOH C 3 .   ? 19.918  -3.740  -2.183  1.00 49.01 ? 462 HOH A O   1 
HETATM 1384 O  O   . HOH C 3 .   ? 5.604   -18.739 9.636   1.00 28.73 ? 463 HOH A O   1 
HETATM 1385 O  O   . HOH C 3 .   ? -18.016 -5.206  -12.480 1.00 47.69 ? 464 HOH A O   1 
HETATM 1386 O  O   . HOH C 3 .   ? -15.164 10.616  7.412   1.00 52.99 ? 465 HOH A O   1 
HETATM 1387 O  O   . HOH C 3 .   ? 10.061  -15.515 9.366   1.00 49.24 ? 466 HOH A O   1 
HETATM 1388 O  O   . HOH C 3 .   ? 8.549   16.563  2.354   1.00 50.95 ? 467 HOH A O   1 
HETATM 1389 O  O   . HOH C 3 .   ? -17.899 4.338   -3.001  1.00 50.64 ? 468 HOH A O   1 
HETATM 1390 O  O   . HOH C 3 .   ? 0.884   6.384   16.705  1.00 44.00 ? 469 HOH A O   1 
HETATM 1391 O  O   . HOH C 3 .   ? 20.906  0.906   2.793   1.00 30.58 ? 470 HOH A O   1 
HETATM 1392 O  O   . HOH C 3 .   ? -15.959 -11.355 -1.142  1.00 43.71 ? 471 HOH A O   1 
HETATM 1393 O  O   . HOH C 3 .   ? 13.922  -10.115 6.146   1.00 48.60 ? 472 HOH A O   1 
HETATM 1394 O  O   . HOH C 3 .   ? 17.153  0.244   12.393  1.00 64.61 ? 473 HOH A O   1 
HETATM 1395 O  O   . HOH C 3 .   ? 7.450   8.476   -10.714 1.00 50.88 ? 474 HOH A O   1 
HETATM 1396 O  O   . HOH C 3 .   ? 22.162  -1.409  1.514   1.00 44.12 ? 475 HOH A O   1 
HETATM 1397 O  O   . HOH C 3 .   ? 11.295  -16.309 -1.983  1.00 49.90 ? 476 HOH A O   1 
HETATM 1398 O  O   . HOH C 3 .   ? -10.223 12.678  10.293  1.00 47.73 ? 477 HOH A O   1 
HETATM 1399 O  O   . HOH C 3 .   ? -15.546 -3.897  3.856   1.00 26.45 ? 478 HOH A O   1 
HETATM 1400 O  O   . HOH C 3 .   ? -16.879 -7.187  -10.179 1.00 55.36 ? 479 HOH A O   1 
HETATM 1401 O  O   . HOH C 3 .   ? -7.062  -18.401 -10.719 1.00 40.90 ? 480 HOH A O   1 
HETATM 1402 O  O   . HOH C 3 .   ? 14.231  15.441  -2.829  1.00 38.00 ? 481 HOH A O   1 
HETATM 1403 O  O   . HOH C 3 .   ? -18.886 -0.974  2.237   1.00 27.57 ? 482 HOH A O   1 
HETATM 1404 O  O   . HOH C 3 .   ? -9.552  15.156  9.285   1.00 49.80 ? 483 HOH A O   1 
HETATM 1405 O  O   . HOH C 3 .   ? -15.885 14.547  -5.996  1.00 32.85 ? 484 HOH A O   1 
# 
